data_1VK9
# 
_entry.id   1VK9 
# 
_audit_conform.dict_name       mmcif_pdbx.dic 
_audit_conform.dict_version    5.399 
_audit_conform.dict_location   http://mmcif.pdb.org/dictionaries/ascii/mmcif_pdbx.dic 
# 
loop_
_database_2.database_id 
_database_2.database_code 
_database_2.pdbx_database_accession 
_database_2.pdbx_DOI 
PDB   1VK9         pdb_00001vk9 10.2210/pdb1vk9/pdb 
RCSB  RCSB001943   ?            ?                   
WWPDB D_1000001943 ?            ?                   
# 
loop_
_pdbx_audit_revision_history.ordinal 
_pdbx_audit_revision_history.data_content_type 
_pdbx_audit_revision_history.major_revision 
_pdbx_audit_revision_history.minor_revision 
_pdbx_audit_revision_history.revision_date 
1 'Structure model' 1 0 2004-05-18 
2 'Structure model' 1 1 2008-04-26 
3 'Structure model' 1 2 2011-07-13 
4 'Structure model' 1 3 2017-10-04 
5 'Structure model' 1 4 2023-01-25 
6 'Structure model' 1 5 2024-11-20 
# 
_pdbx_audit_revision_details.ordinal             1 
_pdbx_audit_revision_details.revision_ordinal    1 
_pdbx_audit_revision_details.data_content_type   'Structure model' 
_pdbx_audit_revision_details.provider            repository 
_pdbx_audit_revision_details.type                'Initial release' 
_pdbx_audit_revision_details.description         ? 
_pdbx_audit_revision_details.details             ? 
# 
loop_
_pdbx_audit_revision_group.ordinal 
_pdbx_audit_revision_group.revision_ordinal 
_pdbx_audit_revision_group.data_content_type 
_pdbx_audit_revision_group.group 
1 2 'Structure model' 'Version format compliance' 
2 3 'Structure model' Advisory                    
3 3 'Structure model' 'Derived calculations'      
4 3 'Structure model' 'Version format compliance' 
5 4 'Structure model' 'Refinement description'    
6 5 'Structure model' 'Database references'       
7 5 'Structure model' 'Derived calculations'      
8 6 'Structure model' 'Data collection'           
9 6 'Structure model' 'Structure summary'         
# 
loop_
_pdbx_audit_revision_category.ordinal 
_pdbx_audit_revision_category.revision_ordinal 
_pdbx_audit_revision_category.data_content_type 
_pdbx_audit_revision_category.category 
1  4 'Structure model' software                  
2  5 'Structure model' database_2                
3  5 'Structure model' pdbx_struct_conn_angle    
4  5 'Structure model' struct_conn               
5  5 'Structure model' struct_ref_seq_dif        
6  5 'Structure model' struct_site               
7  6 'Structure model' chem_comp_atom            
8  6 'Structure model' chem_comp_bond            
9  6 'Structure model' pdbx_entry_details        
10 6 'Structure model' pdbx_modification_feature 
# 
loop_
_pdbx_audit_revision_item.ordinal 
_pdbx_audit_revision_item.revision_ordinal 
_pdbx_audit_revision_item.data_content_type 
_pdbx_audit_revision_item.item 
1  5 'Structure model' '_database_2.pdbx_DOI'                        
2  5 'Structure model' '_database_2.pdbx_database_accession'         
3  5 'Structure model' '_pdbx_struct_conn_angle.ptnr1_auth_comp_id'  
4  5 'Structure model' '_pdbx_struct_conn_angle.ptnr1_auth_seq_id'   
5  5 'Structure model' '_pdbx_struct_conn_angle.ptnr1_label_asym_id' 
6  5 'Structure model' '_pdbx_struct_conn_angle.ptnr1_label_atom_id' 
7  5 'Structure model' '_pdbx_struct_conn_angle.ptnr1_label_comp_id' 
8  5 'Structure model' '_pdbx_struct_conn_angle.ptnr1_label_seq_id'  
9  5 'Structure model' '_pdbx_struct_conn_angle.ptnr1_symmetry'      
10 5 'Structure model' '_pdbx_struct_conn_angle.ptnr2_auth_seq_id'   
11 5 'Structure model' '_pdbx_struct_conn_angle.ptnr2_label_asym_id' 
12 5 'Structure model' '_pdbx_struct_conn_angle.ptnr3_auth_comp_id'  
13 5 'Structure model' '_pdbx_struct_conn_angle.ptnr3_auth_seq_id'   
14 5 'Structure model' '_pdbx_struct_conn_angle.ptnr3_label_asym_id' 
15 5 'Structure model' '_pdbx_struct_conn_angle.ptnr3_label_atom_id' 
16 5 'Structure model' '_pdbx_struct_conn_angle.ptnr3_label_comp_id' 
17 5 'Structure model' '_pdbx_struct_conn_angle.ptnr3_label_seq_id'  
18 5 'Structure model' '_pdbx_struct_conn_angle.ptnr3_symmetry'      
19 5 'Structure model' '_pdbx_struct_conn_angle.value'               
20 5 'Structure model' '_struct_conn.pdbx_dist_value'                
21 5 'Structure model' '_struct_conn.pdbx_leaving_atom_flag'         
22 5 'Structure model' '_struct_conn.ptnr1_auth_comp_id'             
23 5 'Structure model' '_struct_conn.ptnr1_auth_seq_id'              
24 5 'Structure model' '_struct_conn.ptnr1_label_asym_id'            
25 5 'Structure model' '_struct_conn.ptnr1_label_atom_id'            
26 5 'Structure model' '_struct_conn.ptnr1_label_comp_id'            
27 5 'Structure model' '_struct_conn.ptnr1_label_seq_id'             
28 5 'Structure model' '_struct_conn.ptnr1_symmetry'                 
29 5 'Structure model' '_struct_conn.ptnr2_auth_comp_id'             
30 5 'Structure model' '_struct_conn.ptnr2_auth_seq_id'              
31 5 'Structure model' '_struct_conn.ptnr2_label_asym_id'            
32 5 'Structure model' '_struct_conn.ptnr2_label_atom_id'            
33 5 'Structure model' '_struct_conn.ptnr2_label_comp_id'            
34 5 'Structure model' '_struct_conn.ptnr2_label_seq_id'             
35 5 'Structure model' '_struct_conn.ptnr2_symmetry'                 
36 5 'Structure model' '_struct_ref_seq_dif.details'                 
37 5 'Structure model' '_struct_site.pdbx_auth_asym_id'              
38 5 'Structure model' '_struct_site.pdbx_auth_comp_id'              
39 5 'Structure model' '_struct_site.pdbx_auth_seq_id'               
# 
_pdbx_database_status.entry_id                        1VK9 
_pdbx_database_status.status_code                     REL 
_pdbx_database_status.deposit_site                    RCSB 
_pdbx_database_status.process_site                    RCSB 
_pdbx_database_status.recvd_initial_deposition_date   2004-05-06 
_pdbx_database_status.SG_entry                        Y 
_pdbx_database_status.status_code_sf                  REL 
_pdbx_database_status.status_code_mr                  ? 
_pdbx_database_status.pdb_format_compatible           Y 
_pdbx_database_status.status_code_cs                  ? 
_pdbx_database_status.methods_development_category    ? 
_pdbx_database_status.status_code_nmr_data            ? 
# 
_pdbx_database_related.db_name        TargetDB 
_pdbx_database_related.db_id          283363 
_pdbx_database_related.details        . 
_pdbx_database_related.content_type   unspecified 
# 
_audit_author.name           'Joint Center for Structural Genomics (JCSG)' 
_audit_author.pdbx_ordinal   1 
# 
_citation.id                        primary 
_citation.title                     
;Crystal structure of an ADP-ribosylated protein with a cytidine deaminase-like fold, but unknown function (TM1506), from Thermotoga maritima at 2.70 A resolution.
;
_citation.journal_abbrev            Proteins 
_citation.journal_volume            71 
_citation.page_first                1546 
_citation.page_last                 1552 
_citation.year                      2008 
_citation.journal_id_ASTM           PSFGEY 
_citation.country                   US 
_citation.journal_id_ISSN           0887-3585 
_citation.journal_id_CSD            0867 
_citation.book_publisher            ? 
_citation.pdbx_database_id_PubMed   18275082 
_citation.pdbx_database_id_DOI      10.1002/prot.21992 
# 
loop_
_citation_author.citation_id 
_citation_author.name 
_citation_author.ordinal 
_citation_author.identifier_ORCID 
primary 'Xu, Q.'            1  ? 
primary 'Kozbial, P.'       2  ? 
primary 'McMullan, D.'      3  ? 
primary 'Krishna, S.S.'     4  ? 
primary 'Brittain, S.M.'    5  ? 
primary 'Ficarro, S.B.'     6  ? 
primary 'DiDonato, M.'      7  ? 
primary 'Miller, M.D.'      8  ? 
primary 'Abdubek, P.'       9  ? 
primary 'Axelrod, H.L.'     10 ? 
primary 'Chiu, H.J.'        11 ? 
primary 'Clayton, T.'       12 ? 
primary 'Duan, L.'          13 ? 
primary 'Elsliger, M.A.'    14 ? 
primary 'Feuerhelm, J.'     15 ? 
primary 'Grzechnik, S.K.'   16 ? 
primary 'Hale, J.'          17 ? 
primary 'Han, G.W.'         18 ? 
primary 'Jaroszewski, L.'   19 ? 
primary 'Klock, H.E.'       20 ? 
primary 'Morse, A.T.'       21 ? 
primary 'Nigoghossian, E.'  22 ? 
primary 'Paulsen, J.'       23 ? 
primary 'Reyes, R.'         24 ? 
primary 'Rife, C.L.'        25 ? 
primary 'van den Bedem, H.' 26 ? 
primary 'White, A.'         27 ? 
primary 'Hodgson, K.O.'     28 ? 
primary 'Wooley, J.'        29 ? 
primary 'Deacon, A.M.'      30 ? 
primary 'Godzik, A.'        31 ? 
primary 'Lesley, S.A.'      32 ? 
primary 'Wilson, I.A.'      33 ? 
# 
loop_
_entity.id 
_entity.type 
_entity.src_method 
_entity.pdbx_description 
_entity.formula_weight 
_entity.pdbx_number_of_molecules 
_entity.pdbx_ec 
_entity.pdbx_mutation 
_entity.pdbx_fragment 
_entity.details 
1 polymer     man 'conserved hypothetical protein TM1506' 17433.691 1 ? ? ? ? 
2 non-polymer syn 'ZINC ION'                              65.409    6 ? ? ? ? 
3 non-polymer syn 'UNKNOWN LIGAND'                        ?         1 ? ? ? ? 
4 water       nat water                                   18.015    9 ? ? ? ? 
# 
_entity_poly.entity_id                      1 
_entity_poly.type                           'polypeptide(L)' 
_entity_poly.nstd_linkage                   no 
_entity_poly.nstd_monomer                   yes 
_entity_poly.pdbx_seq_one_letter_code       
;MGSDKIHHHHHHVEKNLLRSALKIFEKKDLSLLAYSGRSIFESKDSGLKPVVELFKRFDNLEGSLVIDK(MSE)VGKAAA
SFLLK(MSE)KPDHIHAKVISKPALKL(MSE)NEYGQSFSYDEKIPFVLGKDGKS(MSE)CPFEKLVLE(MSE)DDPEEI
IRIVLSKFTSL
;
_entity_poly.pdbx_seq_one_letter_code_can   
;MGSDKIHHHHHHVEKNLLRSALKIFEKKDLSLLAYSGRSIFESKDSGLKPVVELFKRFDNLEGSLVIDKMVGKAAASFLL
KMKPDHIHAKVISKPALKLMNEYGQSFSYDEKIPFVLGKDGKSMCPFEKLVLEMDDPEEIIRIVLSKFTSL
;
_entity_poly.pdbx_strand_id                 A 
_entity_poly.pdbx_target_identifier         283363 
# 
loop_
_pdbx_entity_nonpoly.entity_id 
_pdbx_entity_nonpoly.name 
_pdbx_entity_nonpoly.comp_id 
2 'ZINC ION'       ZN  
3 'UNKNOWN LIGAND' UNL 
4 water            HOH 
# 
loop_
_entity_poly_seq.entity_id 
_entity_poly_seq.num 
_entity_poly_seq.mon_id 
_entity_poly_seq.hetero 
1 1   MET n 
1 2   GLY n 
1 3   SER n 
1 4   ASP n 
1 5   LYS n 
1 6   ILE n 
1 7   HIS n 
1 8   HIS n 
1 9   HIS n 
1 10  HIS n 
1 11  HIS n 
1 12  HIS n 
1 13  VAL n 
1 14  GLU n 
1 15  LYS n 
1 16  ASN n 
1 17  LEU n 
1 18  LEU n 
1 19  ARG n 
1 20  SER n 
1 21  ALA n 
1 22  LEU n 
1 23  LYS n 
1 24  ILE n 
1 25  PHE n 
1 26  GLU n 
1 27  LYS n 
1 28  LYS n 
1 29  ASP n 
1 30  LEU n 
1 31  SER n 
1 32  LEU n 
1 33  LEU n 
1 34  ALA n 
1 35  TYR n 
1 36  SER n 
1 37  GLY n 
1 38  ARG n 
1 39  SER n 
1 40  ILE n 
1 41  PHE n 
1 42  GLU n 
1 43  SER n 
1 44  LYS n 
1 45  ASP n 
1 46  SER n 
1 47  GLY n 
1 48  LEU n 
1 49  LYS n 
1 50  PRO n 
1 51  VAL n 
1 52  VAL n 
1 53  GLU n 
1 54  LEU n 
1 55  PHE n 
1 56  LYS n 
1 57  ARG n 
1 58  PHE n 
1 59  ASP n 
1 60  ASN n 
1 61  LEU n 
1 62  GLU n 
1 63  GLY n 
1 64  SER n 
1 65  LEU n 
1 66  VAL n 
1 67  ILE n 
1 68  ASP n 
1 69  LYS n 
1 70  MSE n 
1 71  VAL n 
1 72  GLY n 
1 73  LYS n 
1 74  ALA n 
1 75  ALA n 
1 76  ALA n 
1 77  SER n 
1 78  PHE n 
1 79  LEU n 
1 80  LEU n 
1 81  LYS n 
1 82  MSE n 
1 83  LYS n 
1 84  PRO n 
1 85  ASP n 
1 86  HIS n 
1 87  ILE n 
1 88  HIS n 
1 89  ALA n 
1 90  LYS n 
1 91  VAL n 
1 92  ILE n 
1 93  SER n 
1 94  LYS n 
1 95  PRO n 
1 96  ALA n 
1 97  LEU n 
1 98  LYS n 
1 99  LEU n 
1 100 MSE n 
1 101 ASN n 
1 102 GLU n 
1 103 TYR n 
1 104 GLY n 
1 105 GLN n 
1 106 SER n 
1 107 PHE n 
1 108 SER n 
1 109 TYR n 
1 110 ASP n 
1 111 GLU n 
1 112 LYS n 
1 113 ILE n 
1 114 PRO n 
1 115 PHE n 
1 116 VAL n 
1 117 LEU n 
1 118 GLY n 
1 119 LYS n 
1 120 ASP n 
1 121 GLY n 
1 122 LYS n 
1 123 SER n 
1 124 MSE n 
1 125 CYS n 
1 126 PRO n 
1 127 PHE n 
1 128 GLU n 
1 129 LYS n 
1 130 LEU n 
1 131 VAL n 
1 132 LEU n 
1 133 GLU n 
1 134 MSE n 
1 135 ASP n 
1 136 ASP n 
1 137 PRO n 
1 138 GLU n 
1 139 GLU n 
1 140 ILE n 
1 141 ILE n 
1 142 ARG n 
1 143 ILE n 
1 144 VAL n 
1 145 LEU n 
1 146 SER n 
1 147 LYS n 
1 148 PHE n 
1 149 THR n 
1 150 SER n 
1 151 LEU n 
# 
_entity_src_gen.entity_id                          1 
_entity_src_gen.pdbx_src_id                        1 
_entity_src_gen.pdbx_alt_source_flag               sample 
_entity_src_gen.pdbx_seq_type                      ? 
_entity_src_gen.pdbx_beg_seq_num                   ? 
_entity_src_gen.pdbx_end_seq_num                   ? 
_entity_src_gen.gene_src_common_name               ? 
_entity_src_gen.gene_src_genus                     Thermotoga 
_entity_src_gen.pdbx_gene_src_gene                 TM1506 
_entity_src_gen.gene_src_species                   ? 
_entity_src_gen.gene_src_strain                    ? 
_entity_src_gen.gene_src_tissue                    ? 
_entity_src_gen.gene_src_tissue_fraction           ? 
_entity_src_gen.gene_src_details                   ? 
_entity_src_gen.pdbx_gene_src_fragment             ? 
_entity_src_gen.pdbx_gene_src_scientific_name      'Thermotoga maritima' 
_entity_src_gen.pdbx_gene_src_ncbi_taxonomy_id     2336 
_entity_src_gen.pdbx_gene_src_variant              ? 
_entity_src_gen.pdbx_gene_src_cell_line            ? 
_entity_src_gen.pdbx_gene_src_atcc                 ? 
_entity_src_gen.pdbx_gene_src_organ                ? 
_entity_src_gen.pdbx_gene_src_organelle            ? 
_entity_src_gen.pdbx_gene_src_cell                 ? 
_entity_src_gen.pdbx_gene_src_cellular_location    ? 
_entity_src_gen.host_org_common_name               ? 
_entity_src_gen.pdbx_host_org_scientific_name      'Escherichia coli' 
_entity_src_gen.pdbx_host_org_ncbi_taxonomy_id     562 
_entity_src_gen.host_org_genus                     Escherichia 
_entity_src_gen.pdbx_host_org_gene                 ? 
_entity_src_gen.pdbx_host_org_organ                ? 
_entity_src_gen.host_org_species                   ? 
_entity_src_gen.pdbx_host_org_tissue               ? 
_entity_src_gen.pdbx_host_org_tissue_fraction      ? 
_entity_src_gen.pdbx_host_org_strain               ? 
_entity_src_gen.pdbx_host_org_variant              ? 
_entity_src_gen.pdbx_host_org_cell_line            ? 
_entity_src_gen.pdbx_host_org_atcc                 ? 
_entity_src_gen.pdbx_host_org_culture_collection   ? 
_entity_src_gen.pdbx_host_org_cell                 ? 
_entity_src_gen.pdbx_host_org_organelle            ? 
_entity_src_gen.pdbx_host_org_cellular_location    ? 
_entity_src_gen.pdbx_host_org_vector_type          Plasmid 
_entity_src_gen.pdbx_host_org_vector               ? 
_entity_src_gen.host_org_details                   ? 
_entity_src_gen.expression_system_id               ? 
_entity_src_gen.plasmid_name                       ? 
_entity_src_gen.plasmid_details                    ? 
_entity_src_gen.pdbx_description                   ? 
# 
loop_
_chem_comp.id 
_chem_comp.type 
_chem_comp.mon_nstd_flag 
_chem_comp.name 
_chem_comp.pdbx_synonyms 
_chem_comp.formula 
_chem_comp.formula_weight 
ALA 'L-peptide linking' y ALANINE          ? 'C3 H7 N O2'     89.093  
ARG 'L-peptide linking' y ARGININE         ? 'C6 H15 N4 O2 1' 175.209 
ASN 'L-peptide linking' y ASPARAGINE       ? 'C4 H8 N2 O3'    132.118 
ASP 'L-peptide linking' y 'ASPARTIC ACID'  ? 'C4 H7 N O4'     133.103 
CYS 'L-peptide linking' y CYSTEINE         ? 'C3 H7 N O2 S'   121.158 
GLN 'L-peptide linking' y GLUTAMINE        ? 'C5 H10 N2 O3'   146.144 
GLU 'L-peptide linking' y 'GLUTAMIC ACID'  ? 'C5 H9 N O4'     147.129 
GLY 'peptide linking'   y GLYCINE          ? 'C2 H5 N O2'     75.067  
HIS 'L-peptide linking' y HISTIDINE        ? 'C6 H10 N3 O2 1' 156.162 
HOH non-polymer         . WATER            ? 'H2 O'           18.015  
ILE 'L-peptide linking' y ISOLEUCINE       ? 'C6 H13 N O2'    131.173 
LEU 'L-peptide linking' y LEUCINE          ? 'C6 H13 N O2'    131.173 
LYS 'L-peptide linking' y LYSINE           ? 'C6 H15 N2 O2 1' 147.195 
MET 'L-peptide linking' y METHIONINE       ? 'C5 H11 N O2 S'  149.211 
MSE 'L-peptide linking' n SELENOMETHIONINE ? 'C5 H11 N O2 Se' 196.106 
PHE 'L-peptide linking' y PHENYLALANINE    ? 'C9 H11 N O2'    165.189 
PRO 'L-peptide linking' y PROLINE          ? 'C5 H9 N O2'     115.130 
SER 'L-peptide linking' y SERINE           ? 'C3 H7 N O3'     105.093 
THR 'L-peptide linking' y THREONINE        ? 'C4 H9 N O3'     119.119 
TYR 'L-peptide linking' y TYROSINE         ? 'C9 H11 N O3'    181.189 
UNL non-polymer         . 'UNKNOWN LIGAND' ? ?                ?       
VAL 'L-peptide linking' y VALINE           ? 'C5 H11 N O2'    117.146 
ZN  non-polymer         . 'ZINC ION'       ? 'Zn 2'           65.409  
# 
loop_
_pdbx_poly_seq_scheme.asym_id 
_pdbx_poly_seq_scheme.entity_id 
_pdbx_poly_seq_scheme.seq_id 
_pdbx_poly_seq_scheme.mon_id 
_pdbx_poly_seq_scheme.ndb_seq_num 
_pdbx_poly_seq_scheme.pdb_seq_num 
_pdbx_poly_seq_scheme.auth_seq_num 
_pdbx_poly_seq_scheme.pdb_mon_id 
_pdbx_poly_seq_scheme.auth_mon_id 
_pdbx_poly_seq_scheme.pdb_strand_id 
_pdbx_poly_seq_scheme.pdb_ins_code 
_pdbx_poly_seq_scheme.hetero 
A 1 1   MET 1   -11 ?   ?   ?   A . n 
A 1 2   GLY 2   -10 -10 GLY GLY A . n 
A 1 3   SER 3   -9  -9  SER SER A . n 
A 1 4   ASP 4   -8  -8  ASP ASP A . n 
A 1 5   LYS 5   -7  -7  LYS LYS A . n 
A 1 6   ILE 6   -6  -6  ILE ILE A . n 
A 1 7   HIS 7   -5  -5  HIS HIS A . n 
A 1 8   HIS 8   -4  -4  HIS HIS A . n 
A 1 9   HIS 9   -3  -3  HIS HIS A . n 
A 1 10  HIS 10  -2  -2  HIS HIS A . n 
A 1 11  HIS 11  -1  -1  HIS HIS A . n 
A 1 12  HIS 12  0   0   HIS HIS A . n 
A 1 13  VAL 13  1   1   VAL VAL A . n 
A 1 14  GLU 14  2   2   GLU GLU A . n 
A 1 15  LYS 15  3   3   LYS LYS A . n 
A 1 16  ASN 16  4   4   ASN ASN A . n 
A 1 17  LEU 17  5   5   LEU LEU A . n 
A 1 18  LEU 18  6   6   LEU LEU A . n 
A 1 19  ARG 19  7   7   ARG ARG A . n 
A 1 20  SER 20  8   8   SER SER A . n 
A 1 21  ALA 21  9   9   ALA ALA A . n 
A 1 22  LEU 22  10  10  LEU LEU A . n 
A 1 23  LYS 23  11  11  LYS LYS A . n 
A 1 24  ILE 24  12  12  ILE ILE A . n 
A 1 25  PHE 25  13  13  PHE PHE A . n 
A 1 26  GLU 26  14  14  GLU GLU A . n 
A 1 27  LYS 27  15  15  LYS LYS A . n 
A 1 28  LYS 28  16  16  LYS LYS A . n 
A 1 29  ASP 29  17  17  ASP ASP A . n 
A 1 30  LEU 30  18  18  LEU LEU A . n 
A 1 31  SER 31  19  19  SER SER A . n 
A 1 32  LEU 32  20  20  LEU LEU A . n 
A 1 33  LEU 33  21  21  LEU LEU A . n 
A 1 34  ALA 34  22  22  ALA ALA A . n 
A 1 35  TYR 35  23  23  TYR TYR A . n 
A 1 36  SER 36  24  24  SER SER A . n 
A 1 37  GLY 37  25  25  GLY GLY A . n 
A 1 38  ARG 38  26  26  ARG ARG A . n 
A 1 39  SER 39  27  27  SER SER A . n 
A 1 40  ILE 40  28  28  ILE ILE A . n 
A 1 41  PHE 41  29  29  PHE PHE A . n 
A 1 42  GLU 42  30  30  GLU GLU A . n 
A 1 43  SER 43  31  31  SER SER A . n 
A 1 44  LYS 44  32  32  LYS LYS A . n 
A 1 45  ASP 45  33  33  ASP ASP A . n 
A 1 46  SER 46  34  34  SER SER A . n 
A 1 47  GLY 47  35  35  GLY GLY A . n 
A 1 48  LEU 48  36  36  LEU LEU A . n 
A 1 49  LYS 49  37  37  LYS LYS A . n 
A 1 50  PRO 50  38  38  PRO PRO A . n 
A 1 51  VAL 51  39  39  VAL VAL A . n 
A 1 52  VAL 52  40  40  VAL VAL A . n 
A 1 53  GLU 53  41  41  GLU GLU A . n 
A 1 54  LEU 54  42  42  LEU LEU A . n 
A 1 55  PHE 55  43  43  PHE PHE A . n 
A 1 56  LYS 56  44  44  LYS LYS A . n 
A 1 57  ARG 57  45  45  ARG ARG A . n 
A 1 58  PHE 58  46  46  PHE PHE A . n 
A 1 59  ASP 59  47  47  ASP ASP A . n 
A 1 60  ASN 60  48  48  ASN ASN A . n 
A 1 61  LEU 61  49  49  LEU LEU A . n 
A 1 62  GLU 62  50  50  GLU GLU A . n 
A 1 63  GLY 63  51  51  GLY GLY A . n 
A 1 64  SER 64  52  52  SER SER A . n 
A 1 65  LEU 65  53  53  LEU LEU A . n 
A 1 66  VAL 66  54  54  VAL VAL A . n 
A 1 67  ILE 67  55  55  ILE ILE A . n 
A 1 68  ASP 68  56  56  ASP ASP A . n 
A 1 69  LYS 69  57  57  LYS LYS A . n 
A 1 70  MSE 70  58  58  MSE MSE A . n 
A 1 71  VAL 71  59  59  VAL VAL A . n 
A 1 72  GLY 72  60  60  GLY GLY A . n 
A 1 73  LYS 73  61  61  LYS LYS A . n 
A 1 74  ALA 74  62  62  ALA ALA A . n 
A 1 75  ALA 75  63  63  ALA ALA A . n 
A 1 76  ALA 76  64  64  ALA ALA A . n 
A 1 77  SER 77  65  65  SER SER A . n 
A 1 78  PHE 78  66  66  PHE PHE A . n 
A 1 79  LEU 79  67  67  LEU LEU A . n 
A 1 80  LEU 80  68  68  LEU LEU A . n 
A 1 81  LYS 81  69  69  LYS LYS A . n 
A 1 82  MSE 82  70  70  MSE MSE A . n 
A 1 83  LYS 83  71  71  LYS LYS A . n 
A 1 84  PRO 84  72  72  PRO PRO A . n 
A 1 85  ASP 85  73  73  ASP ASP A . n 
A 1 86  HIS 86  74  74  HIS HIS A . n 
A 1 87  ILE 87  75  75  ILE ILE A . n 
A 1 88  HIS 88  76  76  HIS HIS A . n 
A 1 89  ALA 89  77  77  ALA ALA A . n 
A 1 90  LYS 90  78  78  LYS LYS A . n 
A 1 91  VAL 91  79  79  VAL VAL A . n 
A 1 92  ILE 92  80  80  ILE ILE A . n 
A 1 93  SER 93  81  81  SER SER A . n 
A 1 94  LYS 94  82  82  LYS LYS A . n 
A 1 95  PRO 95  83  83  PRO PRO A . n 
A 1 96  ALA 96  84  84  ALA ALA A . n 
A 1 97  LEU 97  85  85  LEU LEU A . n 
A 1 98  LYS 98  86  86  LYS LYS A . n 
A 1 99  LEU 99  87  87  LEU LEU A . n 
A 1 100 MSE 100 88  88  MSE MSE A . n 
A 1 101 ASN 101 89  89  ASN ASN A . n 
A 1 102 GLU 102 90  90  GLU GLU A . n 
A 1 103 TYR 103 91  91  TYR TYR A . n 
A 1 104 GLY 104 92  92  GLY GLY A . n 
A 1 105 GLN 105 93  93  GLN GLN A . n 
A 1 106 SER 106 94  94  SER SER A . n 
A 1 107 PHE 107 95  95  PHE PHE A . n 
A 1 108 SER 108 96  96  SER SER A . n 
A 1 109 TYR 109 97  97  TYR TYR A . n 
A 1 110 ASP 110 98  98  ASP ASP A . n 
A 1 111 GLU 111 99  99  GLU GLU A . n 
A 1 112 LYS 112 100 100 LYS LYS A . n 
A 1 113 ILE 113 101 101 ILE ILE A . n 
A 1 114 PRO 114 102 102 PRO PRO A . n 
A 1 115 PHE 115 103 103 PHE PHE A . n 
A 1 116 VAL 116 104 104 VAL VAL A . n 
A 1 117 LEU 117 105 105 LEU LEU A . n 
A 1 118 GLY 118 106 106 GLY GLY A . n 
A 1 119 LYS 119 107 107 LYS LYS A . n 
A 1 120 ASP 120 108 108 ASP ASP A . n 
A 1 121 GLY 121 109 109 GLY GLY A . n 
A 1 122 LYS 122 110 110 LYS LYS A . n 
A 1 123 SER 123 111 111 SER SER A . n 
A 1 124 MSE 124 112 112 MSE MSE A . n 
A 1 125 CYS 125 113 113 CYS CYS A . n 
A 1 126 PRO 126 114 114 PRO PRO A . n 
A 1 127 PHE 127 115 115 PHE PHE A . n 
A 1 128 GLU 128 116 116 GLU GLU A . n 
A 1 129 LYS 129 117 117 LYS LYS A . n 
A 1 130 LEU 130 118 118 LEU LEU A . n 
A 1 131 VAL 131 119 119 VAL VAL A . n 
A 1 132 LEU 132 120 120 LEU LEU A . n 
A 1 133 GLU 133 121 121 GLU GLU A . n 
A 1 134 MSE 134 122 122 MSE MSE A . n 
A 1 135 ASP 135 123 123 ASP ASP A . n 
A 1 136 ASP 136 124 124 ASP ASP A . n 
A 1 137 PRO 137 125 125 PRO PRO A . n 
A 1 138 GLU 138 126 126 GLU GLU A . n 
A 1 139 GLU 139 127 127 GLU GLU A . n 
A 1 140 ILE 140 128 128 ILE ILE A . n 
A 1 141 ILE 141 129 129 ILE ILE A . n 
A 1 142 ARG 142 130 130 ARG ARG A . n 
A 1 143 ILE 143 131 131 ILE ILE A . n 
A 1 144 VAL 144 132 132 VAL VAL A . n 
A 1 145 LEU 145 133 133 LEU LEU A . n 
A 1 146 SER 146 134 134 SER SER A . n 
A 1 147 LYS 147 135 135 LYS LYS A . n 
A 1 148 PHE 148 136 136 PHE PHE A . n 
A 1 149 THR 149 137 ?   ?   ?   A . n 
A 1 150 SER 150 138 ?   ?   ?   A . n 
A 1 151 LEU 151 139 ?   ?   ?   A . n 
# 
loop_
_pdbx_nonpoly_scheme.asym_id 
_pdbx_nonpoly_scheme.entity_id 
_pdbx_nonpoly_scheme.mon_id 
_pdbx_nonpoly_scheme.ndb_seq_num 
_pdbx_nonpoly_scheme.pdb_seq_num 
_pdbx_nonpoly_scheme.auth_seq_num 
_pdbx_nonpoly_scheme.pdb_mon_id 
_pdbx_nonpoly_scheme.auth_mon_id 
_pdbx_nonpoly_scheme.pdb_strand_id 
_pdbx_nonpoly_scheme.pdb_ins_code 
B 2 ZN  1 140 1   ZN  ZN  A . 
C 2 ZN  1 141 2   ZN  ZN  A . 
D 2 ZN  1 142 3   ZN  ZN  A . 
E 2 ZN  1 143 4   ZN  ZN  A . 
F 2 ZN  1 144 5   ZN  ZN  A . 
G 2 ZN  1 145 6   ZN  ZN  A . 
H 3 UNL 1 201 201 UNL UNL A . 
I 4 HOH 1 202 7   HOH HOH A . 
I 4 HOH 2 203 8   HOH HOH A . 
I 4 HOH 3 204 9   HOH HOH A . 
I 4 HOH 4 205 10  HOH HOH A . 
I 4 HOH 5 206 11  HOH HOH A . 
I 4 HOH 6 207 12  HOH HOH A . 
I 4 HOH 7 208 13  HOH HOH A . 
I 4 HOH 8 209 14  HOH HOH A . 
I 4 HOH 9 210 15  HOH HOH A . 
# 
loop_
_pdbx_unobs_or_zero_occ_atoms.id 
_pdbx_unobs_or_zero_occ_atoms.PDB_model_num 
_pdbx_unobs_or_zero_occ_atoms.polymer_flag 
_pdbx_unobs_or_zero_occ_atoms.occupancy_flag 
_pdbx_unobs_or_zero_occ_atoms.auth_asym_id 
_pdbx_unobs_or_zero_occ_atoms.auth_comp_id 
_pdbx_unobs_or_zero_occ_atoms.auth_seq_id 
_pdbx_unobs_or_zero_occ_atoms.PDB_ins_code 
_pdbx_unobs_or_zero_occ_atoms.auth_atom_id 
_pdbx_unobs_or_zero_occ_atoms.label_alt_id 
_pdbx_unobs_or_zero_occ_atoms.label_asym_id 
_pdbx_unobs_or_zero_occ_atoms.label_comp_id 
_pdbx_unobs_or_zero_occ_atoms.label_seq_id 
_pdbx_unobs_or_zero_occ_atoms.label_atom_id 
1  1 Y 1 A GLU 2   ? CD  ? A GLU 14  CD  
2  1 Y 1 A GLU 2   ? OE1 ? A GLU 14  OE1 
3  1 Y 1 A GLU 2   ? OE2 ? A GLU 14  OE2 
4  1 Y 1 A LYS 3   ? CD  ? A LYS 15  CD  
5  1 Y 1 A LYS 3   ? CE  ? A LYS 15  CE  
6  1 Y 1 A LYS 3   ? NZ  ? A LYS 15  NZ  
7  1 Y 1 A ARG 7   ? CZ  ? A ARG 19  CZ  
8  1 Y 1 A ARG 7   ? NH1 ? A ARG 19  NH1 
9  1 Y 1 A ARG 7   ? NH2 ? A ARG 19  NH2 
10 1 Y 1 A LYS 37  ? CD  ? A LYS 49  CD  
11 1 Y 1 A LYS 37  ? CE  ? A LYS 49  CE  
12 1 Y 1 A LYS 37  ? NZ  ? A LYS 49  NZ  
13 1 Y 1 A LYS 107 ? CG  ? A LYS 119 CG  
14 1 Y 1 A LYS 107 ? CD  ? A LYS 119 CD  
15 1 Y 1 A LYS 107 ? CE  ? A LYS 119 CE  
16 1 Y 1 A LYS 107 ? NZ  ? A LYS 119 NZ  
17 1 Y 1 A LYS 110 ? CG  ? A LYS 122 CG  
18 1 Y 1 A LYS 110 ? CD  ? A LYS 122 CD  
19 1 Y 1 A LYS 110 ? CE  ? A LYS 122 CE  
20 1 Y 1 A LYS 110 ? NZ  ? A LYS 122 NZ  
21 1 Y 1 A GLU 126 ? CD  ? A GLU 138 CD  
22 1 Y 1 A GLU 126 ? OE1 ? A GLU 138 OE1 
23 1 Y 1 A GLU 126 ? OE2 ? A GLU 138 OE2 
24 1 Y 1 A GLU 127 ? CD  ? A GLU 139 CD  
25 1 Y 1 A GLU 127 ? OE1 ? A GLU 139 OE1 
26 1 Y 1 A GLU 127 ? OE2 ? A GLU 139 OE2 
# 
loop_
_software.name 
_software.classification 
_software.version 
_software.citation_id 
_software.pdbx_ordinal 
MOSFLM    'data reduction' .         ? 1 
SCALA     'data scaling'   '4.2)'    ? 2 
SHELXD    phasing          .         ? 3 
autoSHARP phasing          .         ? 4 
SOLOMON   phasing          .         ? 5 
REFMAC    refinement       5.1.24    ? 6 
CCP4      'data scaling'   '(SCALA)' ? 7 
# 
_cell.entry_id           1VK9 
_cell.length_a           132.891 
_cell.length_b           132.891 
_cell.length_c           66.379 
_cell.angle_alpha        90.00 
_cell.angle_beta         90.00 
_cell.angle_gamma        120.00 
_cell.Z_PDB              12 
_cell.pdbx_unique_axis   ? 
# 
_symmetry.entry_id                         1VK9 
_symmetry.space_group_name_H-M             'P 62 2 2' 
_symmetry.pdbx_full_space_group_name_H-M   ? 
_symmetry.cell_setting                     ? 
_symmetry.Int_Tables_number                180 
# 
_exptl.crystals_number   1 
_exptl.method            'X-RAY DIFFRACTION' 
_exptl.entry_id          1VK9 
# 
_exptl_crystal.id                    1 
_exptl_crystal.density_percent_sol   75.49 
_exptl_crystal.density_Matthews      5.06 
_exptl_crystal.density_meas          ? 
_exptl_crystal.description           ? 
# 
_exptl_crystal_grow.crystal_id      1 
_exptl_crystal_grow.method          'VAPOR DIFFUSION,SITTING DROP,NANODROP' 
_exptl_crystal_grow.pH              5.8 
_exptl_crystal_grow.temp            277 
_exptl_crystal_grow.pdbx_details    
'40% PEG-600, 0.1M Imidazole pH 8.0, 0.2M Zn(OAc)2, pH 5.8, VAPOR DIFFUSION,SITTING DROP,NANODROP, temperature 277K' 
_exptl_crystal_grow.temp_details    ? 
_exptl_crystal_grow.pdbx_pH_range   . 
# 
_diffrn.id                     1 
_diffrn.ambient_temp           100 
_diffrn.ambient_temp_details   ? 
_diffrn.crystal_id             1 
# 
_diffrn_detector.diffrn_id              1 
_diffrn_detector.detector               CCD 
_diffrn_detector.type                   ADSC 
_diffrn_detector.details                ? 
_diffrn_detector.pdbx_collection_date   2003-12-12 
# 
_diffrn_radiation.diffrn_id                        1 
_diffrn_radiation.pdbx_monochromatic_or_laue_m_l   M 
_diffrn_radiation.monochromator                    'Double Crystal Si(111)' 
_diffrn_radiation.pdbx_diffrn_protocol             MAD 
_diffrn_radiation.wavelength_id                    1 
_diffrn_radiation.pdbx_scattering_type             x-ray 
# 
loop_
_diffrn_radiation_wavelength.id 
_diffrn_radiation_wavelength.wavelength 
_diffrn_radiation_wavelength.wt 
1 0.9796 1.0 
2 1.0332 1.0 
3 0.9795 1.0 
# 
_diffrn_source.diffrn_id                   1 
_diffrn_source.source                      SYNCHROTRON 
_diffrn_source.pdbx_synchrotron_site       ALS 
_diffrn_source.pdbx_synchrotron_beamline   8.2.1 
_diffrn_source.type                        'ALS BEAMLINE 8.2.1' 
_diffrn_source.pdbx_wavelength_list        '0.9796, 1.0332, 0.9795' 
_diffrn_source.pdbx_wavelength             ? 
# 
_reflns.observed_criterion_sigma_F   ? 
_reflns.observed_criterion_sigma_I   ? 
_reflns.d_resolution_high            2.700 
_reflns.d_resolution_low             66.38 
_reflns.number_obs                   9700 
_reflns.percent_possible_obs         97.4 
_reflns.pdbx_Rmerge_I_obs            ? 
_reflns.pdbx_netI_over_sigmaI        15.7 
_reflns.B_iso_Wilson_estimate        75.49 
_reflns.pdbx_redundancy              6.4 
_reflns.pdbx_Rsym_value              0.086 
_reflns.entry_id                     1VK9 
_reflns.number_all                   ? 
_reflns.R_free_details               ? 
_reflns.limit_h_max                  ? 
_reflns.limit_h_min                  ? 
_reflns.limit_k_max                  ? 
_reflns.limit_k_min                  ? 
_reflns.limit_l_max                  ? 
_reflns.limit_l_min                  ? 
_reflns.observed_criterion_F_max     ? 
_reflns.observed_criterion_F_min     ? 
_reflns.pdbx_ordinal                 1 
_reflns.pdbx_diffrn_id               1 
# 
_reflns_shell.d_res_high             2.70 
_reflns_shell.d_res_low              2.77 
_reflns_shell.percent_possible_all   78.0 
_reflns_shell.pdbx_Rsym_value        0.548 
_reflns_shell.pdbx_redundancy        4.9 
_reflns_shell.number_unique_all      569 
_reflns_shell.meanI_over_sigI_obs    2.0 
_reflns_shell.Rmerge_I_obs           ? 
_reflns_shell.percent_possible_obs   ? 
_reflns_shell.pdbx_ordinal           1 
_reflns_shell.pdbx_diffrn_id         1 
# 
_refine.ls_d_res_high                            2.70 
_refine.ls_d_res_low                             57.50 
_refine.pdbx_ls_sigma_F                          ? 
_refine.pdbx_ls_sigma_I                          ? 
_refine.ls_number_reflns_obs                     9155 
_refine.ls_number_reflns_R_free                  465 
_refine.ls_percent_reflns_R_free                 4.8 
_refine.ls_percent_reflns_obs                    96.83 
_refine.ls_R_factor_obs                          0.20789 
_refine.ls_R_factor_R_work                       0.20579 
_refine.ls_R_factor_R_free                       0.25083 
_refine.pdbx_R_Free_selection_details            RANDOM 
_refine.pdbx_stereochemistry_target_values       'MAXIMUM LIKELIHOOD WITH PHASES' 
_refine.pdbx_method_to_determine_struct          MAD 
_refine.pdbx_starting_model                      ? 
_refine.pdbx_ls_cross_valid_method               THROUGHOUT 
_refine.B_iso_mean                               34.913 
_refine.aniso_B[1][1]                            0.42 
_refine.aniso_B[2][2]                            0.42 
_refine.aniso_B[3][3]                            -0.64 
_refine.aniso_B[1][2]                            0.21 
_refine.aniso_B[1][3]                            0.00 
_refine.aniso_B[2][3]                            0.00 
_refine.details                                  
;THERE ARE UNEXPLAINED ELECTRON DENSITY NEAR HIS -5, HIS 0, SER 31, GLU 126, GLU 127.  AN UNKNOWN ENTITY WAS PRESENT IN THE ACTIVE SITE, IT MAY CONTAIN FRAGMENTS SUCH AS A SUGAR, A METAL AND A PHOSPHORYL GROUP, ACCORDING TO DENSITY MAP.  THE METALS WERE MODELLED AS ZINC SINCE THE CRYSTAL WAS GROWN IN 0.2M ZINC BUFFER. LYS -7 FROM AN ADJACENT MOLECULE IN THE CRYSTAL IS OBSERVED TO PARTICIPATE IN THE COORDINATION OF ZN 5 IN THE DENSITY MAP. IT IS SUSPICIOUS AND COULD BE AN ARTIFACT OF THE LIMITED RESOLUTION.
;
_refine.pdbx_overall_ESU_R                       0.300 
_refine.pdbx_overall_ESU_R_Free                  0.252 
_refine.overall_SU_ML                            0.168 
_refine.overall_SU_B                             8.772 
_refine.correlation_coeff_Fo_to_Fc               0.936 
_refine.correlation_coeff_Fo_to_Fc_free          0.914 
_refine.solvent_model_details                    'BABINET MODEL WITH MASK' 
_refine.pdbx_solvent_vdw_probe_radii             1.40 
_refine.pdbx_solvent_ion_probe_radii             0.80 
_refine.pdbx_solvent_shrinkage_radii             0.80 
_refine.entry_id                                 1VK9 
_refine.ls_R_factor_all                          ? 
_refine.ls_number_reflns_all                     ? 
_refine.ls_redundancy_reflns_obs                 ? 
_refine.pdbx_data_cutoff_high_absF               ? 
_refine.pdbx_data_cutoff_low_absF                ? 
_refine.ls_number_parameters                     ? 
_refine.ls_number_restraints                     ? 
_refine.ls_R_factor_R_free_error                 ? 
_refine.ls_R_factor_R_free_error_details         ? 
_refine.pdbx_isotropic_thermal_model             ? 
_refine.pdbx_stereochem_target_val_spec_case     ? 
_refine.solvent_model_param_bsol                 ? 
_refine.solvent_model_param_ksol                 ? 
_refine.occupancy_max                            ? 
_refine.occupancy_min                            ? 
_refine.pdbx_data_cutoff_high_rms_absF           ? 
_refine.B_iso_min                                ? 
_refine.B_iso_max                                ? 
_refine.overall_SU_R_Cruickshank_DPI             ? 
_refine.overall_SU_R_free                        ? 
_refine.pdbx_refine_id                           'X-RAY DIFFRACTION' 
_refine.pdbx_TLS_residual_ADP_flag               'LIKELY RESIDUAL' 
_refine.pdbx_diffrn_id                           1 
_refine.pdbx_overall_phase_error                 ? 
_refine.pdbx_overall_SU_R_free_Cruickshank_DPI   ? 
_refine.pdbx_overall_SU_R_Blow_DPI               ? 
_refine.pdbx_overall_SU_R_free_Blow_DPI          ? 
# 
_refine_hist.pdbx_refine_id                   'X-RAY DIFFRACTION' 
_refine_hist.cycle_id                         LAST 
_refine_hist.pdbx_number_atoms_protein        1151 
_refine_hist.pdbx_number_atoms_nucleic_acid   0 
_refine_hist.pdbx_number_atoms_ligand         35 
_refine_hist.number_atoms_solvent             9 
_refine_hist.number_atoms_total               1195 
_refine_hist.d_res_high                       2.70 
_refine_hist.d_res_low                        57.50 
# 
loop_
_refine_ls_restr.type 
_refine_ls_restr.number 
_refine_ls_restr.dev_ideal 
_refine_ls_restr.dev_ideal_target 
_refine_ls_restr.weight 
_refine_ls_restr.pdbx_refine_id 
_refine_ls_restr.pdbx_restraint_function 
r_bond_refined_d         1176 0.014  0.021  ? 'X-RAY DIFFRACTION' ? 
r_angle_refined_deg      1577 1.504  1.976  ? 'X-RAY DIFFRACTION' ? 
r_dihedral_angle_1_deg   146  5.523  5.000  ? 'X-RAY DIFFRACTION' ? 
r_chiral_restr           176  0.105  0.200  ? 'X-RAY DIFFRACTION' ? 
r_gen_planes_refined     846  0.005  0.020  ? 'X-RAY DIFFRACTION' ? 
r_nbd_refined            544  0.312  0.200  ? 'X-RAY DIFFRACTION' ? 
r_xyhbond_nbd_refined    29   0.218  0.200  ? 'X-RAY DIFFRACTION' ? 
r_symmetry_vdw_refined   39   0.247  0.200  ? 'X-RAY DIFFRACTION' ? 
r_symmetry_hbond_refined 9    0.143  0.200  ? 'X-RAY DIFFRACTION' ? 
r_mcbond_it              732  1.758  3.000  ? 'X-RAY DIFFRACTION' ? 
r_mcangle_it             1177 3.422  5.000  ? 'X-RAY DIFFRACTION' ? 
r_scbond_it              444  7.109  8.000  ? 'X-RAY DIFFRACTION' ? 
r_scangle_it             400  10.817 11.000 ? 'X-RAY DIFFRACTION' ? 
# 
_refine_ls_shell.pdbx_total_number_of_bins_used   12 
_refine_ls_shell.d_res_high                       2.700 
_refine_ls_shell.d_res_low                        2.820 
_refine_ls_shell.percent_reflns_obs               ? 
_refine_ls_shell.number_reflns_R_work             887 
_refine_ls_shell.R_factor_R_work                  0.334 
_refine_ls_shell.percent_reflns_R_free            5.54 
_refine_ls_shell.number_reflns_R_free             52 
_refine_ls_shell.R_factor_R_free                  0.456 
_refine_ls_shell.R_factor_R_free_error            ? 
_refine_ls_shell.redundancy_reflns_obs            ? 
_refine_ls_shell.number_reflns_all                ? 
_refine_ls_shell.number_reflns_obs                ? 
_refine_ls_shell.pdbx_refine_id                   'X-RAY DIFFRACTION' 
_refine_ls_shell.R_factor_all                     ? 
# 
_struct.entry_id                  1VK9 
_struct.title                     
'CRYSTAL STRUCTURE OF A DUF1893 family protein (TM1506) FROM THERMOTOGA MARITIMA AT 2.70 A RESOLUTION' 
_struct.pdbx_model_details        ? 
_struct.pdbx_CASP_flag            ? 
_struct.pdbx_model_type_details   ? 
# 
_struct_keywords.text            
'STRUCTURAL GENOMICS, JOINT CENTER FOR STRUCTURAL GENOMICS, JCSG, PROTEIN STRUCTURE INITIATIVE, PSI, UNKNOWN FUNCTION' 
_struct_keywords.pdbx_keywords   'UNKNOWN FUNCTION' 
_struct_keywords.entry_id        1VK9 
# 
loop_
_struct_asym.id 
_struct_asym.pdbx_blank_PDB_chainid_flag 
_struct_asym.pdbx_modified 
_struct_asym.entity_id 
_struct_asym.details 
A N N 1 ? 
B N N 2 ? 
C N N 2 ? 
D N N 2 ? 
E N N 2 ? 
F N N 2 ? 
G N N 2 ? 
H N N 3 ? 
I N N 4 ? 
# 
_struct_ref.id                         1 
_struct_ref.db_name                    UNP 
_struct_ref.db_code                    Q9X1J4_THEMA 
_struct_ref.pdbx_db_accession          Q9X1J4 
_struct_ref.entity_id                  1 
_struct_ref.pdbx_seq_one_letter_code   
;MEKNLLRSALKIFEKKDLSLLAYSGRSIFESKDSGLKPVVELFKRFDNLEGSLVIDKMVGKAAASFLLKMKPDHIHAKVI
SKPALKLMNEYGQSFSYDEKIPFVLGKDGKSMCPFEKLVLEMDDPEEIIRIVLSKFTSL
;
_struct_ref.pdbx_align_begin           1 
_struct_ref.pdbx_db_isoform            ? 
# 
_struct_ref_seq.align_id                      1 
_struct_ref_seq.ref_id                        1 
_struct_ref_seq.pdbx_PDB_id_code              1VK9 
_struct_ref_seq.pdbx_strand_id                A 
_struct_ref_seq.seq_align_beg                 13 
_struct_ref_seq.pdbx_seq_align_beg_ins_code   ? 
_struct_ref_seq.seq_align_end                 151 
_struct_ref_seq.pdbx_seq_align_end_ins_code   ? 
_struct_ref_seq.pdbx_db_accession             Q9X1J4 
_struct_ref_seq.db_align_beg                  1 
_struct_ref_seq.pdbx_db_align_beg_ins_code    ? 
_struct_ref_seq.db_align_end                  139 
_struct_ref_seq.pdbx_db_align_end_ins_code    ? 
_struct_ref_seq.pdbx_auth_seq_align_beg       1 
_struct_ref_seq.pdbx_auth_seq_align_end       139 
# 
loop_
_struct_ref_seq_dif.align_id 
_struct_ref_seq_dif.pdbx_pdb_id_code 
_struct_ref_seq_dif.mon_id 
_struct_ref_seq_dif.pdbx_pdb_strand_id 
_struct_ref_seq_dif.seq_num 
_struct_ref_seq_dif.pdbx_pdb_ins_code 
_struct_ref_seq_dif.pdbx_seq_db_name 
_struct_ref_seq_dif.pdbx_seq_db_accession_code 
_struct_ref_seq_dif.db_mon_id 
_struct_ref_seq_dif.pdbx_seq_db_seq_num 
_struct_ref_seq_dif.details 
_struct_ref_seq_dif.pdbx_auth_seq_num 
_struct_ref_seq_dif.pdbx_ordinal 
1 1VK9 MET A 1   ? UNP Q9X1J4 ?   ?   'expression tag'   -11 1  
1 1VK9 GLY A 2   ? UNP Q9X1J4 ?   ?   'expression tag'   -10 2  
1 1VK9 SER A 3   ? UNP Q9X1J4 ?   ?   'expression tag'   -9  3  
1 1VK9 ASP A 4   ? UNP Q9X1J4 ?   ?   'expression tag'   -8  4  
1 1VK9 LYS A 5   ? UNP Q9X1J4 ?   ?   'expression tag'   -7  5  
1 1VK9 ILE A 6   ? UNP Q9X1J4 ?   ?   'expression tag'   -6  6  
1 1VK9 HIS A 7   ? UNP Q9X1J4 ?   ?   'expression tag'   -5  7  
1 1VK9 HIS A 8   ? UNP Q9X1J4 ?   ?   'expression tag'   -4  8  
1 1VK9 HIS A 9   ? UNP Q9X1J4 ?   ?   'expression tag'   -3  9  
1 1VK9 HIS A 10  ? UNP Q9X1J4 ?   ?   'expression tag'   -2  10 
1 1VK9 HIS A 11  ? UNP Q9X1J4 ?   ?   'expression tag'   -1  11 
1 1VK9 HIS A 12  ? UNP Q9X1J4 ?   ?   'expression tag'   0   12 
1 1VK9 VAL A 13  ? UNP Q9X1J4 MET 1   'SEE REMARK 999'   1   13 
1 1VK9 MSE A 70  ? UNP Q9X1J4 MET 58  'modified residue' 58  14 
1 1VK9 MSE A 82  ? UNP Q9X1J4 MET 70  'modified residue' 70  15 
1 1VK9 MSE A 100 ? UNP Q9X1J4 MET 88  'modified residue' 88  16 
1 1VK9 MSE A 124 ? UNP Q9X1J4 MET 112 'modified residue' 112 17 
1 1VK9 MSE A 134 ? UNP Q9X1J4 MET 122 'modified residue' 122 18 
# 
loop_
_pdbx_struct_assembly.id 
_pdbx_struct_assembly.details 
_pdbx_struct_assembly.method_details 
_pdbx_struct_assembly.oligomeric_details 
_pdbx_struct_assembly.oligomeric_count 
1 author_defined_assembly   ?        monomeric  1 
2 software_defined_assembly PISA,PQS tetrameric 4 
# 
loop_
_pdbx_struct_assembly_prop.biol_id 
_pdbx_struct_assembly_prop.type 
_pdbx_struct_assembly_prop.value 
_pdbx_struct_assembly_prop.details 
2 'ABSA (A^2)' 14720 ? 
2 MORE         -950  ? 
2 'SSA (A^2)'  25880 ? 
# 
loop_
_pdbx_struct_assembly_gen.assembly_id 
_pdbx_struct_assembly_gen.oper_expression 
_pdbx_struct_assembly_gen.asym_id_list 
1 1       A,B,C,D,E,F,G,H,I 
2 1,2,3,4 A,B,C,D,E,F,G,H,I 
# 
loop_
_pdbx_struct_oper_list.id 
_pdbx_struct_oper_list.type 
_pdbx_struct_oper_list.name 
_pdbx_struct_oper_list.symmetry_operation 
_pdbx_struct_oper_list.matrix[1][1] 
_pdbx_struct_oper_list.matrix[1][2] 
_pdbx_struct_oper_list.matrix[1][3] 
_pdbx_struct_oper_list.vector[1] 
_pdbx_struct_oper_list.matrix[2][1] 
_pdbx_struct_oper_list.matrix[2][2] 
_pdbx_struct_oper_list.matrix[2][3] 
_pdbx_struct_oper_list.vector[2] 
_pdbx_struct_oper_list.matrix[3][1] 
_pdbx_struct_oper_list.matrix[3][2] 
_pdbx_struct_oper_list.matrix[3][3] 
_pdbx_struct_oper_list.vector[3] 
1 'identity operation'         1_555  x,y,z            1.0000000000  0.0000000000  0.0000000000  0.0000000000  0.0000000000  1.0000000000  0.0000000000  0.0000000000   0.0000000000  0.0000000000  1.0000000000  0.0000000000   
2 'crystal symmetry operation' 4_665  -x+1,-y+1,z      -0.9051641859 -0.1718737402 0.3887636994  1.2328726704  -0.1718737402 -0.6885081563 -0.7045679074 -29.5525816634 0.3887636994  -0.7045679074 0.5936723423  -13.3660453253 
3 'crystal symmetry operation' 7_555  y,x,-z+2/3       0.7749299546  0.6106667128  -0.1630022436 14.9919860352 0.6106667128  -0.7898994081 -0.0560811113 -39.7391789378 -0.1630022436 -0.0560811113 -0.9850305465 14.3699330314  
4 'crystal symmetry operation' 10_665 -y+1,-x+1,-z+2/3 -0.8697657687 -0.4387929726 -0.2257614558 0.0792934769  -0.4387929726 0.4784075644  0.7606490186  -14.8931551970 -0.2257614558 0.7606490186  -0.6086417957 28.9922765723 
# 
_struct_biol.id   1 
# 
loop_
_struct_conf.conf_type_id 
_struct_conf.id 
_struct_conf.pdbx_PDB_helix_id 
_struct_conf.beg_label_comp_id 
_struct_conf.beg_label_asym_id 
_struct_conf.beg_label_seq_id 
_struct_conf.pdbx_beg_PDB_ins_code 
_struct_conf.end_label_comp_id 
_struct_conf.end_label_asym_id 
_struct_conf.end_label_seq_id 
_struct_conf.pdbx_end_PDB_ins_code 
_struct_conf.beg_auth_comp_id 
_struct_conf.beg_auth_asym_id 
_struct_conf.beg_auth_seq_id 
_struct_conf.end_auth_comp_id 
_struct_conf.end_auth_asym_id 
_struct_conf.end_auth_seq_id 
_struct_conf.pdbx_PDB_helix_class 
_struct_conf.details 
_struct_conf.pdbx_PDB_helix_length 
HELX_P HELX_P1 1 GLU A 14  ? LYS A 28  ? GLU A 2   LYS A 16  1 ? 15 
HELX_P HELX_P2 2 LEU A 48  ? PHE A 58  ? LEU A 36  PHE A 46  1 ? 11 
HELX_P HELX_P3 3 GLY A 72  ? LYS A 83  ? GLY A 60  LYS A 71  1 ? 12 
HELX_P HELX_P4 4 LYS A 94  ? TYR A 103 ? LYS A 82  TYR A 91  1 ? 10 
HELX_P HELX_P5 5 CYS A 125 ? GLU A 133 ? CYS A 113 GLU A 121 1 ? 9  
HELX_P HELX_P6 6 ASP A 136 ? SER A 146 ? ASP A 124 SER A 134 1 ? 11 
# 
_struct_conf_type.id          HELX_P 
_struct_conf_type.criteria    ? 
_struct_conf_type.reference   ? 
# 
loop_
_struct_conn.id 
_struct_conn.conn_type_id 
_struct_conn.pdbx_leaving_atom_flag 
_struct_conn.pdbx_PDB_id 
_struct_conn.ptnr1_label_asym_id 
_struct_conn.ptnr1_label_comp_id 
_struct_conn.ptnr1_label_seq_id 
_struct_conn.ptnr1_label_atom_id 
_struct_conn.pdbx_ptnr1_label_alt_id 
_struct_conn.pdbx_ptnr1_PDB_ins_code 
_struct_conn.pdbx_ptnr1_standard_comp_id 
_struct_conn.ptnr1_symmetry 
_struct_conn.ptnr2_label_asym_id 
_struct_conn.ptnr2_label_comp_id 
_struct_conn.ptnr2_label_seq_id 
_struct_conn.ptnr2_label_atom_id 
_struct_conn.pdbx_ptnr2_label_alt_id 
_struct_conn.pdbx_ptnr2_PDB_ins_code 
_struct_conn.ptnr1_auth_asym_id 
_struct_conn.ptnr1_auth_comp_id 
_struct_conn.ptnr1_auth_seq_id 
_struct_conn.ptnr2_auth_asym_id 
_struct_conn.ptnr2_auth_comp_id 
_struct_conn.ptnr2_auth_seq_id 
_struct_conn.ptnr2_symmetry 
_struct_conn.pdbx_ptnr3_label_atom_id 
_struct_conn.pdbx_ptnr3_label_seq_id 
_struct_conn.pdbx_ptnr3_label_comp_id 
_struct_conn.pdbx_ptnr3_label_asym_id 
_struct_conn.pdbx_ptnr3_label_alt_id 
_struct_conn.pdbx_ptnr3_PDB_ins_code 
_struct_conn.details 
_struct_conn.pdbx_dist_value 
_struct_conn.pdbx_value_order 
_struct_conn.pdbx_role 
covale1  covale both ? A LYS 69  C   ? ? ? 1_555  A MSE 70  N  ? ? A LYS 57  A MSE 58  1_555 ? ? ? ? ? ? ? 1.329 ? ? 
covale2  covale both ? A MSE 70  C   ? ? ? 1_555  A VAL 71  N  ? ? A MSE 58  A VAL 59  1_555 ? ? ? ? ? ? ? 1.330 ? ? 
covale3  covale both ? A LYS 81  C   ? ? ? 1_555  A MSE 82  N  ? ? A LYS 69  A MSE 70  1_555 ? ? ? ? ? ? ? 1.330 ? ? 
covale4  covale both ? A MSE 82  C   ? ? ? 1_555  A LYS 83  N  ? ? A MSE 70  A LYS 71  1_555 ? ? ? ? ? ? ? 1.329 ? ? 
covale5  covale both ? A LEU 99  C   ? ? ? 1_555  A MSE 100 N  ? ? A LEU 87  A MSE 88  1_555 ? ? ? ? ? ? ? 1.327 ? ? 
covale6  covale both ? A MSE 100 C   ? ? ? 1_555  A ASN 101 N  ? ? A MSE 88  A ASN 89  1_555 ? ? ? ? ? ? ? 1.338 ? ? 
covale7  covale both ? A SER 123 C   ? ? ? 1_555  A MSE 124 N  ? ? A SER 111 A MSE 112 1_555 ? ? ? ? ? ? ? 1.335 ? ? 
covale8  covale both ? A MSE 124 C   ? ? ? 1_555  A CYS 125 N  ? ? A MSE 112 A CYS 113 1_555 ? ? ? ? ? ? ? 1.335 ? ? 
covale9  covale both ? A GLU 133 C   ? ? ? 1_555  A MSE 134 N  ? ? A GLU 121 A MSE 122 1_555 ? ? ? ? ? ? ? 1.333 ? ? 
covale10 covale both ? A MSE 134 C   ? ? ? 1_555  A ASP 135 N  ? ? A MSE 122 A ASP 123 1_555 ? ? ? ? ? ? ? 1.336 ? ? 
metalc1  metalc ?    ? A ASP 4   OD1 ? ? ? 1_555  C ZN  .   ZN ? ? A ASP -8  A ZN  141 1_555 ? ? ? ? ? ? ? 2.699 ? ? 
metalc2  metalc ?    ? A ASP 4   OD2 ? ? ? 1_555  C ZN  .   ZN ? ? A ASP -8  A ZN  141 1_555 ? ? ? ? ? ? ? 2.016 ? ? 
metalc3  metalc ?    ? A LYS 5   NZ  ? ? ? 7_555  F ZN  .   ZN ? ? A LYS -7  A ZN  144 1_555 ? ? ? ? ? ? ? 2.048 ? ? 
metalc4  metalc ?    ? A HIS 7   ND1 ? ? ? 1_555  G ZN  .   ZN ? ? A HIS -5  A ZN  145 1_555 ? ? ? ? ? ? ? 2.410 ? ? 
metalc5  metalc ?    ? A HIS 7   ND1 ? ? ? 4_665  G ZN  .   ZN ? ? A HIS -5  A ZN  145 1_555 ? ? ? ? ? ? ? 2.420 ? ? 
metalc6  metalc ?    ? A HIS 8   ND1 ? ? ? 1_555  D ZN  .   ZN ? ? A HIS -4  A ZN  142 1_555 ? ? ? ? ? ? ? 1.992 ? ? 
metalc7  metalc ?    ? A HIS 9   ND1 ? ? ? 4_665  C ZN  .   ZN ? ? A HIS -3  A ZN  141 1_555 ? ? ? ? ? ? ? 2.025 ? ? 
metalc8  metalc ?    ? A HIS 10  NE2 ? ? ? 1_555  D ZN  .   ZN ? ? A HIS -2  A ZN  142 1_555 ? ? ? ? ? ? ? 2.047 ? ? 
metalc9  metalc ?    ? A HIS 11  NE2 ? ? ? 4_665  C ZN  .   ZN ? ? A HIS -1  A ZN  141 1_555 ? ? ? ? ? ? ? 1.968 ? ? 
metalc10 metalc ?    ? A ASP 59  OD1 ? ? ? 4_665  D ZN  .   ZN ? ? A ASP 47  A ZN  142 1_555 ? ? ? ? ? ? ? 2.507 ? ? 
metalc11 metalc ?    ? A ASP 59  OD2 ? ? ? 4_665  D ZN  .   ZN ? ? A ASP 47  A ZN  142 1_555 ? ? ? ? ? ? ? 2.111 ? ? 
metalc12 metalc ?    ? A GLU 62  OE1 ? ? ? 1_555  D ZN  .   ZN ? ? A GLU 50  A ZN  142 1_555 ? ? ? ? ? ? ? 1.779 ? ? 
metalc13 metalc ?    ? A HIS 88  NE2 ? ? ? 1_555  E ZN  .   ZN ? ? A HIS 76  A ZN  143 1_555 ? ? ? ? ? ? ? 2.061 ? ? 
metalc14 metalc ?    ? A GLU 102 OE1 ? ? ? 1_555  B ZN  .   ZN ? ? A GLU 90  A ZN  140 1_555 ? ? ? ? ? ? ? 2.177 ? ? 
metalc15 metalc ?    ? A GLU 102 OE2 ? ? ? 1_555  B ZN  .   ZN ? ? A GLU 90  A ZN  140 1_555 ? ? ? ? ? ? ? 2.456 ? ? 
metalc16 metalc ?    ? A GLU 102 OE1 ? ? ? 10_665 B ZN  .   ZN ? ? A GLU 90  A ZN  140 1_555 ? ? ? ? ? ? ? 2.046 ? ? 
metalc17 metalc ?    ? A GLU 102 OE2 ? ? ? 10_665 B ZN  .   ZN ? ? A GLU 90  A ZN  140 1_555 ? ? ? ? ? ? ? 2.134 ? ? 
metalc18 metalc ?    ? A ASP 110 OD2 ? ? ? 1_555  E ZN  .   ZN ? ? A ASP 98  A ZN  143 1_555 ? ? ? ? ? ? ? 1.850 ? ? 
metalc19 metalc ?    ? A ASP 136 OD1 ? ? ? 1_555  F ZN  .   ZN ? ? A ASP 124 A ZN  144 1_555 ? ? ? ? ? ? ? 1.881 ? ? 
metalc20 metalc ?    ? C ZN  .   ZN  ? ? ? 1_555  I HOH .   O  ? ? A ZN  141 A HOH 204 4_665 ? ? ? ? ? ? ? 2.535 ? ? 
metalc21 metalc ?    ? E ZN  .   ZN  ? ? ? 1_555  I HOH .   O  ? ? A ZN  143 A HOH 203 1_555 ? ? ? ? ? ? ? 2.213 ? ? 
metalc22 metalc ?    ? E ZN  .   ZN  ? ? ? 1_555  I HOH .   O  ? ? A ZN  143 A HOH 205 1_555 ? ? ? ? ? ? ? 2.725 ? ? 
metalc23 metalc ?    ? F ZN  .   ZN  ? ? ? 1_555  I HOH .   O  ? ? A ZN  144 A HOH 202 7_555 ? ? ? ? ? ? ? 2.354 ? ? 
metalc24 metalc ?    ? F ZN  .   ZN  ? ? ? 1_555  I HOH .   O  ? ? A ZN  144 A HOH 207 1_555 ? ? ? ? ? ? ? 2.554 ? ? 
# 
loop_
_struct_conn_type.id 
_struct_conn_type.criteria 
_struct_conn_type.reference 
covale ? ? 
metalc ? ? 
# 
loop_
_pdbx_struct_conn_angle.id 
_pdbx_struct_conn_angle.ptnr1_label_atom_id 
_pdbx_struct_conn_angle.ptnr1_label_alt_id 
_pdbx_struct_conn_angle.ptnr1_label_asym_id 
_pdbx_struct_conn_angle.ptnr1_label_comp_id 
_pdbx_struct_conn_angle.ptnr1_label_seq_id 
_pdbx_struct_conn_angle.ptnr1_auth_atom_id 
_pdbx_struct_conn_angle.ptnr1_auth_asym_id 
_pdbx_struct_conn_angle.ptnr1_auth_comp_id 
_pdbx_struct_conn_angle.ptnr1_auth_seq_id 
_pdbx_struct_conn_angle.ptnr1_PDB_ins_code 
_pdbx_struct_conn_angle.ptnr1_symmetry 
_pdbx_struct_conn_angle.ptnr2_label_atom_id 
_pdbx_struct_conn_angle.ptnr2_label_alt_id 
_pdbx_struct_conn_angle.ptnr2_label_asym_id 
_pdbx_struct_conn_angle.ptnr2_label_comp_id 
_pdbx_struct_conn_angle.ptnr2_label_seq_id 
_pdbx_struct_conn_angle.ptnr2_auth_atom_id 
_pdbx_struct_conn_angle.ptnr2_auth_asym_id 
_pdbx_struct_conn_angle.ptnr2_auth_comp_id 
_pdbx_struct_conn_angle.ptnr2_auth_seq_id 
_pdbx_struct_conn_angle.ptnr2_PDB_ins_code 
_pdbx_struct_conn_angle.ptnr2_symmetry 
_pdbx_struct_conn_angle.ptnr3_label_atom_id 
_pdbx_struct_conn_angle.ptnr3_label_alt_id 
_pdbx_struct_conn_angle.ptnr3_label_asym_id 
_pdbx_struct_conn_angle.ptnr3_label_comp_id 
_pdbx_struct_conn_angle.ptnr3_label_seq_id 
_pdbx_struct_conn_angle.ptnr3_auth_atom_id 
_pdbx_struct_conn_angle.ptnr3_auth_asym_id 
_pdbx_struct_conn_angle.ptnr3_auth_comp_id 
_pdbx_struct_conn_angle.ptnr3_auth_seq_id 
_pdbx_struct_conn_angle.ptnr3_PDB_ins_code 
_pdbx_struct_conn_angle.ptnr3_symmetry 
_pdbx_struct_conn_angle.value 
_pdbx_struct_conn_angle.value_esd 
1  OD1 ? A ASP 4   ? A ASP -8  ? 1_555  ZN ? C ZN . ? A ZN 141 ? 1_555 OD2 ? A ASP 4   ? A ASP -8  ? 1_555  51.5  ? 
2  OD1 ? A ASP 4   ? A ASP -8  ? 1_555  ZN ? C ZN . ? A ZN 141 ? 1_555 ND1 ? A HIS 9   ? A HIS -3  ? 4_665  84.3  ? 
3  OD2 ? A ASP 4   ? A ASP -8  ? 1_555  ZN ? C ZN . ? A ZN 141 ? 1_555 ND1 ? A HIS 9   ? A HIS -3  ? 4_665  108.5 ? 
4  OD1 ? A ASP 4   ? A ASP -8  ? 1_555  ZN ? C ZN . ? A ZN 141 ? 1_555 NE2 ? A HIS 11  ? A HIS -1  ? 4_665  87.0  ? 
5  OD2 ? A ASP 4   ? A ASP -8  ? 1_555  ZN ? C ZN . ? A ZN 141 ? 1_555 NE2 ? A HIS 11  ? A HIS -1  ? 4_665  110.7 ? 
6  ND1 ? A HIS 9   ? A HIS -3  ? 4_665  ZN ? C ZN . ? A ZN 141 ? 1_555 NE2 ? A HIS 11  ? A HIS -1  ? 4_665  120.8 ? 
7  OD1 ? A ASP 4   ? A ASP -8  ? 1_555  ZN ? C ZN . ? A ZN 141 ? 1_555 O   ? I HOH .   ? A HOH 204 ? 4_665  167.8 ? 
8  OD2 ? A ASP 4   ? A ASP -8  ? 1_555  ZN ? C ZN . ? A ZN 141 ? 1_555 O   ? I HOH .   ? A HOH 204 ? 4_665  116.5 ? 
9  ND1 ? A HIS 9   ? A HIS -3  ? 4_665  ZN ? C ZN . ? A ZN 141 ? 1_555 O   ? I HOH .   ? A HOH 204 ? 4_665  99.5  ? 
10 NE2 ? A HIS 11  ? A HIS -1  ? 4_665  ZN ? C ZN . ? A ZN 141 ? 1_555 O   ? I HOH .   ? A HOH 204 ? 4_665  100.6 ? 
11 NZ  ? A LYS 5   ? A LYS -7  ? 7_555  ZN ? F ZN . ? A ZN 144 ? 1_555 OD1 ? A ASP 136 ? A ASP 124 ? 1_555  98.4  ? 
12 NZ  ? A LYS 5   ? A LYS -7  ? 7_555  ZN ? F ZN . ? A ZN 144 ? 1_555 O   ? I HOH .   ? A HOH 202 ? 7_555  104.6 ? 
13 OD1 ? A ASP 136 ? A ASP 124 ? 1_555  ZN ? F ZN . ? A ZN 144 ? 1_555 O   ? I HOH .   ? A HOH 202 ? 7_555  126.3 ? 
14 NZ  ? A LYS 5   ? A LYS -7  ? 7_555  ZN ? F ZN . ? A ZN 144 ? 1_555 O   ? I HOH .   ? A HOH 207 ? 1_555  113.1 ? 
15 OD1 ? A ASP 136 ? A ASP 124 ? 1_555  ZN ? F ZN . ? A ZN 144 ? 1_555 O   ? I HOH .   ? A HOH 207 ? 1_555  102.4 ? 
16 O   ? I HOH .   ? A HOH 202 ? 7_555  ZN ? F ZN . ? A ZN 144 ? 1_555 O   ? I HOH .   ? A HOH 207 ? 1_555  111.4 ? 
17 ND1 ? A HIS 7   ? A HIS -5  ? 1_555  ZN ? G ZN . ? A ZN 145 ? 1_555 ND1 ? A HIS 7   ? A HIS -5  ? 4_665  112.7 ? 
18 ND1 ? A HIS 8   ? A HIS -4  ? 1_555  ZN ? D ZN . ? A ZN 142 ? 1_555 NE2 ? A HIS 10  ? A HIS -2  ? 1_555  120.8 ? 
19 ND1 ? A HIS 8   ? A HIS -4  ? 1_555  ZN ? D ZN . ? A ZN 142 ? 1_555 OD1 ? A ASP 59  ? A ASP 47  ? 4_665  102.0 ? 
20 NE2 ? A HIS 10  ? A HIS -2  ? 1_555  ZN ? D ZN . ? A ZN 142 ? 1_555 OD1 ? A ASP 59  ? A ASP 47  ? 4_665  85.7  ? 
21 ND1 ? A HIS 8   ? A HIS -4  ? 1_555  ZN ? D ZN . ? A ZN 142 ? 1_555 OD2 ? A ASP 59  ? A ASP 47  ? 4_665  114.7 ? 
22 NE2 ? A HIS 10  ? A HIS -2  ? 1_555  ZN ? D ZN . ? A ZN 142 ? 1_555 OD2 ? A ASP 59  ? A ASP 47  ? 4_665  116.6 ? 
23 OD1 ? A ASP 59  ? A ASP 47  ? 4_665  ZN ? D ZN . ? A ZN 142 ? 1_555 OD2 ? A ASP 59  ? A ASP 47  ? 4_665  54.2  ? 
24 ND1 ? A HIS 8   ? A HIS -4  ? 1_555  ZN ? D ZN . ? A ZN 142 ? 1_555 OE1 ? A GLU 62  ? A GLU 50  ? 1_555  104.7 ? 
25 NE2 ? A HIS 10  ? A HIS -2  ? 1_555  ZN ? D ZN . ? A ZN 142 ? 1_555 OE1 ? A GLU 62  ? A GLU 50  ? 1_555  106.7 ? 
26 OD1 ? A ASP 59  ? A ASP 47  ? 4_665  ZN ? D ZN . ? A ZN 142 ? 1_555 OE1 ? A GLU 62  ? A GLU 50  ? 1_555  138.3 ? 
27 OD2 ? A ASP 59  ? A ASP 47  ? 4_665  ZN ? D ZN . ? A ZN 142 ? 1_555 OE1 ? A GLU 62  ? A GLU 50  ? 1_555  85.5  ? 
28 NE2 ? A HIS 88  ? A HIS 76  ? 1_555  ZN ? E ZN . ? A ZN 143 ? 1_555 OD2 ? A ASP 110 ? A ASP 98  ? 1_555  105.5 ? 
29 NE2 ? A HIS 88  ? A HIS 76  ? 1_555  ZN ? E ZN . ? A ZN 143 ? 1_555 O   ? I HOH .   ? A HOH 203 ? 1_555  108.6 ? 
30 OD2 ? A ASP 110 ? A ASP 98  ? 1_555  ZN ? E ZN . ? A ZN 143 ? 1_555 O   ? I HOH .   ? A HOH 203 ? 1_555  91.3  ? 
31 NE2 ? A HIS 88  ? A HIS 76  ? 1_555  ZN ? E ZN . ? A ZN 143 ? 1_555 O   ? I HOH .   ? A HOH 205 ? 1_555  107.3 ? 
32 OD2 ? A ASP 110 ? A ASP 98  ? 1_555  ZN ? E ZN . ? A ZN 143 ? 1_555 O   ? I HOH .   ? A HOH 205 ? 1_555  119.0 ? 
33 O   ? I HOH .   ? A HOH 203 ? 1_555  ZN ? E ZN . ? A ZN 143 ? 1_555 O   ? I HOH .   ? A HOH 205 ? 1_555  123.3 ? 
34 OE1 ? A GLU 102 ? A GLU 90  ? 1_555  ZN ? B ZN . ? A ZN 140 ? 1_555 OE2 ? A GLU 102 ? A GLU 90  ? 1_555  55.1  ? 
35 OE1 ? A GLU 102 ? A GLU 90  ? 1_555  ZN ? B ZN . ? A ZN 140 ? 1_555 OE1 ? A GLU 102 ? A GLU 90  ? 10_665 141.2 ? 
36 OE2 ? A GLU 102 ? A GLU 90  ? 1_555  ZN ? B ZN . ? A ZN 140 ? 1_555 OE1 ? A GLU 102 ? A GLU 90  ? 10_665 88.9  ? 
37 OE1 ? A GLU 102 ? A GLU 90  ? 1_555  ZN ? B ZN . ? A ZN 140 ? 1_555 OE2 ? A GLU 102 ? A GLU 90  ? 10_665 94.5  ? 
38 OE2 ? A GLU 102 ? A GLU 90  ? 1_555  ZN ? B ZN . ? A ZN 140 ? 1_555 OE2 ? A GLU 102 ? A GLU 90  ? 10_665 80.3  ? 
39 OE1 ? A GLU 102 ? A GLU 90  ? 10_665 ZN ? B ZN . ? A ZN 140 ? 1_555 OE2 ? A GLU 102 ? A GLU 90  ? 10_665 62.1  ? 
# 
loop_
_pdbx_modification_feature.ordinal 
_pdbx_modification_feature.label_comp_id 
_pdbx_modification_feature.label_asym_id 
_pdbx_modification_feature.label_seq_id 
_pdbx_modification_feature.label_alt_id 
_pdbx_modification_feature.modified_residue_label_comp_id 
_pdbx_modification_feature.modified_residue_label_asym_id 
_pdbx_modification_feature.modified_residue_label_seq_id 
_pdbx_modification_feature.modified_residue_label_alt_id 
_pdbx_modification_feature.auth_comp_id 
_pdbx_modification_feature.auth_asym_id 
_pdbx_modification_feature.auth_seq_id 
_pdbx_modification_feature.PDB_ins_code 
_pdbx_modification_feature.symmetry 
_pdbx_modification_feature.modified_residue_auth_comp_id 
_pdbx_modification_feature.modified_residue_auth_asym_id 
_pdbx_modification_feature.modified_residue_auth_seq_id 
_pdbx_modification_feature.modified_residue_PDB_ins_code 
_pdbx_modification_feature.modified_residue_symmetry 
_pdbx_modification_feature.comp_id_linking_atom 
_pdbx_modification_feature.modified_residue_id_linking_atom 
_pdbx_modification_feature.modified_residue_id 
_pdbx_modification_feature.ref_pcm_id 
_pdbx_modification_feature.ref_comp_id 
_pdbx_modification_feature.type 
_pdbx_modification_feature.category 
1 MSE A 70  ? . . . . MSE A 58  ? 1_555 . . . . . . . MET 1 MSE Selenomethionine 'Named protein modification' 
2 MSE A 82  ? . . . . MSE A 70  ? 1_555 . . . . . . . MET 1 MSE Selenomethionine 'Named protein modification' 
3 MSE A 100 ? . . . . MSE A 88  ? 1_555 . . . . . . . MET 1 MSE Selenomethionine 'Named protein modification' 
4 MSE A 124 ? . . . . MSE A 112 ? 1_555 . . . . . . . MET 1 MSE Selenomethionine 'Named protein modification' 
5 MSE A 134 ? . . . . MSE A 122 ? 1_555 . . . . . . . MET 1 MSE Selenomethionine 'Named protein modification' 
# 
_struct_sheet.id               A 
_struct_sheet.type             ? 
_struct_sheet.number_strands   5 
_struct_sheet.details          ? 
# 
loop_
_struct_sheet_order.sheet_id 
_struct_sheet_order.range_id_1 
_struct_sheet_order.range_id_2 
_struct_sheet_order.offset 
_struct_sheet_order.sense 
A 1 2 ? anti-parallel 
A 2 3 ? anti-parallel 
A 3 4 ? parallel      
A 4 5 ? parallel      
# 
loop_
_struct_sheet_range.sheet_id 
_struct_sheet_range.id 
_struct_sheet_range.beg_label_comp_id 
_struct_sheet_range.beg_label_asym_id 
_struct_sheet_range.beg_label_seq_id 
_struct_sheet_range.pdbx_beg_PDB_ins_code 
_struct_sheet_range.end_label_comp_id 
_struct_sheet_range.end_label_asym_id 
_struct_sheet_range.end_label_seq_id 
_struct_sheet_range.pdbx_end_PDB_ins_code 
_struct_sheet_range.beg_auth_comp_id 
_struct_sheet_range.beg_auth_asym_id 
_struct_sheet_range.beg_auth_seq_id 
_struct_sheet_range.end_auth_comp_id 
_struct_sheet_range.end_auth_asym_id 
_struct_sheet_range.end_auth_seq_id 
A 1 SER A 39  ? SER A 43  ? SER A 27 SER A 31  
A 2 LEU A 32  ? TYR A 35  ? LEU A 20 TYR A 23  
A 3 LEU A 65  ? VAL A 71  ? LEU A 53 VAL A 59  
A 4 HIS A 86  ? SER A 93  ? HIS A 74 SER A 81  
A 5 PHE A 107 ? ILE A 113 ? PHE A 95 ILE A 101 
# 
loop_
_pdbx_struct_sheet_hbond.sheet_id 
_pdbx_struct_sheet_hbond.range_id_1 
_pdbx_struct_sheet_hbond.range_id_2 
_pdbx_struct_sheet_hbond.range_1_label_atom_id 
_pdbx_struct_sheet_hbond.range_1_label_comp_id 
_pdbx_struct_sheet_hbond.range_1_label_asym_id 
_pdbx_struct_sheet_hbond.range_1_label_seq_id 
_pdbx_struct_sheet_hbond.range_1_PDB_ins_code 
_pdbx_struct_sheet_hbond.range_1_auth_atom_id 
_pdbx_struct_sheet_hbond.range_1_auth_comp_id 
_pdbx_struct_sheet_hbond.range_1_auth_asym_id 
_pdbx_struct_sheet_hbond.range_1_auth_seq_id 
_pdbx_struct_sheet_hbond.range_2_label_atom_id 
_pdbx_struct_sheet_hbond.range_2_label_comp_id 
_pdbx_struct_sheet_hbond.range_2_label_asym_id 
_pdbx_struct_sheet_hbond.range_2_label_seq_id 
_pdbx_struct_sheet_hbond.range_2_PDB_ins_code 
_pdbx_struct_sheet_hbond.range_2_auth_atom_id 
_pdbx_struct_sheet_hbond.range_2_auth_comp_id 
_pdbx_struct_sheet_hbond.range_2_auth_asym_id 
_pdbx_struct_sheet_hbond.range_2_auth_seq_id 
A 1 2 O ILE A 40 ? O ILE A 28 N ALA A 34  ? N ALA A 22 
A 2 3 N TYR A 35 ? N TYR A 23 O LEU A 65  ? O LEU A 53 
A 3 4 N VAL A 71 ? N VAL A 59 O VAL A 91  ? O VAL A 79 
A 4 5 N ALA A 89 ? N ALA A 77 O SER A 108 ? O SER A 96 
# 
loop_
_struct_site.id 
_struct_site.pdbx_evidence_code 
_struct_site.pdbx_auth_asym_id 
_struct_site.pdbx_auth_comp_id 
_struct_site.pdbx_auth_seq_id 
_struct_site.pdbx_auth_ins_code 
_struct_site.pdbx_num_residues 
_struct_site.details 
AC1 Software A ZN  140 ? 3  'BINDING SITE FOR RESIDUE ZN A 140'  
AC2 Software A ZN  141 ? 4  'BINDING SITE FOR RESIDUE ZN A 141'  
AC3 Software A ZN  142 ? 4  'BINDING SITE FOR RESIDUE ZN A 142'  
AC4 Software A ZN  143 ? 4  'BINDING SITE FOR RESIDUE ZN A 143'  
AC5 Software A ZN  144 ? 4  'BINDING SITE FOR RESIDUE ZN A 144'  
AC6 Software A ZN  145 ? 2  'BINDING SITE FOR RESIDUE ZN A 145'  
AC7 Software A UNL 201 ? 17 'BINDING SITE FOR RESIDUE UNL A 201' 
# 
loop_
_struct_site_gen.id 
_struct_site_gen.site_id 
_struct_site_gen.pdbx_num_res 
_struct_site_gen.label_comp_id 
_struct_site_gen.label_asym_id 
_struct_site_gen.label_seq_id 
_struct_site_gen.pdbx_auth_ins_code 
_struct_site_gen.auth_comp_id 
_struct_site_gen.auth_asym_id 
_struct_site_gen.auth_seq_id 
_struct_site_gen.label_atom_id 
_struct_site_gen.label_alt_id 
_struct_site_gen.symmetry 
_struct_site_gen.details 
1  AC1 3  GLU A 102 ? GLU A 90  . ? 1_555  ? 
2  AC1 3  GLU A 102 ? GLU A 90  . ? 10_665 ? 
3  AC1 3  ASP A 135 ? ASP A 123 . ? 1_555  ? 
4  AC2 4  ASP A 4   ? ASP A -8  . ? 1_555  ? 
5  AC2 4  HIS A 9   ? HIS A -3  . ? 4_665  ? 
6  AC2 4  HIS A 11  ? HIS A -1  . ? 4_665  ? 
7  AC2 4  HOH I .   ? HOH A 204 . ? 4_665  ? 
8  AC3 4  HIS A 10  ? HIS A -2  . ? 1_555  ? 
9  AC3 4  HIS A 8   ? HIS A -4  . ? 1_555  ? 
10 AC3 4  ASP A 59  ? ASP A 47  . ? 4_665  ? 
11 AC3 4  GLU A 62  ? GLU A 50  . ? 1_555  ? 
12 AC4 4  HIS A 88  ? HIS A 76  . ? 1_555  ? 
13 AC4 4  ASP A 110 ? ASP A 98  . ? 1_555  ? 
14 AC4 4  HOH I .   ? HOH A 203 . ? 1_555  ? 
15 AC4 4  HOH I .   ? HOH A 205 . ? 1_555  ? 
16 AC5 4  LYS A 5   ? LYS A -7  . ? 7_555  ? 
17 AC5 4  ASP A 136 ? ASP A 124 . ? 1_555  ? 
18 AC5 4  HOH I .   ? HOH A 202 . ? 7_555  ? 
19 AC5 4  HOH I .   ? HOH A 207 . ? 1_555  ? 
20 AC6 2  HIS A 7   ? HIS A -5  . ? 1_555  ? 
21 AC6 2  HIS A 7   ? HIS A -5  . ? 4_665  ? 
22 AC7 17 SER A 31  ? SER A 19  . ? 1_555  ? 
23 AC7 17 SER A 46  ? SER A 34  . ? 1_555  ? 
24 AC7 17 GLY A 47  ? GLY A 35  . ? 1_555  ? 
25 AC7 17 PRO A 50  ? PRO A 38  . ? 1_555  ? 
26 AC7 17 ASP A 68  ? ASP A 56  . ? 1_555  ? 
27 AC7 17 LYS A 69  ? LYS A 57  . ? 1_555  ? 
28 AC7 17 MSE A 70  ? MSE A 58  . ? 1_555  ? 
29 AC7 17 GLY A 72  ? GLY A 60  . ? 1_555  ? 
30 AC7 17 LYS A 73  ? LYS A 61  . ? 1_555  ? 
31 AC7 17 ALA A 74  ? ALA A 62  . ? 1_555  ? 
32 AC7 17 ALA A 75  ? ALA A 63  . ? 1_555  ? 
33 AC7 17 GLU A 111 ? GLU A 99  . ? 1_555  ? 
34 AC7 17 CYS A 125 ? CYS A 113 . ? 1_555  ? 
35 AC7 17 PHE A 127 ? PHE A 115 . ? 1_555  ? 
36 AC7 17 GLU A 128 ? GLU A 116 . ? 1_555  ? 
37 AC7 17 HOH I .   ? HOH A 208 . ? 1_555  ? 
38 AC7 17 HOH I .   ? HOH A 210 . ? 1_555  ? 
# 
_pdbx_entry_details.entry_id                   1VK9 
_pdbx_entry_details.compound_details           ? 
_pdbx_entry_details.source_details             ? 
_pdbx_entry_details.nonpolymer_details         ? 
_pdbx_entry_details.sequence_details           ? 
_pdbx_entry_details.has_ligand_of_interest     ? 
_pdbx_entry_details.has_protein_modification   Y 
# 
loop_
_pdbx_validate_close_contact.id 
_pdbx_validate_close_contact.PDB_model_num 
_pdbx_validate_close_contact.auth_atom_id_1 
_pdbx_validate_close_contact.auth_asym_id_1 
_pdbx_validate_close_contact.auth_comp_id_1 
_pdbx_validate_close_contact.auth_seq_id_1 
_pdbx_validate_close_contact.PDB_ins_code_1 
_pdbx_validate_close_contact.label_alt_id_1 
_pdbx_validate_close_contact.auth_atom_id_2 
_pdbx_validate_close_contact.auth_asym_id_2 
_pdbx_validate_close_contact.auth_comp_id_2 
_pdbx_validate_close_contact.auth_seq_id_2 
_pdbx_validate_close_contact.PDB_ins_code_2 
_pdbx_validate_close_contact.label_alt_id_2 
_pdbx_validate_close_contact.dist 
1 1 OE2 A GLU 99  ? ? O28 A UNL 201 ? ? 1.80 
2 1 OD1 A ASP 56  ? ? O4  A UNL 201 ? ? 1.95 
3 1 O28 A UNL 201 ? ? O   A HOH 210 ? ? 1.99 
4 1 SG  A CYS 113 ? ? O29 A UNL 201 ? ? 2.00 
# 
_pdbx_validate_rmsd_angle.id                         1 
_pdbx_validate_rmsd_angle.PDB_model_num              1 
_pdbx_validate_rmsd_angle.auth_atom_id_1             CB 
_pdbx_validate_rmsd_angle.auth_asym_id_1             A 
_pdbx_validate_rmsd_angle.auth_comp_id_1             ASP 
_pdbx_validate_rmsd_angle.auth_seq_id_1              98 
_pdbx_validate_rmsd_angle.PDB_ins_code_1             ? 
_pdbx_validate_rmsd_angle.label_alt_id_1             ? 
_pdbx_validate_rmsd_angle.auth_atom_id_2             CG 
_pdbx_validate_rmsd_angle.auth_asym_id_2             A 
_pdbx_validate_rmsd_angle.auth_comp_id_2             ASP 
_pdbx_validate_rmsd_angle.auth_seq_id_2              98 
_pdbx_validate_rmsd_angle.PDB_ins_code_2             ? 
_pdbx_validate_rmsd_angle.label_alt_id_2             ? 
_pdbx_validate_rmsd_angle.auth_atom_id_3             OD2 
_pdbx_validate_rmsd_angle.auth_asym_id_3             A 
_pdbx_validate_rmsd_angle.auth_comp_id_3             ASP 
_pdbx_validate_rmsd_angle.auth_seq_id_3              98 
_pdbx_validate_rmsd_angle.PDB_ins_code_3             ? 
_pdbx_validate_rmsd_angle.label_alt_id_3             ? 
_pdbx_validate_rmsd_angle.angle_value                124.38 
_pdbx_validate_rmsd_angle.angle_target_value         118.30 
_pdbx_validate_rmsd_angle.angle_deviation            6.08 
_pdbx_validate_rmsd_angle.angle_standard_deviation   0.90 
_pdbx_validate_rmsd_angle.linker_flag                N 
# 
_pdbx_validate_torsion.id              1 
_pdbx_validate_torsion.PDB_model_num   1 
_pdbx_validate_torsion.auth_comp_id    ASP 
_pdbx_validate_torsion.auth_asym_id    A 
_pdbx_validate_torsion.auth_seq_id     17 
_pdbx_validate_torsion.PDB_ins_code    ? 
_pdbx_validate_torsion.label_alt_id    ? 
_pdbx_validate_torsion.phi             35.07 
_pdbx_validate_torsion.psi             58.04 
# 
_pdbx_SG_project.id                    1 
_pdbx_SG_project.project_name          'PSI, Protein Structure Initiative' 
_pdbx_SG_project.full_name_of_center   'Joint Center for Structural Genomics' 
_pdbx_SG_project.initial_of_center     JCSG 
# 
loop_
_pdbx_struct_mod_residue.id 
_pdbx_struct_mod_residue.label_asym_id 
_pdbx_struct_mod_residue.label_comp_id 
_pdbx_struct_mod_residue.label_seq_id 
_pdbx_struct_mod_residue.auth_asym_id 
_pdbx_struct_mod_residue.auth_comp_id 
_pdbx_struct_mod_residue.auth_seq_id 
_pdbx_struct_mod_residue.PDB_ins_code 
_pdbx_struct_mod_residue.parent_comp_id 
_pdbx_struct_mod_residue.details 
1 A MSE 70  A MSE 58  ? MET SELENOMETHIONINE 
2 A MSE 82  A MSE 70  ? MET SELENOMETHIONINE 
3 A MSE 100 A MSE 88  ? MET SELENOMETHIONINE 
4 A MSE 124 A MSE 112 ? MET SELENOMETHIONINE 
5 A MSE 134 A MSE 122 ? MET SELENOMETHIONINE 
# 
_pdbx_struct_special_symmetry.id              1 
_pdbx_struct_special_symmetry.PDB_model_num   1 
_pdbx_struct_special_symmetry.auth_asym_id    A 
_pdbx_struct_special_symmetry.auth_comp_id    ZN 
_pdbx_struct_special_symmetry.auth_seq_id     145 
_pdbx_struct_special_symmetry.PDB_ins_code    ? 
_pdbx_struct_special_symmetry.label_asym_id   G 
_pdbx_struct_special_symmetry.label_comp_id   ZN 
_pdbx_struct_special_symmetry.label_seq_id    . 
# 
loop_
_pdbx_refine_tls.id 
_pdbx_refine_tls.details 
_pdbx_refine_tls.method 
_pdbx_refine_tls.origin_x 
_pdbx_refine_tls.origin_y 
_pdbx_refine_tls.origin_z 
_pdbx_refine_tls.T[1][1] 
_pdbx_refine_tls.T[2][2] 
_pdbx_refine_tls.T[3][3] 
_pdbx_refine_tls.T[1][2] 
_pdbx_refine_tls.T[1][3] 
_pdbx_refine_tls.T[2][3] 
_pdbx_refine_tls.L[1][1] 
_pdbx_refine_tls.L[2][2] 
_pdbx_refine_tls.L[3][3] 
_pdbx_refine_tls.L[1][2] 
_pdbx_refine_tls.L[1][3] 
_pdbx_refine_tls.L[2][3] 
_pdbx_refine_tls.S[1][1] 
_pdbx_refine_tls.S[2][2] 
_pdbx_refine_tls.S[3][3] 
_pdbx_refine_tls.S[1][2] 
_pdbx_refine_tls.S[1][3] 
_pdbx_refine_tls.S[2][3] 
_pdbx_refine_tls.S[2][1] 
_pdbx_refine_tls.S[3][1] 
_pdbx_refine_tls.S[3][2] 
_pdbx_refine_tls.pdbx_refine_id 
1 . refined 0.1380  -0.2955 -0.1018 0.5121 0.2059 0.2661 -0.1220 -0.1017 0.0442 1.8187  6.1828  1.9684 -0.5045 -0.3194 1.0834 -0.0889 0.2656 -0.1766 0.1067 0.2390 0.3505 -1.0723 -0.4932 0.0941  'X-RAY DIFFRACTION' 
2 . refined -3.0011 11.7341 1.6973  0.2051 0.0262 0.0887 0.0486  0.0477  0.0451 14.0660 -2.9612 3.7989 7.7774  9.9780  7.7464 -0.1402 0.0228 0.1174  0.2681 0.3568 0.0490 -0.5506 -0.4743 -0.8747 'X-RAY DIFFRACTION' 
# 
loop_
_pdbx_refine_tls_group.id 
_pdbx_refine_tls_group.refine_tls_id 
_pdbx_refine_tls_group.beg_label_asym_id 
_pdbx_refine_tls_group.beg_label_seq_id 
_pdbx_refine_tls_group.end_label_asym_id 
_pdbx_refine_tls_group.end_label_seq_id 
_pdbx_refine_tls_group.selection 
_pdbx_refine_tls_group.beg_auth_asym_id 
_pdbx_refine_tls_group.beg_auth_seq_id 
_pdbx_refine_tls_group.end_auth_asym_id 
_pdbx_refine_tls_group.end_auth_seq_id 
_pdbx_refine_tls_group.pdbx_refine_id 
_pdbx_refine_tls_group.selection_details 
1 1 A 2 A 148 ALL A -10 A 136 'X-RAY DIFFRACTION' ? 
2 2 H 1 H 1   ALL A 201 A 201 'X-RAY DIFFRACTION' ? 
# 
_pdbx_database_remark.id     999 
_pdbx_database_remark.text   
;SEQUENCE
FOR THE VAL/MET CONFLICT AT RESIDUE 1:
THIS GENE USES AN ALTERNATE INITIATION CODON
THAT RESULTS IN A VALINE AT POSITION 1 WHEN
EXPRESSED AS A FUSION. 
;
# 
loop_
_pdbx_unobs_or_zero_occ_residues.id 
_pdbx_unobs_or_zero_occ_residues.PDB_model_num 
_pdbx_unobs_or_zero_occ_residues.polymer_flag 
_pdbx_unobs_or_zero_occ_residues.occupancy_flag 
_pdbx_unobs_or_zero_occ_residues.auth_asym_id 
_pdbx_unobs_or_zero_occ_residues.auth_comp_id 
_pdbx_unobs_or_zero_occ_residues.auth_seq_id 
_pdbx_unobs_or_zero_occ_residues.PDB_ins_code 
_pdbx_unobs_or_zero_occ_residues.label_asym_id 
_pdbx_unobs_or_zero_occ_residues.label_comp_id 
_pdbx_unobs_or_zero_occ_residues.label_seq_id 
1 1 Y 1 A MET -11 ? A MET 1   
2 1 Y 1 A THR 137 ? A THR 149 
3 1 Y 1 A SER 138 ? A SER 150 
4 1 Y 1 A LEU 139 ? A LEU 151 
# 
loop_
_chem_comp_atom.comp_id 
_chem_comp_atom.atom_id 
_chem_comp_atom.type_symbol 
_chem_comp_atom.pdbx_aromatic_flag 
_chem_comp_atom.pdbx_stereo_config 
_chem_comp_atom.pdbx_ordinal 
ALA N    N  N N 1   
ALA CA   C  N S 2   
ALA C    C  N N 3   
ALA O    O  N N 4   
ALA CB   C  N N 5   
ALA OXT  O  N N 6   
ALA H    H  N N 7   
ALA H2   H  N N 8   
ALA HA   H  N N 9   
ALA HB1  H  N N 10  
ALA HB2  H  N N 11  
ALA HB3  H  N N 12  
ALA HXT  H  N N 13  
ARG N    N  N N 14  
ARG CA   C  N S 15  
ARG C    C  N N 16  
ARG O    O  N N 17  
ARG CB   C  N N 18  
ARG CG   C  N N 19  
ARG CD   C  N N 20  
ARG NE   N  N N 21  
ARG CZ   C  N N 22  
ARG NH1  N  N N 23  
ARG NH2  N  N N 24  
ARG OXT  O  N N 25  
ARG H    H  N N 26  
ARG H2   H  N N 27  
ARG HA   H  N N 28  
ARG HB2  H  N N 29  
ARG HB3  H  N N 30  
ARG HG2  H  N N 31  
ARG HG3  H  N N 32  
ARG HD2  H  N N 33  
ARG HD3  H  N N 34  
ARG HE   H  N N 35  
ARG HH11 H  N N 36  
ARG HH12 H  N N 37  
ARG HH21 H  N N 38  
ARG HH22 H  N N 39  
ARG HXT  H  N N 40  
ASN N    N  N N 41  
ASN CA   C  N S 42  
ASN C    C  N N 43  
ASN O    O  N N 44  
ASN CB   C  N N 45  
ASN CG   C  N N 46  
ASN OD1  O  N N 47  
ASN ND2  N  N N 48  
ASN OXT  O  N N 49  
ASN H    H  N N 50  
ASN H2   H  N N 51  
ASN HA   H  N N 52  
ASN HB2  H  N N 53  
ASN HB3  H  N N 54  
ASN HD21 H  N N 55  
ASN HD22 H  N N 56  
ASN HXT  H  N N 57  
ASP N    N  N N 58  
ASP CA   C  N S 59  
ASP C    C  N N 60  
ASP O    O  N N 61  
ASP CB   C  N N 62  
ASP CG   C  N N 63  
ASP OD1  O  N N 64  
ASP OD2  O  N N 65  
ASP OXT  O  N N 66  
ASP H    H  N N 67  
ASP H2   H  N N 68  
ASP HA   H  N N 69  
ASP HB2  H  N N 70  
ASP HB3  H  N N 71  
ASP HD2  H  N N 72  
ASP HXT  H  N N 73  
CYS N    N  N N 74  
CYS CA   C  N R 75  
CYS C    C  N N 76  
CYS O    O  N N 77  
CYS CB   C  N N 78  
CYS SG   S  N N 79  
CYS OXT  O  N N 80  
CYS H    H  N N 81  
CYS H2   H  N N 82  
CYS HA   H  N N 83  
CYS HB2  H  N N 84  
CYS HB3  H  N N 85  
CYS HG   H  N N 86  
CYS HXT  H  N N 87  
GLN N    N  N N 88  
GLN CA   C  N S 89  
GLN C    C  N N 90  
GLN O    O  N N 91  
GLN CB   C  N N 92  
GLN CG   C  N N 93  
GLN CD   C  N N 94  
GLN OE1  O  N N 95  
GLN NE2  N  N N 96  
GLN OXT  O  N N 97  
GLN H    H  N N 98  
GLN H2   H  N N 99  
GLN HA   H  N N 100 
GLN HB2  H  N N 101 
GLN HB3  H  N N 102 
GLN HG2  H  N N 103 
GLN HG3  H  N N 104 
GLN HE21 H  N N 105 
GLN HE22 H  N N 106 
GLN HXT  H  N N 107 
GLU N    N  N N 108 
GLU CA   C  N S 109 
GLU C    C  N N 110 
GLU O    O  N N 111 
GLU CB   C  N N 112 
GLU CG   C  N N 113 
GLU CD   C  N N 114 
GLU OE1  O  N N 115 
GLU OE2  O  N N 116 
GLU OXT  O  N N 117 
GLU H    H  N N 118 
GLU H2   H  N N 119 
GLU HA   H  N N 120 
GLU HB2  H  N N 121 
GLU HB3  H  N N 122 
GLU HG2  H  N N 123 
GLU HG3  H  N N 124 
GLU HE2  H  N N 125 
GLU HXT  H  N N 126 
GLY N    N  N N 127 
GLY CA   C  N N 128 
GLY C    C  N N 129 
GLY O    O  N N 130 
GLY OXT  O  N N 131 
GLY H    H  N N 132 
GLY H2   H  N N 133 
GLY HA2  H  N N 134 
GLY HA3  H  N N 135 
GLY HXT  H  N N 136 
HIS N    N  N N 137 
HIS CA   C  N S 138 
HIS C    C  N N 139 
HIS O    O  N N 140 
HIS CB   C  N N 141 
HIS CG   C  Y N 142 
HIS ND1  N  Y N 143 
HIS CD2  C  Y N 144 
HIS CE1  C  Y N 145 
HIS NE2  N  Y N 146 
HIS OXT  O  N N 147 
HIS H    H  N N 148 
HIS H2   H  N N 149 
HIS HA   H  N N 150 
HIS HB2  H  N N 151 
HIS HB3  H  N N 152 
HIS HD1  H  N N 153 
HIS HD2  H  N N 154 
HIS HE1  H  N N 155 
HIS HE2  H  N N 156 
HIS HXT  H  N N 157 
HOH O    O  N N 158 
HOH H1   H  N N 159 
HOH H2   H  N N 160 
ILE N    N  N N 161 
ILE CA   C  N S 162 
ILE C    C  N N 163 
ILE O    O  N N 164 
ILE CB   C  N S 165 
ILE CG1  C  N N 166 
ILE CG2  C  N N 167 
ILE CD1  C  N N 168 
ILE OXT  O  N N 169 
ILE H    H  N N 170 
ILE H2   H  N N 171 
ILE HA   H  N N 172 
ILE HB   H  N N 173 
ILE HG12 H  N N 174 
ILE HG13 H  N N 175 
ILE HG21 H  N N 176 
ILE HG22 H  N N 177 
ILE HG23 H  N N 178 
ILE HD11 H  N N 179 
ILE HD12 H  N N 180 
ILE HD13 H  N N 181 
ILE HXT  H  N N 182 
LEU N    N  N N 183 
LEU CA   C  N S 184 
LEU C    C  N N 185 
LEU O    O  N N 186 
LEU CB   C  N N 187 
LEU CG   C  N N 188 
LEU CD1  C  N N 189 
LEU CD2  C  N N 190 
LEU OXT  O  N N 191 
LEU H    H  N N 192 
LEU H2   H  N N 193 
LEU HA   H  N N 194 
LEU HB2  H  N N 195 
LEU HB3  H  N N 196 
LEU HG   H  N N 197 
LEU HD11 H  N N 198 
LEU HD12 H  N N 199 
LEU HD13 H  N N 200 
LEU HD21 H  N N 201 
LEU HD22 H  N N 202 
LEU HD23 H  N N 203 
LEU HXT  H  N N 204 
LYS N    N  N N 205 
LYS CA   C  N S 206 
LYS C    C  N N 207 
LYS O    O  N N 208 
LYS CB   C  N N 209 
LYS CG   C  N N 210 
LYS CD   C  N N 211 
LYS CE   C  N N 212 
LYS NZ   N  N N 213 
LYS OXT  O  N N 214 
LYS H    H  N N 215 
LYS H2   H  N N 216 
LYS HA   H  N N 217 
LYS HB2  H  N N 218 
LYS HB3  H  N N 219 
LYS HG2  H  N N 220 
LYS HG3  H  N N 221 
LYS HD2  H  N N 222 
LYS HD3  H  N N 223 
LYS HE2  H  N N 224 
LYS HE3  H  N N 225 
LYS HZ1  H  N N 226 
LYS HZ2  H  N N 227 
LYS HZ3  H  N N 228 
LYS HXT  H  N N 229 
MET N    N  N N 230 
MET CA   C  N S 231 
MET C    C  N N 232 
MET O    O  N N 233 
MET CB   C  N N 234 
MET CG   C  N N 235 
MET SD   S  N N 236 
MET CE   C  N N 237 
MET OXT  O  N N 238 
MET H    H  N N 239 
MET H2   H  N N 240 
MET HA   H  N N 241 
MET HB2  H  N N 242 
MET HB3  H  N N 243 
MET HG2  H  N N 244 
MET HG3  H  N N 245 
MET HE1  H  N N 246 
MET HE2  H  N N 247 
MET HE3  H  N N 248 
MET HXT  H  N N 249 
MSE N    N  N N 250 
MSE CA   C  N S 251 
MSE C    C  N N 252 
MSE O    O  N N 253 
MSE OXT  O  N N 254 
MSE CB   C  N N 255 
MSE CG   C  N N 256 
MSE SE   SE N N 257 
MSE CE   C  N N 258 
MSE H    H  N N 259 
MSE H2   H  N N 260 
MSE HA   H  N N 261 
MSE HXT  H  N N 262 
MSE HB2  H  N N 263 
MSE HB3  H  N N 264 
MSE HG2  H  N N 265 
MSE HG3  H  N N 266 
MSE HE1  H  N N 267 
MSE HE2  H  N N 268 
MSE HE3  H  N N 269 
PHE N    N  N N 270 
PHE CA   C  N S 271 
PHE C    C  N N 272 
PHE O    O  N N 273 
PHE CB   C  N N 274 
PHE CG   C  Y N 275 
PHE CD1  C  Y N 276 
PHE CD2  C  Y N 277 
PHE CE1  C  Y N 278 
PHE CE2  C  Y N 279 
PHE CZ   C  Y N 280 
PHE OXT  O  N N 281 
PHE H    H  N N 282 
PHE H2   H  N N 283 
PHE HA   H  N N 284 
PHE HB2  H  N N 285 
PHE HB3  H  N N 286 
PHE HD1  H  N N 287 
PHE HD2  H  N N 288 
PHE HE1  H  N N 289 
PHE HE2  H  N N 290 
PHE HZ   H  N N 291 
PHE HXT  H  N N 292 
PRO N    N  N N 293 
PRO CA   C  N S 294 
PRO C    C  N N 295 
PRO O    O  N N 296 
PRO CB   C  N N 297 
PRO CG   C  N N 298 
PRO CD   C  N N 299 
PRO OXT  O  N N 300 
PRO H    H  N N 301 
PRO HA   H  N N 302 
PRO HB2  H  N N 303 
PRO HB3  H  N N 304 
PRO HG2  H  N N 305 
PRO HG3  H  N N 306 
PRO HD2  H  N N 307 
PRO HD3  H  N N 308 
PRO HXT  H  N N 309 
SER N    N  N N 310 
SER CA   C  N S 311 
SER C    C  N N 312 
SER O    O  N N 313 
SER CB   C  N N 314 
SER OG   O  N N 315 
SER OXT  O  N N 316 
SER H    H  N N 317 
SER H2   H  N N 318 
SER HA   H  N N 319 
SER HB2  H  N N 320 
SER HB3  H  N N 321 
SER HG   H  N N 322 
SER HXT  H  N N 323 
THR N    N  N N 324 
THR CA   C  N S 325 
THR C    C  N N 326 
THR O    O  N N 327 
THR CB   C  N R 328 
THR OG1  O  N N 329 
THR CG2  C  N N 330 
THR OXT  O  N N 331 
THR H    H  N N 332 
THR H2   H  N N 333 
THR HA   H  N N 334 
THR HB   H  N N 335 
THR HG1  H  N N 336 
THR HG21 H  N N 337 
THR HG22 H  N N 338 
THR HG23 H  N N 339 
THR HXT  H  N N 340 
TYR N    N  N N 341 
TYR CA   C  N S 342 
TYR C    C  N N 343 
TYR O    O  N N 344 
TYR CB   C  N N 345 
TYR CG   C  Y N 346 
TYR CD1  C  Y N 347 
TYR CD2  C  Y N 348 
TYR CE1  C  Y N 349 
TYR CE2  C  Y N 350 
TYR CZ   C  Y N 351 
TYR OH   O  N N 352 
TYR OXT  O  N N 353 
TYR H    H  N N 354 
TYR H2   H  N N 355 
TYR HA   H  N N 356 
TYR HB2  H  N N 357 
TYR HB3  H  N N 358 
TYR HD1  H  N N 359 
TYR HD2  H  N N 360 
TYR HE1  H  N N 361 
TYR HE2  H  N N 362 
TYR HH   H  N N 363 
TYR HXT  H  N N 364 
VAL N    N  N N 365 
VAL CA   C  N S 366 
VAL C    C  N N 367 
VAL O    O  N N 368 
VAL CB   C  N N 369 
VAL CG1  C  N N 370 
VAL CG2  C  N N 371 
VAL OXT  O  N N 372 
VAL H    H  N N 373 
VAL H2   H  N N 374 
VAL HA   H  N N 375 
VAL HB   H  N N 376 
VAL HG11 H  N N 377 
VAL HG12 H  N N 378 
VAL HG13 H  N N 379 
VAL HG21 H  N N 380 
VAL HG22 H  N N 381 
VAL HG23 H  N N 382 
VAL HXT  H  N N 383 
ZN  ZN   ZN N N 384 
# 
loop_
_chem_comp_bond.comp_id 
_chem_comp_bond.atom_id_1 
_chem_comp_bond.atom_id_2 
_chem_comp_bond.value_order 
_chem_comp_bond.pdbx_aromatic_flag 
_chem_comp_bond.pdbx_stereo_config 
_chem_comp_bond.pdbx_ordinal 
ALA N   CA   sing N N 1   
ALA N   H    sing N N 2   
ALA N   H2   sing N N 3   
ALA CA  C    sing N N 4   
ALA CA  CB   sing N N 5   
ALA CA  HA   sing N N 6   
ALA C   O    doub N N 7   
ALA C   OXT  sing N N 8   
ALA CB  HB1  sing N N 9   
ALA CB  HB2  sing N N 10  
ALA CB  HB3  sing N N 11  
ALA OXT HXT  sing N N 12  
ARG N   CA   sing N N 13  
ARG N   H    sing N N 14  
ARG N   H2   sing N N 15  
ARG CA  C    sing N N 16  
ARG CA  CB   sing N N 17  
ARG CA  HA   sing N N 18  
ARG C   O    doub N N 19  
ARG C   OXT  sing N N 20  
ARG CB  CG   sing N N 21  
ARG CB  HB2  sing N N 22  
ARG CB  HB3  sing N N 23  
ARG CG  CD   sing N N 24  
ARG CG  HG2  sing N N 25  
ARG CG  HG3  sing N N 26  
ARG CD  NE   sing N N 27  
ARG CD  HD2  sing N N 28  
ARG CD  HD3  sing N N 29  
ARG NE  CZ   sing N N 30  
ARG NE  HE   sing N N 31  
ARG CZ  NH1  sing N N 32  
ARG CZ  NH2  doub N N 33  
ARG NH1 HH11 sing N N 34  
ARG NH1 HH12 sing N N 35  
ARG NH2 HH21 sing N N 36  
ARG NH2 HH22 sing N N 37  
ARG OXT HXT  sing N N 38  
ASN N   CA   sing N N 39  
ASN N   H    sing N N 40  
ASN N   H2   sing N N 41  
ASN CA  C    sing N N 42  
ASN CA  CB   sing N N 43  
ASN CA  HA   sing N N 44  
ASN C   O    doub N N 45  
ASN C   OXT  sing N N 46  
ASN CB  CG   sing N N 47  
ASN CB  HB2  sing N N 48  
ASN CB  HB3  sing N N 49  
ASN CG  OD1  doub N N 50  
ASN CG  ND2  sing N N 51  
ASN ND2 HD21 sing N N 52  
ASN ND2 HD22 sing N N 53  
ASN OXT HXT  sing N N 54  
ASP N   CA   sing N N 55  
ASP N   H    sing N N 56  
ASP N   H2   sing N N 57  
ASP CA  C    sing N N 58  
ASP CA  CB   sing N N 59  
ASP CA  HA   sing N N 60  
ASP C   O    doub N N 61  
ASP C   OXT  sing N N 62  
ASP CB  CG   sing N N 63  
ASP CB  HB2  sing N N 64  
ASP CB  HB3  sing N N 65  
ASP CG  OD1  doub N N 66  
ASP CG  OD2  sing N N 67  
ASP OD2 HD2  sing N N 68  
ASP OXT HXT  sing N N 69  
CYS N   CA   sing N N 70  
CYS N   H    sing N N 71  
CYS N   H2   sing N N 72  
CYS CA  C    sing N N 73  
CYS CA  CB   sing N N 74  
CYS CA  HA   sing N N 75  
CYS C   O    doub N N 76  
CYS C   OXT  sing N N 77  
CYS CB  SG   sing N N 78  
CYS CB  HB2  sing N N 79  
CYS CB  HB3  sing N N 80  
CYS SG  HG   sing N N 81  
CYS OXT HXT  sing N N 82  
GLN N   CA   sing N N 83  
GLN N   H    sing N N 84  
GLN N   H2   sing N N 85  
GLN CA  C    sing N N 86  
GLN CA  CB   sing N N 87  
GLN CA  HA   sing N N 88  
GLN C   O    doub N N 89  
GLN C   OXT  sing N N 90  
GLN CB  CG   sing N N 91  
GLN CB  HB2  sing N N 92  
GLN CB  HB3  sing N N 93  
GLN CG  CD   sing N N 94  
GLN CG  HG2  sing N N 95  
GLN CG  HG3  sing N N 96  
GLN CD  OE1  doub N N 97  
GLN CD  NE2  sing N N 98  
GLN NE2 HE21 sing N N 99  
GLN NE2 HE22 sing N N 100 
GLN OXT HXT  sing N N 101 
GLU N   CA   sing N N 102 
GLU N   H    sing N N 103 
GLU N   H2   sing N N 104 
GLU CA  C    sing N N 105 
GLU CA  CB   sing N N 106 
GLU CA  HA   sing N N 107 
GLU C   O    doub N N 108 
GLU C   OXT  sing N N 109 
GLU CB  CG   sing N N 110 
GLU CB  HB2  sing N N 111 
GLU CB  HB3  sing N N 112 
GLU CG  CD   sing N N 113 
GLU CG  HG2  sing N N 114 
GLU CG  HG3  sing N N 115 
GLU CD  OE1  doub N N 116 
GLU CD  OE2  sing N N 117 
GLU OE2 HE2  sing N N 118 
GLU OXT HXT  sing N N 119 
GLY N   CA   sing N N 120 
GLY N   H    sing N N 121 
GLY N   H2   sing N N 122 
GLY CA  C    sing N N 123 
GLY CA  HA2  sing N N 124 
GLY CA  HA3  sing N N 125 
GLY C   O    doub N N 126 
GLY C   OXT  sing N N 127 
GLY OXT HXT  sing N N 128 
HIS N   CA   sing N N 129 
HIS N   H    sing N N 130 
HIS N   H2   sing N N 131 
HIS CA  C    sing N N 132 
HIS CA  CB   sing N N 133 
HIS CA  HA   sing N N 134 
HIS C   O    doub N N 135 
HIS C   OXT  sing N N 136 
HIS CB  CG   sing N N 137 
HIS CB  HB2  sing N N 138 
HIS CB  HB3  sing N N 139 
HIS CG  ND1  sing Y N 140 
HIS CG  CD2  doub Y N 141 
HIS ND1 CE1  doub Y N 142 
HIS ND1 HD1  sing N N 143 
HIS CD2 NE2  sing Y N 144 
HIS CD2 HD2  sing N N 145 
HIS CE1 NE2  sing Y N 146 
HIS CE1 HE1  sing N N 147 
HIS NE2 HE2  sing N N 148 
HIS OXT HXT  sing N N 149 
HOH O   H1   sing N N 150 
HOH O   H2   sing N N 151 
ILE N   CA   sing N N 152 
ILE N   H    sing N N 153 
ILE N   H2   sing N N 154 
ILE CA  C    sing N N 155 
ILE CA  CB   sing N N 156 
ILE CA  HA   sing N N 157 
ILE C   O    doub N N 158 
ILE C   OXT  sing N N 159 
ILE CB  CG1  sing N N 160 
ILE CB  CG2  sing N N 161 
ILE CB  HB   sing N N 162 
ILE CG1 CD1  sing N N 163 
ILE CG1 HG12 sing N N 164 
ILE CG1 HG13 sing N N 165 
ILE CG2 HG21 sing N N 166 
ILE CG2 HG22 sing N N 167 
ILE CG2 HG23 sing N N 168 
ILE CD1 HD11 sing N N 169 
ILE CD1 HD12 sing N N 170 
ILE CD1 HD13 sing N N 171 
ILE OXT HXT  sing N N 172 
LEU N   CA   sing N N 173 
LEU N   H    sing N N 174 
LEU N   H2   sing N N 175 
LEU CA  C    sing N N 176 
LEU CA  CB   sing N N 177 
LEU CA  HA   sing N N 178 
LEU C   O    doub N N 179 
LEU C   OXT  sing N N 180 
LEU CB  CG   sing N N 181 
LEU CB  HB2  sing N N 182 
LEU CB  HB3  sing N N 183 
LEU CG  CD1  sing N N 184 
LEU CG  CD2  sing N N 185 
LEU CG  HG   sing N N 186 
LEU CD1 HD11 sing N N 187 
LEU CD1 HD12 sing N N 188 
LEU CD1 HD13 sing N N 189 
LEU CD2 HD21 sing N N 190 
LEU CD2 HD22 sing N N 191 
LEU CD2 HD23 sing N N 192 
LEU OXT HXT  sing N N 193 
LYS N   CA   sing N N 194 
LYS N   H    sing N N 195 
LYS N   H2   sing N N 196 
LYS CA  C    sing N N 197 
LYS CA  CB   sing N N 198 
LYS CA  HA   sing N N 199 
LYS C   O    doub N N 200 
LYS C   OXT  sing N N 201 
LYS CB  CG   sing N N 202 
LYS CB  HB2  sing N N 203 
LYS CB  HB3  sing N N 204 
LYS CG  CD   sing N N 205 
LYS CG  HG2  sing N N 206 
LYS CG  HG3  sing N N 207 
LYS CD  CE   sing N N 208 
LYS CD  HD2  sing N N 209 
LYS CD  HD3  sing N N 210 
LYS CE  NZ   sing N N 211 
LYS CE  HE2  sing N N 212 
LYS CE  HE3  sing N N 213 
LYS NZ  HZ1  sing N N 214 
LYS NZ  HZ2  sing N N 215 
LYS NZ  HZ3  sing N N 216 
LYS OXT HXT  sing N N 217 
MET N   CA   sing N N 218 
MET N   H    sing N N 219 
MET N   H2   sing N N 220 
MET CA  C    sing N N 221 
MET CA  CB   sing N N 222 
MET CA  HA   sing N N 223 
MET C   O    doub N N 224 
MET C   OXT  sing N N 225 
MET CB  CG   sing N N 226 
MET CB  HB2  sing N N 227 
MET CB  HB3  sing N N 228 
MET CG  SD   sing N N 229 
MET CG  HG2  sing N N 230 
MET CG  HG3  sing N N 231 
MET SD  CE   sing N N 232 
MET CE  HE1  sing N N 233 
MET CE  HE2  sing N N 234 
MET CE  HE3  sing N N 235 
MET OXT HXT  sing N N 236 
MSE N   CA   sing N N 237 
MSE N   H    sing N N 238 
MSE N   H2   sing N N 239 
MSE CA  C    sing N N 240 
MSE CA  CB   sing N N 241 
MSE CA  HA   sing N N 242 
MSE C   O    doub N N 243 
MSE C   OXT  sing N N 244 
MSE OXT HXT  sing N N 245 
MSE CB  CG   sing N N 246 
MSE CB  HB2  sing N N 247 
MSE CB  HB3  sing N N 248 
MSE CG  SE   sing N N 249 
MSE CG  HG2  sing N N 250 
MSE CG  HG3  sing N N 251 
MSE SE  CE   sing N N 252 
MSE CE  HE1  sing N N 253 
MSE CE  HE2  sing N N 254 
MSE CE  HE3  sing N N 255 
PHE N   CA   sing N N 256 
PHE N   H    sing N N 257 
PHE N   H2   sing N N 258 
PHE CA  C    sing N N 259 
PHE CA  CB   sing N N 260 
PHE CA  HA   sing N N 261 
PHE C   O    doub N N 262 
PHE C   OXT  sing N N 263 
PHE CB  CG   sing N N 264 
PHE CB  HB2  sing N N 265 
PHE CB  HB3  sing N N 266 
PHE CG  CD1  doub Y N 267 
PHE CG  CD2  sing Y N 268 
PHE CD1 CE1  sing Y N 269 
PHE CD1 HD1  sing N N 270 
PHE CD2 CE2  doub Y N 271 
PHE CD2 HD2  sing N N 272 
PHE CE1 CZ   doub Y N 273 
PHE CE1 HE1  sing N N 274 
PHE CE2 CZ   sing Y N 275 
PHE CE2 HE2  sing N N 276 
PHE CZ  HZ   sing N N 277 
PHE OXT HXT  sing N N 278 
PRO N   CA   sing N N 279 
PRO N   CD   sing N N 280 
PRO N   H    sing N N 281 
PRO CA  C    sing N N 282 
PRO CA  CB   sing N N 283 
PRO CA  HA   sing N N 284 
PRO C   O    doub N N 285 
PRO C   OXT  sing N N 286 
PRO CB  CG   sing N N 287 
PRO CB  HB2  sing N N 288 
PRO CB  HB3  sing N N 289 
PRO CG  CD   sing N N 290 
PRO CG  HG2  sing N N 291 
PRO CG  HG3  sing N N 292 
PRO CD  HD2  sing N N 293 
PRO CD  HD3  sing N N 294 
PRO OXT HXT  sing N N 295 
SER N   CA   sing N N 296 
SER N   H    sing N N 297 
SER N   H2   sing N N 298 
SER CA  C    sing N N 299 
SER CA  CB   sing N N 300 
SER CA  HA   sing N N 301 
SER C   O    doub N N 302 
SER C   OXT  sing N N 303 
SER CB  OG   sing N N 304 
SER CB  HB2  sing N N 305 
SER CB  HB3  sing N N 306 
SER OG  HG   sing N N 307 
SER OXT HXT  sing N N 308 
THR N   CA   sing N N 309 
THR N   H    sing N N 310 
THR N   H2   sing N N 311 
THR CA  C    sing N N 312 
THR CA  CB   sing N N 313 
THR CA  HA   sing N N 314 
THR C   O    doub N N 315 
THR C   OXT  sing N N 316 
THR CB  OG1  sing N N 317 
THR CB  CG2  sing N N 318 
THR CB  HB   sing N N 319 
THR OG1 HG1  sing N N 320 
THR CG2 HG21 sing N N 321 
THR CG2 HG22 sing N N 322 
THR CG2 HG23 sing N N 323 
THR OXT HXT  sing N N 324 
TYR N   CA   sing N N 325 
TYR N   H    sing N N 326 
TYR N   H2   sing N N 327 
TYR CA  C    sing N N 328 
TYR CA  CB   sing N N 329 
TYR CA  HA   sing N N 330 
TYR C   O    doub N N 331 
TYR C   OXT  sing N N 332 
TYR CB  CG   sing N N 333 
TYR CB  HB2  sing N N 334 
TYR CB  HB3  sing N N 335 
TYR CG  CD1  doub Y N 336 
TYR CG  CD2  sing Y N 337 
TYR CD1 CE1  sing Y N 338 
TYR CD1 HD1  sing N N 339 
TYR CD2 CE2  doub Y N 340 
TYR CD2 HD2  sing N N 341 
TYR CE1 CZ   doub Y N 342 
TYR CE1 HE1  sing N N 343 
TYR CE2 CZ   sing Y N 344 
TYR CE2 HE2  sing N N 345 
TYR CZ  OH   sing N N 346 
TYR OH  HH   sing N N 347 
TYR OXT HXT  sing N N 348 
VAL N   CA   sing N N 349 
VAL N   H    sing N N 350 
VAL N   H2   sing N N 351 
VAL CA  C    sing N N 352 
VAL CA  CB   sing N N 353 
VAL CA  HA   sing N N 354 
VAL C   O    doub N N 355 
VAL C   OXT  sing N N 356 
VAL CB  CG1  sing N N 357 
VAL CB  CG2  sing N N 358 
VAL CB  HB   sing N N 359 
VAL CG1 HG11 sing N N 360 
VAL CG1 HG12 sing N N 361 
VAL CG1 HG13 sing N N 362 
VAL CG2 HG21 sing N N 363 
VAL CG2 HG22 sing N N 364 
VAL CG2 HG23 sing N N 365 
VAL OXT HXT  sing N N 366 
# 
_atom_sites.entry_id                    1VK9 
_atom_sites.fract_transf_matrix[1][1]   -0.00598072 
_atom_sites.fract_transf_matrix[1][2]   -0.00617422 
_atom_sites.fract_transf_matrix[1][3]   -0.00127069 
_atom_sites.fract_transf_matrix[2][1]   -0.00819749 
_atom_sites.fract_transf_matrix[2][2]   0.00129634 
_atom_sites.fract_transf_matrix[2][3]   0.00257283 
_atom_sites.fract_transf_matrix[3][1]   -0.00328050 
_atom_sites.fract_transf_matrix[3][2]   0.00594535 
_atom_sites.fract_transf_matrix[3][3]   -0.01344787 
_atom_sites.fract_transf_vector[1]      0.403990 
_atom_sites.fract_transf_vector[2]      0.541398 
_atom_sites.fract_transf_vector[3]      0.572678 
# 
loop_
_atom_type.symbol 
C  
N  
O  
S  
SE 
ZN 
# 
loop_
_atom_site.group_PDB 
_atom_site.id 
_atom_site.type_symbol 
_atom_site.label_atom_id 
_atom_site.label_alt_id 
_atom_site.label_comp_id 
_atom_site.label_asym_id 
_atom_site.label_entity_id 
_atom_site.label_seq_id 
_atom_site.pdbx_PDB_ins_code 
_atom_site.Cartn_x 
_atom_site.Cartn_y 
_atom_site.Cartn_z 
_atom_site.occupancy 
_atom_site.B_iso_or_equiv 
_atom_site.pdbx_formal_charge 
_atom_site.auth_seq_id 
_atom_site.auth_comp_id 
_atom_site.auth_asym_id 
_atom_site.auth_atom_id 
_atom_site.pdbx_PDB_model_num 
ATOM   1    N  N   . GLY A 1 2   ? -3.140  -24.568 -3.777  1.00 23.38  ? -10 GLY A N   1 
ATOM   2    C  CA  . GLY A 1 2   ? -1.779  -24.225 -3.259  1.00 23.97  ? -10 GLY A CA  1 
ATOM   3    C  C   . GLY A 1 2   ? -1.400  -25.064 -2.055  1.00 22.13  ? -10 GLY A C   1 
ATOM   4    O  O   . GLY A 1 2   ? -2.229  -25.234 -1.184  1.00 23.12  ? -10 GLY A O   1 
ATOM   5    N  N   . SER A 1 3   ? -0.165  -25.573 -1.996  1.00 20.58  ? -9  SER A N   1 
ATOM   6    C  CA  . SER A 1 3   ? 0.337   -26.312 -0.828  1.00 19.24  ? -9  SER A CA  1 
ATOM   7    C  C   . SER A 1 3   ? 0.648   -25.421 0.370   1.00 22.56  ? -9  SER A C   1 
ATOM   8    O  O   . SER A 1 3   ? 1.341   -24.411 0.240   1.00 27.34  ? -9  SER A O   1 
ATOM   9    C  CB  . SER A 1 3   ? 1.609   -27.049 -1.195  1.00 18.12  ? -9  SER A CB  1 
ATOM   10   O  OG  . SER A 1 3   ? 2.127   -27.711 -0.063  1.00 14.04  ? -9  SER A OG  1 
ATOM   11   N  N   . ASP A 1 4   ? 0.145   -25.787 1.545   1.00 23.14  ? -8  ASP A N   1 
ATOM   12   C  CA  . ASP A 1 4   ? 0.478   -25.059 2.769   1.00 21.81  ? -8  ASP A CA  1 
ATOM   13   C  C   . ASP A 1 4   ? 1.914   -25.391 3.194   1.00 24.47  ? -8  ASP A C   1 
ATOM   14   O  O   . ASP A 1 4   ? 2.427   -24.822 4.155   1.00 31.68  ? -8  ASP A O   1 
ATOM   15   C  CB  . ASP A 1 4   ? -0.493  -25.391 3.910   1.00 18.14  ? -8  ASP A CB  1 
ATOM   16   C  CG  . ASP A 1 4   ? -1.856  -24.686 3.794   1.00 26.22  ? -8  ASP A CG  1 
ATOM   17   O  OD1 . ASP A 1 4   ? -2.073  -23.781 2.944   1.00 21.56  ? -8  ASP A OD1 1 
ATOM   18   O  OD2 . ASP A 1 4   ? -2.803  -24.979 4.560   1.00 35.16  ? -8  ASP A OD2 1 
ATOM   19   N  N   . LYS A 1 5   ? 2.569   -26.308 2.495   1.00 22.29  ? -7  LYS A N   1 
ATOM   20   C  CA  . LYS A 1 5   ? 3.956   -26.617 2.785   1.00 20.05  ? -7  LYS A CA  1 
ATOM   21   C  C   . LYS A 1 5   ? 4.893   -25.760 1.926   1.00 23.86  ? -7  LYS A C   1 
ATOM   22   O  O   . LYS A 1 5   ? 6.088   -25.724 2.172   1.00 30.52  ? -7  LYS A O   1 
ATOM   23   C  CB  . LYS A 1 5   ? 4.235   -28.096 2.550   1.00 17.77  ? -7  LYS A CB  1 
ATOM   24   C  CG  . LYS A 1 5   ? 4.102   -28.985 3.778   1.00 11.09  ? -7  LYS A CG  1 
ATOM   25   C  CD  . LYS A 1 5   ? 4.033   -30.437 3.364   1.00 10.96  ? -7  LYS A CD  1 
ATOM   26   C  CE  . LYS A 1 5   ? 3.625   -31.327 4.506   1.00 13.06  ? -7  LYS A CE  1 
ATOM   27   N  NZ  . LYS A 1 5   ? 3.750   -32.793 4.226   1.00 21.74  ? -7  LYS A NZ  1 
ATOM   28   N  N   . ILE A 1 6   ? 4.370   -25.051 0.929   1.00 22.46  ? -6  ILE A N   1 
ATOM   29   C  CA  . ILE A 1 6   ? 5.209   -24.277 0.017   1.00 19.74  ? -6  ILE A CA  1 
ATOM   30   C  C   . ILE A 1 6   ? 5.036   -22.763 0.250   1.00 23.35  ? -6  ILE A C   1 
ATOM   31   O  O   . ILE A 1 6   ? 3.973   -22.203 0.022   1.00 23.85  ? -6  ILE A O   1 
ATOM   32   C  CB  . ILE A 1 6   ? 4.882   -24.693 -1.415  1.00 17.96  ? -6  ILE A CB  1 
ATOM   33   C  CG1 . ILE A 1 6   ? 5.440   -26.082 -1.670  1.00 18.51  ? -6  ILE A CG1 1 
ATOM   34   C  CG2 . ILE A 1 6   ? 5.480   -23.735 -2.447  1.00 19.55  ? -6  ILE A CG2 1 
ATOM   35   C  CD1 . ILE A 1 6   ? 5.095   -26.619 -2.992  1.00 12.24  ? -6  ILE A CD1 1 
ATOM   36   N  N   . HIS A 1 7   ? 6.076   -22.114 0.746   1.00 27.54  ? -5  HIS A N   1 
ATOM   37   C  CA  . HIS A 1 7   ? 6.048   -20.688 1.030   1.00 31.44  ? -5  HIS A CA  1 
ATOM   38   C  C   . HIS A 1 7   ? 7.050   -19.967 0.136   1.00 31.27  ? -5  HIS A C   1 
ATOM   39   O  O   . HIS A 1 7   ? 8.231   -20.250 0.213   1.00 34.73  ? -5  HIS A O   1 
ATOM   40   C  CB  . HIS A 1 7   ? 6.437   -20.442 2.496   1.00 33.57  ? -5  HIS A CB  1 
ATOM   41   C  CG  . HIS A 1 7   ? 5.706   -21.312 3.490   1.00 56.46  ? -5  HIS A CG  1 
ATOM   42   N  ND1 . HIS A 1 7   ? 4.332   -21.266 3.673   1.00 67.76  ? -5  HIS A ND1 1 
ATOM   43   C  CD2 . HIS A 1 7   ? 6.164   -22.242 4.367   1.00 65.69  ? -5  HIS A CD2 1 
ATOM   44   C  CE1 . HIS A 1 7   ? 3.977   -22.135 4.605   1.00 63.64  ? -5  HIS A CE1 1 
ATOM   45   N  NE2 . HIS A 1 7   ? 5.070   -22.745 5.035   1.00 70.44  ? -5  HIS A NE2 1 
ATOM   46   N  N   . HIS A 1 8   ? 6.608   -19.027 -0.698  1.00 30.56  ? -4  HIS A N   1 
ATOM   47   C  CA  . HIS A 1 8   ? 7.542   -18.115 -1.395  1.00 27.30  ? -4  HIS A CA  1 
ATOM   48   C  C   . HIS A 1 8   ? 8.136   -17.051 -0.451  1.00 26.83  ? -4  HIS A C   1 
ATOM   49   O  O   . HIS A 1 8   ? 7.470   -16.583 0.433   1.00 27.80  ? -4  HIS A O   1 
ATOM   50   C  CB  . HIS A 1 8   ? 6.863   -17.434 -2.575  1.00 25.29  ? -4  HIS A CB  1 
ATOM   51   C  CG  . HIS A 1 8   ? 6.534   -18.357 -3.702  1.00 22.46  ? -4  HIS A CG  1 
ATOM   52   N  ND1 . HIS A 1 8   ? 6.225   -17.903 -4.965  1.00 37.33  ? -4  HIS A ND1 1 
ATOM   53   C  CD2 . HIS A 1 8   ? 6.471   -19.707 -3.766  1.00 24.12  ? -4  HIS A CD2 1 
ATOM   54   C  CE1 . HIS A 1 8   ? 5.976   -18.933 -5.757  1.00 28.59  ? -4  HIS A CE1 1 
ATOM   55   N  NE2 . HIS A 1 8   ? 6.111   -20.039 -5.051  1.00 19.04  ? -4  HIS A NE2 1 
ATOM   56   N  N   . HIS A 1 9   ? 9.401   -16.695 -0.628  1.00 28.07  ? -3  HIS A N   1 
ATOM   57   C  CA  . HIS A 1 9   ? 10.036  -15.635 0.142   1.00 25.94  ? -3  HIS A CA  1 
ATOM   58   C  C   . HIS A 1 9   ? 10.529  -14.586 -0.823  1.00 27.27  ? -3  HIS A C   1 
ATOM   59   O  O   . HIS A 1 9   ? 11.492  -14.795 -1.517  1.00 28.11  ? -3  HIS A O   1 
ATOM   60   C  CB  . HIS A 1 9   ? 11.206  -16.214 0.922   1.00 25.69  ? -3  HIS A CB  1 
ATOM   61   C  CG  . HIS A 1 9   ? 10.792  -17.245 1.921   1.00 30.54  ? -3  HIS A CG  1 
ATOM   62   N  ND1 . HIS A 1 9   ? 10.563  -16.946 3.251   1.00 34.83  ? -3  HIS A ND1 1 
ATOM   63   C  CD2 . HIS A 1 9   ? 10.513  -18.559 1.776   1.00 24.92  ? -3  HIS A CD2 1 
ATOM   64   C  CE1 . HIS A 1 9   ? 10.171  -18.033 3.881   1.00 23.13  ? -3  HIS A CE1 1 
ATOM   65   N  NE2 . HIS A 1 9   ? 10.144  -19.029 3.013   1.00 37.76  ? -3  HIS A NE2 1 
ATOM   66   N  N   . HIS A 1 10  ? 9.839   -13.466 -0.898  1.00 31.11  ? -2  HIS A N   1 
ATOM   67   C  CA  . HIS A 1 10  ? 10.249  -12.346 -1.741  1.00 31.82  ? -2  HIS A CA  1 
ATOM   68   C  C   . HIS A 1 10  ? 10.554  -11.204 -0.770  1.00 33.57  ? -2  HIS A C   1 
ATOM   69   O  O   . HIS A 1 10  ? 9.638   -10.624 -0.222  1.00 36.03  ? -2  HIS A O   1 
ATOM   70   C  CB  . HIS A 1 10  ? 9.090   -11.956 -2.677  1.00 30.21  ? -2  HIS A CB  1 
ATOM   71   C  CG  . HIS A 1 10  ? 8.638   -13.062 -3.586  1.00 30.23  ? -2  HIS A CG  1 
ATOM   72   N  ND1 . HIS A 1 10  ? 9.357   -13.456 -4.697  1.00 35.90  ? -2  HIS A ND1 1 
ATOM   73   C  CD2 . HIS A 1 10  ? 7.531   -13.838 -3.564  1.00 27.79  ? -2  HIS A CD2 1 
ATOM   74   C  CE1 . HIS A 1 10  ? 8.729   -14.450 -5.298  1.00 30.88  ? -2  HIS A CE1 1 
ATOM   75   N  NE2 . HIS A 1 10  ? 7.608   -14.690 -4.643  1.00 36.73  ? -2  HIS A NE2 1 
ATOM   76   N  N   . HIS A 1 11  ? 11.814  -10.912 -0.488  1.00 34.40  ? -1  HIS A N   1 
ATOM   77   C  CA  . HIS A 1 11  ? 12.094  -9.942  0.574   1.00 33.89  ? -1  HIS A CA  1 
ATOM   78   C  C   . HIS A 1 11  ? 12.881  -8.728  0.115   1.00 36.98  ? -1  HIS A C   1 
ATOM   79   O  O   . HIS A 1 11  ? 13.000  -7.760  0.852   1.00 40.45  ? -1  HIS A O   1 
ATOM   80   C  CB  . HIS A 1 11  ? 12.778  -10.603 1.777   1.00 30.75  ? -1  HIS A CB  1 
ATOM   81   C  CG  . HIS A 1 11  ? 11.956  -11.671 2.427   1.00 28.52  ? -1  HIS A CG  1 
ATOM   82   N  ND1 . HIS A 1 11  ? 10.714  -11.420 2.961   1.00 23.00  ? -1  HIS A ND1 1 
ATOM   83   C  CD2 . HIS A 1 11  ? 12.190  -12.996 2.620   1.00 34.85  ? -1  HIS A CD2 1 
ATOM   84   C  CE1 . HIS A 1 11  ? 10.217  -12.543 3.457   1.00 29.02  ? -1  HIS A CE1 1 
ATOM   85   N  NE2 . HIS A 1 11  ? 11.089  -13.515 3.262   1.00 29.67  ? -1  HIS A NE2 1 
ATOM   86   N  N   . HIS A 1 12  ? 13.436  -8.788  -1.087  1.00 40.82  ? 0   HIS A N   1 
ATOM   87   C  CA  . HIS A 1 12  ? 14.161  -7.667  -1.658  1.00 44.25  ? 0   HIS A CA  1 
ATOM   88   C  C   . HIS A 1 12  ? 13.591  -7.236  -3.025  1.00 44.53  ? 0   HIS A C   1 
ATOM   89   O  O   . HIS A 1 12  ? 12.999  -8.027  -3.730  1.00 48.62  ? 0   HIS A O   1 
ATOM   90   C  CB  . HIS A 1 12  ? 15.695  -7.908  -1.639  1.00 43.62  ? 0   HIS A CB  1 
ATOM   91   C  CG  . HIS A 1 12  ? 16.485  -6.758  -1.020  1.00 58.14  ? 0   HIS A CG  1 
ATOM   92   N  ND1 . HIS A 1 12  ? 15.885  -5.669  -0.398  1.00 50.18  ? 0   HIS A ND1 1 
ATOM   93   C  CD2 . HIS A 1 12  ? 17.822  -6.522  -0.965  1.00 53.40  ? 0   HIS A CD2 1 
ATOM   94   C  CE1 . HIS A 1 12  ? 16.813  -4.839  0.034   1.00 41.04  ? 0   HIS A CE1 1 
ATOM   95   N  NE2 . HIS A 1 12  ? 17.995  -5.331  -0.301  1.00 54.78  ? 0   HIS A NE2 1 
ATOM   96   N  N   . VAL A 1 13  ? 13.701  -5.958  -3.362  1.00 45.59  ? 1   VAL A N   1 
ATOM   97   C  CA  . VAL A 1 13  ? 13.332  -5.472  -4.700  1.00 43.48  ? 1   VAL A CA  1 
ATOM   98   C  C   . VAL A 1 13  ? 14.590  -5.082  -5.495  1.00 42.82  ? 1   VAL A C   1 
ATOM   99   O  O   . VAL A 1 13  ? 15.546  -4.564  -4.921  1.00 39.96  ? 1   VAL A O   1 
ATOM   100  C  CB  . VAL A 1 13  ? 12.327  -4.283  -4.626  1.00 42.81  ? 1   VAL A CB  1 
ATOM   101  C  CG1 . VAL A 1 13  ? 12.975  -3.023  -4.050  1.00 31.76  ? 1   VAL A CG1 1 
ATOM   102  C  CG2 . VAL A 1 13  ? 11.675  -4.028  -5.978  1.00 41.78  ? 1   VAL A CG2 1 
ATOM   103  N  N   . GLU A 1 14  ? 14.599  -5.350  -6.799  1.00 45.15  ? 2   GLU A N   1 
ATOM   104  C  CA  . GLU A 1 14  ? 15.716  -4.902  -7.623  1.00 48.91  ? 2   GLU A CA  1 
ATOM   105  C  C   . GLU A 1 14  ? 15.659  -3.360  -7.786  1.00 49.09  ? 2   GLU A C   1 
ATOM   106  O  O   . GLU A 1 14  ? 14.610  -2.785  -8.125  1.00 47.53  ? 2   GLU A O   1 
ATOM   107  C  CB  . GLU A 1 14  ? 15.791  -5.678  -8.952  1.00 50.82  ? 2   GLU A CB  1 
ATOM   108  C  CG  . GLU A 1 14  ? 17.077  -6.491  -9.137  1.00 54.25  ? 2   GLU A CG  1 
ATOM   109  N  N   . LYS A 1 15  ? 16.785  -2.705  -7.495  1.00 49.39  ? 3   LYS A N   1 
ATOM   110  C  CA  . LYS A 1 15  ? 16.848  -1.249  -7.373  1.00 48.63  ? 3   LYS A CA  1 
ATOM   111  C  C   . LYS A 1 15  ? 16.542  -0.498  -8.679  1.00 47.17  ? 3   LYS A C   1 
ATOM   112  O  O   . LYS A 1 15  ? 16.162  0.669   -8.654  1.00 45.75  ? 3   LYS A O   1 
ATOM   113  C  CB  . LYS A 1 15  ? 18.197  -0.815  -6.779  1.00 49.14  ? 3   LYS A CB  1 
ATOM   114  C  CG  . LYS A 1 15  ? 18.098  -0.206  -5.360  1.00 55.80  ? 3   LYS A CG  1 
ATOM   115  N  N   . ASN A 1 16  ? 16.678  -1.169  -9.814  1.00 47.34  ? 4   ASN A N   1 
ATOM   116  C  CA  . ASN A 1 16  ? 16.427  -0.502  -11.086 1.00 49.25  ? 4   ASN A CA  1 
ATOM   117  C  C   . ASN A 1 16  ? 14.973  -0.601  -11.545 1.00 46.77  ? 4   ASN A C   1 
ATOM   118  O  O   . ASN A 1 16  ? 14.556  0.131   -12.449 1.00 47.84  ? 4   ASN A O   1 
ATOM   119  C  CB  . ASN A 1 16  ? 17.411  -0.974  -12.174 1.00 50.54  ? 4   ASN A CB  1 
ATOM   120  C  CG  . ASN A 1 16  ? 17.213  -2.435  -12.544 1.00 60.70  ? 4   ASN A CG  1 
ATOM   121  O  OD1 . ASN A 1 16  ? 16.919  -3.293  -11.684 1.00 66.64  ? 4   ASN A OD1 1 
ATOM   122  N  ND2 . ASN A 1 16  ? 17.361  -2.733  -13.832 1.00 66.57  ? 4   ASN A ND2 1 
ATOM   123  N  N   . LEU A 1 17  ? 14.210  -1.500  -10.923 1.00 43.24  ? 5   LEU A N   1 
ATOM   124  C  CA  . LEU A 1 17  ? 12.782  -1.634  -11.205 1.00 41.75  ? 5   LEU A CA  1 
ATOM   125  C  C   . LEU A 1 17  ? 12.044  -0.539  -10.454 1.00 41.33  ? 5   LEU A C   1 
ATOM   126  O  O   . LEU A 1 17  ? 11.126  0.100   -10.981 1.00 41.36  ? 5   LEU A O   1 
ATOM   127  C  CB  . LEU A 1 17  ? 12.266  -3.006  -10.773 1.00 41.61  ? 5   LEU A CB  1 
ATOM   128  C  CG  . LEU A 1 17  ? 11.755  -3.978  -11.841 1.00 45.77  ? 5   LEU A CG  1 
ATOM   129  C  CD1 . LEU A 1 17  ? 12.892  -4.556  -12.708 1.00 51.70  ? 5   LEU A CD1 1 
ATOM   130  C  CD2 . LEU A 1 17  ? 10.968  -5.103  -11.175 1.00 53.01  ? 5   LEU A CD2 1 
ATOM   131  N  N   . LEU A 1 18  ? 12.457  -0.323  -9.209  1.00 40.02  ? 6   LEU A N   1 
ATOM   132  C  CA  . LEU A 1 18  ? 11.947  0.786   -8.428  1.00 37.38  ? 6   LEU A CA  1 
ATOM   133  C  C   . LEU A 1 18  ? 12.259  2.058   -9.181  1.00 36.17  ? 6   LEU A C   1 
ATOM   134  O  O   . LEU A 1 18  ? 11.373  2.863   -9.405  1.00 35.63  ? 6   LEU A O   1 
ATOM   135  C  CB  . LEU A 1 18  ? 12.569  0.812   -7.033  1.00 36.57  ? 6   LEU A CB  1 
ATOM   136  C  CG  . LEU A 1 18  ? 12.068  1.916   -6.107  1.00 33.24  ? 6   LEU A CG  1 
ATOM   137  C  CD1 . LEU A 1 18  ? 10.549  1.921   -6.065  1.00 34.33  ? 6   LEU A CD1 1 
ATOM   138  C  CD2 . LEU A 1 18  ? 12.659  1.774   -4.717  1.00 29.29  ? 6   LEU A CD2 1 
ATOM   139  N  N   . ARG A 1 19  ? 13.515  2.213   -9.594  1.00 37.12  ? 7   ARG A N   1 
ATOM   140  C  CA  . ARG A 1 19  ? 13.946  3.360   -10.395 1.00 38.46  ? 7   ARG A CA  1 
ATOM   141  C  C   . ARG A 1 19  ? 13.025  3.586   -11.596 1.00 37.33  ? 7   ARG A C   1 
ATOM   142  O  O   . ARG A 1 19  ? 12.589  4.701   -11.831 1.00 38.79  ? 7   ARG A O   1 
ATOM   143  C  CB  . ARG A 1 19  ? 15.381  3.157   -10.874 1.00 40.07  ? 7   ARG A CB  1 
ATOM   144  C  CG  . ARG A 1 19  ? 16.288  4.375   -10.797 1.00 44.52  ? 7   ARG A CG  1 
ATOM   145  C  CD  . ARG A 1 19  ? 17.654  4.132   -11.432 1.00 50.19  ? 7   ARG A CD  1 
ATOM   146  N  NE  . ARG A 1 19  ? 18.604  5.164   -11.043 1.00 55.49  ? 7   ARG A NE  1 
ATOM   147  N  N   . SER A 1 20  ? 12.723  2.521   -12.332 1.00 35.29  ? 8   SER A N   1 
ATOM   148  C  CA  . SER A 1 20  ? 11.861  2.587   -13.508 1.00 34.07  ? 8   SER A CA  1 
ATOM   149  C  C   . SER A 1 20  ? 10.417  2.929   -13.180 1.00 32.93  ? 8   SER A C   1 
ATOM   150  O  O   . SER A 1 20  ? 9.773   3.680   -13.901 1.00 33.20  ? 8   SER A O   1 
ATOM   151  C  CB  . SER A 1 20  ? 11.889  1.254   -14.253 1.00 34.14  ? 8   SER A CB  1 
ATOM   152  O  OG  . SER A 1 20  ? 13.038  1.161   -15.064 1.00 35.92  ? 8   SER A OG  1 
ATOM   153  N  N   . ALA A 1 21  ? 9.899   2.349   -12.108 1.00 33.09  ? 9   ALA A N   1 
ATOM   154  C  CA  . ALA A 1 21  ? 8.508   2.563   -11.733 1.00 32.76  ? 9   ALA A CA  1 
ATOM   155  C  C   . ALA A 1 21  ? 8.303   3.995   -11.276 1.00 33.84  ? 9   ALA A C   1 
ATOM   156  O  O   . ALA A 1 21  ? 7.246   4.570   -11.516 1.00 35.42  ? 9   ALA A O   1 
ATOM   157  C  CB  . ALA A 1 21  ? 8.085   1.586   -10.652 1.00 28.64  ? 9   ALA A CB  1 
ATOM   158  N  N   . LEU A 1 22  ? 9.323   4.561   -10.629 1.00 34.39  ? 10  LEU A N   1 
ATOM   159  C  CA  . LEU A 1 22  ? 9.256   5.915   -10.092 1.00 34.31  ? 10  LEU A CA  1 
ATOM   160  C  C   . LEU A 1 22  ? 9.189   6.908   -11.246 1.00 35.86  ? 10  LEU A C   1 
ATOM   161  O  O   . LEU A 1 22  ? 8.390   7.842   -11.216 1.00 36.52  ? 10  LEU A O   1 
ATOM   162  C  CB  . LEU A 1 22  ? 10.459  6.216   -9.175  1.00 33.33  ? 10  LEU A CB  1 
ATOM   163  C  CG  . LEU A 1 22  ? 10.579  5.576   -7.775  1.00 32.40  ? 10  LEU A CG  1 
ATOM   164  C  CD1 . LEU A 1 22  ? 11.984  5.745   -7.188  1.00 26.60  ? 10  LEU A CD1 1 
ATOM   165  C  CD2 . LEU A 1 22  ? 9.555   6.102   -6.799  1.00 27.42  ? 10  LEU A CD2 1 
ATOM   166  N  N   . LYS A 1 23  ? 10.021  6.689   -12.266 1.00 37.10  ? 11  LYS A N   1 
ATOM   167  C  CA  . LYS A 1 23  ? 9.992   7.476   -13.508 1.00 37.67  ? 11  LYS A CA  1 
ATOM   168  C  C   . LYS A 1 23  ? 8.593   7.513   -14.140 1.00 36.62  ? 11  LYS A C   1 
ATOM   169  O  O   . LYS A 1 23  ? 8.187   8.552   -14.648 1.00 38.12  ? 11  LYS A O   1 
ATOM   170  C  CB  . LYS A 1 23  ? 11.032  6.962   -14.520 1.00 37.23  ? 11  LYS A CB  1 
ATOM   171  C  CG  . LYS A 1 23  ? 12.459  7.471   -14.283 1.00 46.57  ? 11  LYS A CG  1 
ATOM   172  C  CD  . LYS A 1 23  ? 13.000  8.226   -15.525 1.00 64.64  ? 11  LYS A CD  1 
ATOM   173  C  CE  . LYS A 1 23  ? 14.421  7.795   -15.941 1.00 67.97  ? 11  LYS A CE  1 
ATOM   174  N  NZ  . LYS A 1 23  ? 14.670  6.322   -15.783 1.00 65.16  ? 11  LYS A NZ  1 
ATOM   175  N  N   . ILE A 1 24  ? 7.863   6.392   -14.088 1.00 35.29  ? 12  ILE A N   1 
ATOM   176  C  CA  . ILE A 1 24  ? 6.488   6.300   -14.602 1.00 33.60  ? 12  ILE A CA  1 
ATOM   177  C  C   . ILE A 1 24  ? 5.483   7.010   -13.672 1.00 34.04  ? 12  ILE A C   1 
ATOM   178  O  O   . ILE A 1 24  ? 4.689   7.843   -14.124 1.00 32.98  ? 12  ILE A O   1 
ATOM   179  C  CB  . ILE A 1 24  ? 6.089   4.813   -14.892 1.00 33.19  ? 12  ILE A CB  1 
ATOM   180  C  CG1 . ILE A 1 24  ? 6.807   4.300   -16.152 1.00 34.55  ? 12  ILE A CG1 1 
ATOM   181  C  CG2 . ILE A 1 24  ? 4.579   4.660   -15.058 1.00 29.51  ? 12  ILE A CG2 1 
ATOM   182  C  CD1 . ILE A 1 24  ? 6.656   2.786   -16.412 1.00 39.01  ? 12  ILE A CD1 1 
ATOM   183  N  N   . PHE A 1 25  ? 5.527   6.678   -12.382 1.00 34.59  ? 13  PHE A N   1 
ATOM   184  C  CA  . PHE A 1 25  ? 4.724   7.339   -11.355 1.00 34.96  ? 13  PHE A CA  1 
ATOM   185  C  C   . PHE A 1 25  ? 4.835   8.869   -11.411 1.00 37.64  ? 13  PHE A C   1 
ATOM   186  O  O   . PHE A 1 25  ? 3.825   9.582   -11.317 1.00 36.86  ? 13  PHE A O   1 
ATOM   187  C  CB  . PHE A 1 25  ? 5.169   6.850   -9.975  1.00 34.12  ? 13  PHE A CB  1 
ATOM   188  C  CG  . PHE A 1 25  ? 4.161   7.091   -8.876  1.00 31.57  ? 13  PHE A CG  1 
ATOM   189  C  CD1 . PHE A 1 25  ? 3.112   6.197   -8.661  1.00 33.96  ? 13  PHE A CD1 1 
ATOM   190  C  CD2 . PHE A 1 25  ? 4.278   8.189   -8.034  1.00 26.67  ? 13  PHE A CD2 1 
ATOM   191  C  CE1 . PHE A 1 25  ? 2.191   6.408   -7.625  1.00 33.93  ? 13  PHE A CE1 1 
ATOM   192  C  CE2 . PHE A 1 25  ? 3.368   8.412   -7.001  1.00 22.51  ? 13  PHE A CE2 1 
ATOM   193  C  CZ  . PHE A 1 25  ? 2.327   7.522   -6.793  1.00 28.01  ? 13  PHE A CZ  1 
ATOM   194  N  N   . GLU A 1 26  ? 6.067   9.364   -11.559 1.00 40.28  ? 14  GLU A N   1 
ATOM   195  C  CA  . GLU A 1 26  ? 6.332   10.798  -11.547 1.00 42.34  ? 14  GLU A CA  1 
ATOM   196  C  C   . GLU A 1 26  ? 5.836   11.444  -12.855 1.00 41.38  ? 14  GLU A C   1 
ATOM   197  O  O   . GLU A 1 26  ? 5.093   12.420  -12.809 1.00 40.92  ? 14  GLU A O   1 
ATOM   198  C  CB  . GLU A 1 26  ? 7.819   11.098  -11.251 1.00 44.70  ? 14  GLU A CB  1 
ATOM   199  C  CG  . GLU A 1 26  ? 8.232   10.981  -9.769  1.00 52.82  ? 14  GLU A CG  1 
ATOM   200  C  CD  . GLU A 1 26  ? 9.724   11.256  -9.499  1.00 65.38  ? 14  GLU A CD  1 
ATOM   201  O  OE1 . GLU A 1 26  ? 10.476  11.639  -10.430 1.00 70.35  ? 14  GLU A OE1 1 
ATOM   202  O  OE2 . GLU A 1 26  ? 10.159  11.098  -8.337  1.00 65.67  ? 14  GLU A OE2 1 
ATOM   203  N  N   . LYS A 1 27  ? 6.197   10.864  -14.001 1.00 40.16  ? 15  LYS A N   1 
ATOM   204  C  CA  . LYS A 1 27  ? 5.794   11.374  -15.317 1.00 39.81  ? 15  LYS A CA  1 
ATOM   205  C  C   . LYS A 1 27  ? 4.274   11.423  -15.571 1.00 38.98  ? 15  LYS A C   1 
ATOM   206  O  O   . LYS A 1 27  ? 3.825   12.167  -16.433 1.00 39.32  ? 15  LYS A O   1 
ATOM   207  C  CB  . LYS A 1 27  ? 6.490   10.571  -16.430 1.00 40.25  ? 15  LYS A CB  1 
ATOM   208  C  CG  . LYS A 1 27  ? 6.534   11.241  -17.812 1.00 47.51  ? 15  LYS A CG  1 
ATOM   209  C  CD  . LYS A 1 27  ? 6.519   10.199  -18.942 1.00 53.97  ? 15  LYS A CD  1 
ATOM   210  C  CE  . LYS A 1 27  ? 6.678   10.861  -20.312 1.00 53.18  ? 15  LYS A CE  1 
ATOM   211  N  NZ  . LYS A 1 27  ? 7.159   9.895   -21.342 1.00 51.18  ? 15  LYS A NZ  1 
ATOM   212  N  N   . LYS A 1 28  ? 3.484   10.655  -14.825 1.00 39.42  ? 16  LYS A N   1 
ATOM   213  C  CA  . LYS A 1 28  ? 2.043   10.525  -15.099 1.00 39.40  ? 16  LYS A CA  1 
ATOM   214  C  C   . LYS A 1 28  ? 1.129   11.037  -13.971 1.00 39.64  ? 16  LYS A C   1 
ATOM   215  O  O   . LYS A 1 28  ? -0.075  10.748  -13.977 1.00 39.32  ? 16  LYS A O   1 
ATOM   216  C  CB  . LYS A 1 28  ? 1.688   9.058   -15.426 1.00 38.97  ? 16  LYS A CB  1 
ATOM   217  C  CG  . LYS A 1 28  ? 2.162   8.559   -16.795 1.00 41.36  ? 16  LYS A CG  1 
ATOM   218  C  CD  . LYS A 1 28  ? 1.748   7.114   -17.036 1.00 37.10  ? 16  LYS A CD  1 
ATOM   219  C  CE  . LYS A 1 28  ? 0.854   6.998   -18.255 1.00 42.38  ? 16  LYS A CE  1 
ATOM   220  N  NZ  . LYS A 1 28  ? 0.143   5.701   -18.245 1.00 39.75  ? 16  LYS A NZ  1 
ATOM   221  N  N   . ASP A 1 29  ? 1.699   11.794  -13.026 1.00 39.99  ? 17  ASP A N   1 
ATOM   222  C  CA  . ASP A 1 29  ? 1.020   12.206  -11.783 1.00 41.44  ? 17  ASP A CA  1 
ATOM   223  C  C   . ASP A 1 29  ? 0.060   11.124  -11.234 1.00 40.77  ? 17  ASP A C   1 
ATOM   224  O  O   . ASP A 1 29  ? -1.137  11.361  -11.079 1.00 42.29  ? 17  ASP A O   1 
ATOM   225  C  CB  . ASP A 1 29  ? 0.329   13.589  -11.931 1.00 41.29  ? 17  ASP A CB  1 
ATOM   226  C  CG  . ASP A 1 29  ? 0.511   14.505  -10.671 1.00 48.43  ? 17  ASP A CG  1 
ATOM   227  O  OD1 . ASP A 1 29  ? 0.908   14.024  -9.571  1.00 53.59  ? 17  ASP A OD1 1 
ATOM   228  O  OD2 . ASP A 1 29  ? 0.267   15.735  -10.688 1.00 52.23  ? 17  ASP A OD2 1 
ATOM   229  N  N   . LEU A 1 30  ? 0.593   9.934   -10.960 1.00 39.37  ? 18  LEU A N   1 
ATOM   230  C  CA  . LEU A 1 30  ? -0.214  8.800   -10.474 1.00 36.68  ? 18  LEU A CA  1 
ATOM   231  C  C   . LEU A 1 30  ? -0.421  8.873   -8.975  1.00 36.14  ? 18  LEU A C   1 
ATOM   232  O  O   . LEU A 1 30  ? 0.336   9.539   -8.273  1.00 38.26  ? 18  LEU A O   1 
ATOM   233  C  CB  . LEU A 1 30  ? 0.459   7.473   -10.814 1.00 34.22  ? 18  LEU A CB  1 
ATOM   234  C  CG  . LEU A 1 30  ? 0.434   7.017   -12.275 1.00 35.81  ? 18  LEU A CG  1 
ATOM   235  C  CD1 . LEU A 1 30  ? 1.020   5.620   -12.393 1.00 32.11  ? 18  LEU A CD1 1 
ATOM   236  C  CD2 . LEU A 1 30  ? -0.963  7.066   -12.899 1.00 34.40  ? 18  LEU A CD2 1 
ATOM   237  N  N   . SER A 1 31  ? -1.442  8.198   -8.469  1.00 35.17  ? 19  SER A N   1 
ATOM   238  C  CA  . SER A 1 31  ? -1.599  8.121   -7.019  1.00 36.30  ? 19  SER A CA  1 
ATOM   239  C  C   . SER A 1 31  ? -1.336  6.708   -6.458  1.00 36.93  ? 19  SER A C   1 
ATOM   240  O  O   . SER A 1 31  ? -1.137  6.538   -5.241  1.00 37.88  ? 19  SER A O   1 
ATOM   241  C  CB  . SER A 1 31  ? -2.948  8.697   -6.569  1.00 36.86  ? 19  SER A CB  1 
ATOM   242  O  OG  . SER A 1 31  ? -4.041  7.912   -6.996  1.00 40.80  ? 19  SER A OG  1 
ATOM   243  N  N   . LEU A 1 32  ? -1.346  5.723   -7.367  1.00 35.34  ? 20  LEU A N   1 
ATOM   244  C  CA  . LEU A 1 32  ? -1.063  4.312   -7.098  1.00 33.78  ? 20  LEU A CA  1 
ATOM   245  C  C   . LEU A 1 32  ? -0.535  3.628   -8.359  1.00 32.67  ? 20  LEU A C   1 
ATOM   246  O  O   . LEU A 1 32  ? -1.003  3.883   -9.464  1.00 34.78  ? 20  LEU A O   1 
ATOM   247  C  CB  . LEU A 1 32  ? -2.321  3.598   -6.611  1.00 33.41  ? 20  LEU A CB  1 
ATOM   248  C  CG  . LEU A 1 32  ? -2.287  2.125   -6.182  1.00 36.08  ? 20  LEU A CG  1 
ATOM   249  C  CD1 . LEU A 1 32  ? -1.231  1.855   -5.124  1.00 33.87  ? 20  LEU A CD1 1 
ATOM   250  C  CD2 . LEU A 1 32  ? -3.655  1.697   -5.663  1.00 35.42  ? 20  LEU A CD2 1 
ATOM   251  N  N   . LEU A 1 33  ? 0.450   2.761   -8.192  1.00 31.38  ? 21  LEU A N   1 
ATOM   252  C  CA  . LEU A 1 33  ? 1.008   2.011   -9.306  1.00 29.33  ? 21  LEU A CA  1 
ATOM   253  C  C   . LEU A 1 33  ? 1.454   0.638   -8.814  1.00 31.81  ? 21  LEU A C   1 
ATOM   254  O  O   . LEU A 1 33  ? 2.071   0.540   -7.733  1.00 32.76  ? 21  LEU A O   1 
ATOM   255  C  CB  . LEU A 1 33  ? 2.194   2.767   -9.904  1.00 26.78  ? 21  LEU A CB  1 
ATOM   256  C  CG  . LEU A 1 33  ? 3.095   2.028   -10.890 1.00 18.05  ? 21  LEU A CG  1 
ATOM   257  C  CD1 . LEU A 1 33  ? 2.396   1.811   -12.196 1.00 20.18  ? 21  LEU A CD1 1 
ATOM   258  C  CD2 . LEU A 1 33  ? 4.340   2.828   -11.115 1.00 23.21  ? 21  LEU A CD2 1 
ATOM   259  N  N   . ALA A 1 34  ? 1.124   -0.416  -9.570  1.00 30.48  ? 22  ALA A N   1 
ATOM   260  C  CA  . ALA A 1 34  ? 1.776   -1.710  -9.364  1.00 31.00  ? 22  ALA A CA  1 
ATOM   261  C  C   . ALA A 1 34  ? 2.617   -2.040  -10.595 1.00 32.21  ? 22  ALA A C   1 
ATOM   262  O  O   . ALA A 1 34  ? 2.154   -1.891  -11.734 1.00 33.50  ? 22  ALA A O   1 
ATOM   263  C  CB  . ALA A 1 34  ? 0.784   -2.781  -9.064  1.00 30.44  ? 22  ALA A CB  1 
ATOM   264  N  N   . TYR A 1 35  ? 3.861   -2.455  -10.355 1.00 32.51  ? 23  TYR A N   1 
ATOM   265  C  CA  . TYR A 1 35  ? 4.864   -2.595  -11.415 1.00 33.18  ? 23  TYR A CA  1 
ATOM   266  C  C   . TYR A 1 35  ? 5.662   -3.914  -11.337 1.00 35.85  ? 23  TYR A C   1 
ATOM   267  O  O   . TYR A 1 35  ? 6.131   -4.315  -10.261 1.00 36.96  ? 23  TYR A O   1 
ATOM   268  C  CB  . TYR A 1 35  ? 5.799   -1.395  -11.379 1.00 29.95  ? 23  TYR A CB  1 
ATOM   269  C  CG  . TYR A 1 35  ? 6.803   -1.307  -12.510 1.00 30.58  ? 23  TYR A CG  1 
ATOM   270  C  CD1 . TYR A 1 35  ? 6.463   -0.724  -13.740 1.00 29.17  ? 23  TYR A CD1 1 
ATOM   271  C  CD2 . TYR A 1 35  ? 8.107   -1.775  -12.347 1.00 28.11  ? 23  TYR A CD2 1 
ATOM   272  C  CE1 . TYR A 1 35  ? 7.396   -0.621  -14.777 1.00 25.78  ? 23  TYR A CE1 1 
ATOM   273  C  CE2 . TYR A 1 35  ? 9.042   -1.678  -13.378 1.00 30.21  ? 23  TYR A CE2 1 
ATOM   274  C  CZ  . TYR A 1 35  ? 8.679   -1.102  -14.590 1.00 29.97  ? 23  TYR A CZ  1 
ATOM   275  O  OH  . TYR A 1 35  ? 9.615   -1.007  -15.599 1.00 30.04  ? 23  TYR A OH  1 
ATOM   276  N  N   . SER A 1 36  ? 5.815   -4.587  -12.478 1.00 36.88  ? 24  SER A N   1 
ATOM   277  C  CA  . SER A 1 36  ? 6.512   -5.876  -12.502 1.00 39.57  ? 24  SER A CA  1 
ATOM   278  C  C   . SER A 1 36  ? 7.677   -5.909  -13.490 1.00 40.25  ? 24  SER A C   1 
ATOM   279  O  O   . SER A 1 36  ? 8.338   -6.919  -13.658 1.00 42.49  ? 24  SER A O   1 
ATOM   280  C  CB  . SER A 1 36  ? 5.526   -6.998  -12.824 1.00 38.50  ? 24  SER A CB  1 
ATOM   281  O  OG  . SER A 1 36  ? 5.113   -6.879  -14.172 1.00 42.89  ? 24  SER A OG  1 
ATOM   282  N  N   . GLY A 1 37  ? 7.946   -4.785  -14.121 1.00 40.79  ? 25  GLY A N   1 
ATOM   283  C  CA  . GLY A 1 37  ? 8.869   -4.752  -15.229 1.00 40.69  ? 25  GLY A CA  1 
ATOM   284  C  C   . GLY A 1 37  ? 8.099   -4.005  -16.284 1.00 40.07  ? 25  GLY A C   1 
ATOM   285  O  O   . GLY A 1 37  ? 8.666   -3.241  -17.062 1.00 40.28  ? 25  GLY A O   1 
ATOM   286  N  N   . ARG A 1 38  ? 6.794   -4.261  -16.301 1.00 38.47  ? 26  ARG A N   1 
ATOM   287  C  CA  . ARG A 1 38  ? 5.845   -3.388  -16.956 1.00 36.95  ? 26  ARG A CA  1 
ATOM   288  C  C   . ARG A 1 38  ? 4.810   -2.927  -15.932 1.00 35.16  ? 26  ARG A C   1 
ATOM   289  O  O   . ARG A 1 38  ? 4.700   -3.496  -14.842 1.00 34.47  ? 26  ARG A O   1 
ATOM   290  C  CB  . ARG A 1 38  ? 5.227   -4.069  -18.187 1.00 37.82  ? 26  ARG A CB  1 
ATOM   291  C  CG  . ARG A 1 38  ? 4.009   -4.926  -17.950 1.00 38.95  ? 26  ARG A CG  1 
ATOM   292  C  CD  . ARG A 1 38  ? 3.769   -5.960  -19.046 1.00 54.03  ? 26  ARG A CD  1 
ATOM   293  N  NE  . ARG A 1 38  ? 3.420   -7.243  -18.442 1.00 64.58  ? 26  ARG A NE  1 
ATOM   294  C  CZ  . ARG A 1 38  ? 2.176   -7.657  -18.231 1.00 67.27  ? 26  ARG A CZ  1 
ATOM   295  N  NH1 . ARG A 1 38  ? 1.152   -6.900  -18.604 1.00 71.59  ? 26  ARG A NH1 1 
ATOM   296  N  NH2 . ARG A 1 38  ? 1.956   -8.825  -17.650 1.00 61.51  ? 26  ARG A NH2 1 
ATOM   297  N  N   . SER A 1 39  ? 4.074   -1.876  -16.274 1.00 34.18  ? 27  SER A N   1 
ATOM   298  C  CA  . SER A 1 39  ? 3.024   -1.339  -15.409 1.00 32.78  ? 27  SER A CA  1 
ATOM   299  C  C   . SER A 1 39  ? 1.769   -2.238  -15.439 1.00 32.49  ? 27  SER A C   1 
ATOM   300  O  O   . SER A 1 39  ? 1.236   -2.503  -16.511 1.00 32.94  ? 27  SER A O   1 
ATOM   301  C  CB  . SER A 1 39  ? 2.705   0.096   -15.851 1.00 31.35  ? 27  SER A CB  1 
ATOM   302  O  OG  . SER A 1 39  ? 1.369   0.447   -15.582 1.00 26.87  ? 27  SER A OG  1 
ATOM   303  N  N   . ILE A 1 40  ? 1.299   -2.717  -14.284 1.00 30.59  ? 28  ILE A N   1 
ATOM   304  C  CA  . ILE A 1 40  ? 0.127   -3.616  -14.296 1.00 28.62  ? 28  ILE A CA  1 
ATOM   305  C  C   . ILE A 1 40  ? -1.184  -3.054  -13.733 1.00 28.60  ? 28  ILE A C   1 
ATOM   306  O  O   . ILE A 1 40  ? -2.271  -3.597  -14.006 1.00 26.58  ? 28  ILE A O   1 
ATOM   307  C  CB  . ILE A 1 40  ? 0.446   -4.996  -13.686 1.00 27.77  ? 28  ILE A CB  1 
ATOM   308  C  CG1 . ILE A 1 40  ? 0.856   -4.896  -12.225 1.00 21.88  ? 28  ILE A CG1 1 
ATOM   309  C  CG2 . ILE A 1 40  ? 1.504   -5.710  -14.524 1.00 32.38  ? 28  ILE A CG2 1 
ATOM   310  C  CD1 . ILE A 1 40  ? 1.185   -6.257  -11.614 1.00 11.36  ? 28  ILE A CD1 1 
ATOM   311  N  N   . PHE A 1 41  ? -1.064  -1.973  -12.962 1.00 28.96  ? 29  PHE A N   1 
ATOM   312  C  CA  . PHE A 1 41  ? -2.196  -1.210  -12.444 1.00 29.63  ? 29  PHE A CA  1 
ATOM   313  C  C   . PHE A 1 41  ? -1.756  0.244   -12.273 1.00 30.99  ? 29  PHE A C   1 
ATOM   314  O  O   . PHE A 1 41  ? -0.709  0.523   -11.693 1.00 33.21  ? 29  PHE A O   1 
ATOM   315  C  CB  . PHE A 1 41  ? -2.695  -1.772  -11.097 1.00 30.68  ? 29  PHE A CB  1 
ATOM   316  C  CG  . PHE A 1 41  ? -3.903  -1.049  -10.553 1.00 33.27  ? 29  PHE A CG  1 
ATOM   317  C  CD1 . PHE A 1 41  ? -3.755  0.078   -9.743  1.00 36.42  ? 29  PHE A CD1 1 
ATOM   318  C  CD2 . PHE A 1 41  ? -5.186  -1.462  -10.885 1.00 32.65  ? 29  PHE A CD2 1 
ATOM   319  C  CE1 . PHE A 1 41  ? -4.869  0.782   -9.268  1.00 30.00  ? 29  PHE A CE1 1 
ATOM   320  C  CE2 . PHE A 1 41  ? -6.308  -0.772  -10.402 1.00 31.52  ? 29  PHE A CE2 1 
ATOM   321  C  CZ  . PHE A 1 41  ? -6.144  0.357   -9.598  1.00 26.84  ? 29  PHE A CZ  1 
ATOM   322  N  N   . GLU A 1 42  ? -2.570  1.164   -12.769 1.00 31.49  ? 30  GLU A N   1 
ATOM   323  C  CA  . GLU A 1 42  ? -2.308  2.598   -12.690 1.00 30.72  ? 30  GLU A CA  1 
ATOM   324  C  C   . GLU A 1 42  ? -3.602  3.269   -12.239 1.00 31.28  ? 30  GLU A C   1 
ATOM   325  O  O   . GLU A 1 42  ? -4.678  2.976   -12.796 1.00 30.93  ? 30  GLU A O   1 
ATOM   326  C  CB  . GLU A 1 42  ? -1.889  3.153   -14.070 1.00 29.12  ? 30  GLU A CB  1 
ATOM   327  C  CG  . GLU A 1 42  ? -0.452  2.849   -14.470 1.00 30.30  ? 30  GLU A CG  1 
ATOM   328  C  CD  . GLU A 1 42  ? -0.044  3.441   -15.812 1.00 40.49  ? 30  GLU A CD  1 
ATOM   329  O  OE1 . GLU A 1 42  ? -0.728  4.365   -16.309 1.00 49.65  ? 30  GLU A OE1 1 
ATOM   330  O  OE2 . GLU A 1 42  ? 0.979   2.990   -16.378 1.00 41.45  ? 30  GLU A OE2 1 
ATOM   331  N  N   . SER A 1 43  ? -3.516  4.151   -11.239 1.00 30.58  ? 31  SER A N   1 
ATOM   332  C  CA  . SER A 1 43  ? -4.662  5.006   -10.898 1.00 31.78  ? 31  SER A CA  1 
ATOM   333  C  C   . SER A 1 43  ? -4.225  6.365   -10.460 1.00 32.55  ? 31  SER A C   1 
ATOM   334  O  O   . SER A 1 43  ? -3.105  6.524   -9.969  1.00 31.86  ? 31  SER A O   1 
ATOM   335  C  CB  . SER A 1 43  ? -5.536  4.404   -9.800  1.00 33.02  ? 31  SER A CB  1 
ATOM   336  O  OG  . SER A 1 43  ? -6.834  4.985   -9.805  1.00 34.46  ? 31  SER A OG  1 
ATOM   337  N  N   . LYS A 1 44  ? -5.117  7.344   -10.642 1.00 34.54  ? 32  LYS A N   1 
ATOM   338  C  CA  . LYS A 1 44  ? -4.901  8.684   -10.096 1.00 34.96  ? 32  LYS A CA  1 
ATOM   339  C  C   . LYS A 1 44  ? -6.041  9.254   -9.230  1.00 35.29  ? 32  LYS A C   1 
ATOM   340  O  O   . LYS A 1 44  ? -5.982  10.412  -8.873  1.00 36.40  ? 32  LYS A O   1 
ATOM   341  C  CB  . LYS A 1 44  ? -4.448  9.663   -11.188 1.00 33.79  ? 32  LYS A CB  1 
ATOM   342  C  CG  . LYS A 1 44  ? -5.514  10.069  -12.192 1.00 40.32  ? 32  LYS A CG  1 
ATOM   343  C  CD  . LYS A 1 44  ? -5.003  10.002  -13.632 1.00 44.45  ? 32  LYS A CD  1 
ATOM   344  C  CE  . LYS A 1 44  ? -4.103  11.181  -13.960 1.00 42.60  ? 32  LYS A CE  1 
ATOM   345  N  NZ  . LYS A 1 44  ? -4.358  11.666  -15.338 1.00 49.47  ? 32  LYS A NZ  1 
ATOM   346  N  N   . ASP A 1 45  ? -7.047  8.448   -8.872  1.00 37.65  ? 33  ASP A N   1 
ATOM   347  C  CA  . ASP A 1 45  ? -8.101  8.874   -7.926  1.00 41.70  ? 33  ASP A CA  1 
ATOM   348  C  C   . ASP A 1 45  ? -7.553  9.147   -6.505  1.00 43.58  ? 33  ASP A C   1 
ATOM   349  O  O   . ASP A 1 45  ? -6.387  8.880   -6.196  1.00 42.68  ? 33  ASP A O   1 
ATOM   350  C  CB  . ASP A 1 45  ? -9.263  7.858   -7.798  1.00 42.86  ? 33  ASP A CB  1 
ATOM   351  C  CG  . ASP A 1 45  ? -9.662  7.196   -9.119  1.00 53.42  ? 33  ASP A CG  1 
ATOM   352  O  OD1 . ASP A 1 45  ? -9.780  7.917   -10.154 1.00 58.30  ? 33  ASP A OD1 1 
ATOM   353  O  OD2 . ASP A 1 45  ? -9.914  5.949   -9.193  1.00 62.66  ? 33  ASP A OD2 1 
ATOM   354  N  N   . SER A 1 46  ? -8.421  9.659   -5.635  1.00 46.51  ? 34  SER A N   1 
ATOM   355  C  CA  . SER A 1 46  ? -8.046  9.990   -4.262  1.00 47.28  ? 34  SER A CA  1 
ATOM   356  C  C   . SER A 1 46  ? -8.587  8.988   -3.239  1.00 46.79  ? 34  SER A C   1 
ATOM   357  O  O   . SER A 1 46  ? -9.542  8.261   -3.508  1.00 46.76  ? 34  SER A O   1 
ATOM   358  C  CB  . SER A 1 46  ? -8.474  11.424  -3.913  1.00 47.82  ? 34  SER A CB  1 
ATOM   359  O  OG  . SER A 1 46  ? -7.332  12.234  -3.659  1.00 48.32  ? 34  SER A OG  1 
ATOM   360  N  N   . GLY A 1 47  ? -7.948  8.947   -2.072  1.00 47.89  ? 35  GLY A N   1 
ATOM   361  C  CA  . GLY A 1 47  ? -8.374  8.105   -0.961  1.00 47.37  ? 35  GLY A CA  1 
ATOM   362  C  C   . GLY A 1 47  ? -8.122  6.640   -1.197  1.00 44.94  ? 35  GLY A C   1 
ATOM   363  O  O   . GLY A 1 47  ? -7.170  6.277   -1.880  1.00 45.26  ? 35  GLY A O   1 
ATOM   364  N  N   . LEU A 1 48  ? -8.978  5.798   -0.642  1.00 43.06  ? 36  LEU A N   1 
ATOM   365  C  CA  . LEU A 1 48  ? -8.799  4.353   -0.791  1.00 41.91  ? 36  LEU A CA  1 
ATOM   366  C  C   . LEU A 1 48  ? -9.405  3.683   -2.035  1.00 42.18  ? 36  LEU A C   1 
ATOM   367  O  O   . LEU A 1 48  ? -9.083  2.528   -2.298  1.00 42.86  ? 36  LEU A O   1 
ATOM   368  C  CB  . LEU A 1 48  ? -9.278  3.624   0.454   1.00 39.85  ? 36  LEU A CB  1 
ATOM   369  C  CG  . LEU A 1 48  ? -8.413  3.850   1.681   1.00 39.90  ? 36  LEU A CG  1 
ATOM   370  C  CD1 . LEU A 1 48  ? -9.248  3.542   2.918   1.00 33.71  ? 36  LEU A CD1 1 
ATOM   371  C  CD2 . LEU A 1 48  ? -7.121  3.012   1.628   1.00 33.36  ? 36  LEU A CD2 1 
ATOM   372  N  N   . LYS A 1 49  ? -10.264 4.386   -2.791  1.00 42.07  ? 37  LYS A N   1 
ATOM   373  C  CA  . LYS A 1 49  ? -10.925 3.802   -3.969  1.00 40.14  ? 37  LYS A CA  1 
ATOM   374  C  C   . LYS A 1 49  ? -9.962  2.968   -4.852  1.00 39.35  ? 37  LYS A C   1 
ATOM   375  O  O   . LYS A 1 49  ? -10.281 1.821   -5.177  1.00 38.17  ? 37  LYS A O   1 
ATOM   376  C  CB  . LYS A 1 49  ? -11.696 4.861   -4.785  1.00 41.14  ? 37  LYS A CB  1 
ATOM   377  C  CG  . LYS A 1 49  ? -12.775 4.299   -5.769  1.00 44.24  ? 37  LYS A CG  1 
ATOM   378  N  N   . PRO A 1 50  ? -8.799  3.522   -5.236  1.00 38.03  ? 38  PRO A N   1 
ATOM   379  C  CA  . PRO A 1 50  ? -7.798  2.775   -6.023  1.00 36.26  ? 38  PRO A CA  1 
ATOM   380  C  C   . PRO A 1 50  ? -7.198  1.527   -5.355  1.00 33.82  ? 38  PRO A C   1 
ATOM   381  O  O   . PRO A 1 50  ? -7.084  0.492   -5.995  1.00 31.44  ? 38  PRO A O   1 
ATOM   382  C  CB  . PRO A 1 50  ? -6.703  3.826   -6.272  1.00 36.03  ? 38  PRO A CB  1 
ATOM   383  C  CG  . PRO A 1 50  ? -6.890  4.813   -5.205  1.00 36.34  ? 38  PRO A CG  1 
ATOM   384  C  CD  . PRO A 1 50  ? -8.366  4.915   -5.025  1.00 36.88  ? 38  PRO A CD  1 
ATOM   385  N  N   . VAL A 1 51  ? -6.796  1.635   -4.093  1.00 34.39  ? 39  VAL A N   1 
ATOM   386  C  CA  . VAL A 1 51  ? -6.270  0.489   -3.356  1.00 32.65  ? 39  VAL A CA  1 
ATOM   387  C  C   . VAL A 1 51  ? -7.289  -0.648  -3.351  1.00 33.07  ? 39  VAL A C   1 
ATOM   388  O  O   . VAL A 1 51  ? -6.937  -1.813  -3.586  1.00 35.08  ? 39  VAL A O   1 
ATOM   389  C  CB  . VAL A 1 51  ? -5.861  0.871   -1.926  1.00 31.05  ? 39  VAL A CB  1 
ATOM   390  C  CG1 . VAL A 1 51  ? -5.374  -0.332  -1.181  1.00 33.39  ? 39  VAL A CG1 1 
ATOM   391  C  CG2 . VAL A 1 51  ? -4.749  1.908   -1.955  1.00 35.64  ? 39  VAL A CG2 1 
ATOM   392  N  N   . VAL A 1 52  ? -8.552  -0.308  -3.113  1.00 31.17  ? 40  VAL A N   1 
ATOM   393  C  CA  . VAL A 1 52  ? -9.631  -1.274  -3.217  1.00 30.14  ? 40  VAL A CA  1 
ATOM   394  C  C   . VAL A 1 52  ? -9.766  -1.794  -4.663  1.00 31.72  ? 40  VAL A C   1 
ATOM   395  O  O   . VAL A 1 52  ? -9.838  -2.998  -4.853  1.00 33.18  ? 40  VAL A O   1 
ATOM   396  C  CB  . VAL A 1 52  ? -10.956 -0.704  -2.660  1.00 30.36  ? 40  VAL A CB  1 
ATOM   397  C  CG1 . VAL A 1 52  ? -12.117 -1.667  -2.876  1.00 27.52  ? 40  VAL A CG1 1 
ATOM   398  C  CG2 . VAL A 1 52  ? -10.817 -0.394  -1.175  1.00 30.31  ? 40  VAL A CG2 1 
ATOM   399  N  N   . GLU A 1 53  ? -9.782  -0.908  -5.670  1.00 32.46  ? 41  GLU A N   1 
ATOM   400  C  CA  . GLU A 1 53  ? -9.825  -1.335  -7.069  1.00 32.11  ? 41  GLU A CA  1 
ATOM   401  C  C   . GLU A 1 53  ? -8.678  -2.349  -7.243  1.00 29.98  ? 41  GLU A C   1 
ATOM   402  O  O   . GLU A 1 53  ? -8.915  -3.489  -7.655  1.00 31.34  ? 41  GLU A O   1 
ATOM   403  C  CB  . GLU A 1 53  ? -9.735  -0.142  -8.072  1.00 35.24  ? 41  GLU A CB  1 
ATOM   404  C  CG  . GLU A 1 53  ? -11.019 0.692   -8.303  1.00 47.90  ? 41  GLU A CG  1 
ATOM   405  C  CD  . GLU A 1 53  ? -10.902 1.823   -9.367  1.00 66.46  ? 41  GLU A CD  1 
ATOM   406  O  OE1 . GLU A 1 53  ? -10.943 1.498   -10.588 1.00 73.43  ? 41  GLU A OE1 1 
ATOM   407  O  OE2 . GLU A 1 53  ? -10.815 3.046   -9.016  1.00 62.37  ? 41  GLU A OE2 1 
ATOM   408  N  N   . LEU A 1 54  ? -7.456  -1.971  -6.869  1.00 26.46  ? 42  LEU A N   1 
ATOM   409  C  CA  . LEU A 1 54  ? -6.302  -2.862  -6.978  1.00 27.11  ? 42  LEU A CA  1 
ATOM   410  C  C   . LEU A 1 54  ? -6.515  -4.217  -6.270  1.00 29.03  ? 42  LEU A C   1 
ATOM   411  O  O   . LEU A 1 54  ? -6.247  -5.275  -6.835  1.00 30.26  ? 42  LEU A O   1 
ATOM   412  C  CB  . LEU A 1 54  ? -5.047  -2.178  -6.441  1.00 27.12  ? 42  LEU A CB  1 
ATOM   413  C  CG  . LEU A 1 54  ? -3.729  -2.969  -6.358  1.00 25.39  ? 42  LEU A CG  1 
ATOM   414  C  CD1 . LEU A 1 54  ? -3.327  -3.542  -7.712  1.00 22.95  ? 42  LEU A CD1 1 
ATOM   415  C  CD2 . LEU A 1 54  ? -2.613  -2.088  -5.792  1.00 17.14  ? 42  LEU A CD2 1 
ATOM   416  N  N   . PHE A 1 55  ? -7.001  -4.177  -5.033  1.00 28.87  ? 43  PHE A N   1 
ATOM   417  C  CA  . PHE A 1 55  ? -7.330  -5.379  -4.279  1.00 28.36  ? 43  PHE A CA  1 
ATOM   418  C  C   . PHE A 1 55  ? -8.331  -6.284  -4.998  1.00 30.55  ? 43  PHE A C   1 
ATOM   419  O  O   . PHE A 1 55  ? -8.206  -7.497  -4.984  1.00 32.11  ? 43  PHE A O   1 
ATOM   420  C  CB  . PHE A 1 55  ? -7.902  -4.974  -2.930  1.00 28.26  ? 43  PHE A CB  1 
ATOM   421  C  CG  . PHE A 1 55  ? -7.966  -6.093  -1.927  1.00 26.30  ? 43  PHE A CG  1 
ATOM   422  C  CD1 . PHE A 1 55  ? -6.852  -6.434  -1.178  1.00 20.73  ? 43  PHE A CD1 1 
ATOM   423  C  CD2 . PHE A 1 55  ? -9.159  -6.776  -1.705  1.00 21.90  ? 43  PHE A CD2 1 
ATOM   424  C  CE1 . PHE A 1 55  ? -6.910  -7.464  -0.240  1.00 26.49  ? 43  PHE A CE1 1 
ATOM   425  C  CE2 . PHE A 1 55  ? -9.232  -7.801  -0.780  1.00 15.65  ? 43  PHE A CE2 1 
ATOM   426  C  CZ  . PHE A 1 55  ? -8.108  -8.156  -0.043  1.00 19.15  ? 43  PHE A CZ  1 
ATOM   427  N  N   . LYS A 1 56  ? -9.338  -5.684  -5.618  1.00 32.04  ? 44  LYS A N   1 
ATOM   428  C  CA  . LYS A 1 56  ? -10.388 -6.428  -6.284  1.00 30.20  ? 44  LYS A CA  1 
ATOM   429  C  C   . LYS A 1 56  ? -9.842  -7.077  -7.551  1.00 29.62  ? 44  LYS A C   1 
ATOM   430  O  O   . LYS A 1 56  ? -10.433 -8.029  -8.045  1.00 28.71  ? 44  LYS A O   1 
ATOM   431  C  CB  . LYS A 1 56  ? -11.563 -5.496  -6.616  1.00 30.22  ? 44  LYS A CB  1 
ATOM   432  C  CG  . LYS A 1 56  ? -12.427 -5.055  -5.421  1.00 36.20  ? 44  LYS A CG  1 
ATOM   433  C  CD  . LYS A 1 56  ? -13.419 -6.166  -4.980  1.00 55.59  ? 44  LYS A CD  1 
ATOM   434  C  CE  . LYS A 1 56  ? -14.418 -5.708  -3.889  1.00 60.75  ? 44  LYS A CE  1 
ATOM   435  N  NZ  . LYS A 1 56  ? -15.403 -4.679  -4.362  1.00 59.90  ? 44  LYS A NZ  1 
ATOM   436  N  N   . ARG A 1 57  ? -8.721  -6.564  -8.072  1.00 29.48  ? 45  ARG A N   1 
ATOM   437  C  CA  . ARG A 1 57  ? -8.200  -6.983  -9.379  1.00 28.73  ? 45  ARG A CA  1 
ATOM   438  C  C   . ARG A 1 57  ? -7.216  -8.153  -9.370  1.00 29.53  ? 45  ARG A C   1 
ATOM   439  O  O   . ARG A 1 57  ? -7.202  -8.898  -10.341 1.00 29.59  ? 45  ARG A O   1 
ATOM   440  C  CB  . ARG A 1 57  ? -7.555  -5.809  -10.113 1.00 28.97  ? 45  ARG A CB  1 
ATOM   441  C  CG  . ARG A 1 57  ? -7.907  -5.689  -11.594 1.00 32.70  ? 45  ARG A CG  1 
ATOM   442  C  CD  . ARG A 1 57  ? -7.214  -4.481  -12.276 1.00 49.94  ? 45  ARG A CD  1 
ATOM   443  N  NE  . ARG A 1 57  ? -7.873  -4.034  -13.501 1.00 55.33  ? 45  ARG A NE  1 
ATOM   444  C  CZ  . ARG A 1 57  ? -8.015  -4.793  -14.591 1.00 64.12  ? 45  ARG A CZ  1 
ATOM   445  N  NH1 . ARG A 1 57  ? -7.534  -6.033  -14.601 1.00 65.53  ? 45  ARG A NH1 1 
ATOM   446  N  NH2 . ARG A 1 57  ? -8.638  -4.323  -15.674 1.00 63.58  ? 45  ARG A NH2 1 
ATOM   447  N  N   . PHE A 1 58  ? -6.384  -8.296  -8.321  1.00 29.18  ? 46  PHE A N   1 
ATOM   448  C  CA  . PHE A 1 58  ? -5.336  -9.329  -8.264  1.00 29.44  ? 46  PHE A CA  1 
ATOM   449  C  C   . PHE A 1 58  ? -5.334  -10.042 -6.929  1.00 32.60  ? 46  PHE A C   1 
ATOM   450  O  O   . PHE A 1 58  ? -5.402  -9.401  -5.865  1.00 36.87  ? 46  PHE A O   1 
ATOM   451  C  CB  . PHE A 1 58  ? -3.909  -8.772  -8.427  1.00 27.68  ? 46  PHE A CB  1 
ATOM   452  C  CG  . PHE A 1 58  ? -3.680  -8.014  -9.672  1.00 32.76  ? 46  PHE A CG  1 
ATOM   453  C  CD1 . PHE A 1 58  ? -3.465  -8.678  -10.879 1.00 34.99  ? 46  PHE A CD1 1 
ATOM   454  C  CD2 . PHE A 1 58  ? -3.653  -6.608  -9.644  1.00 35.41  ? 46  PHE A CD2 1 
ATOM   455  C  CE1 . PHE A 1 58  ? -3.260  -7.944  -12.067 1.00 41.27  ? 46  PHE A CE1 1 
ATOM   456  C  CE2 . PHE A 1 58  ? -3.449  -5.871  -10.816 1.00 38.68  ? 46  PHE A CE2 1 
ATOM   457  C  CZ  . PHE A 1 58  ? -3.251  -6.540  -12.033 1.00 36.87  ? 46  PHE A CZ  1 
ATOM   458  N  N   . ASP A 1 59  ? -5.154  -11.359 -6.965  1.00 32.50  ? 47  ASP A N   1 
ATOM   459  C  CA  . ASP A 1 59  ? -5.109  -12.106 -5.726  1.00 30.44  ? 47  ASP A CA  1 
ATOM   460  C  C   . ASP A 1 59  ? -3.860  -11.751 -4.914  1.00 32.83  ? 47  ASP A C   1 
ATOM   461  O  O   . ASP A 1 59  ? -3.903  -11.641 -3.665  1.00 36.62  ? 47  ASP A O   1 
ATOM   462  C  CB  . ASP A 1 59  ? -5.228  -13.602 -5.986  1.00 27.16  ? 47  ASP A CB  1 
ATOM   463  C  CG  . ASP A 1 59  ? -4.780  -14.400 -4.834  1.00 27.74  ? 47  ASP A CG  1 
ATOM   464  O  OD1 . ASP A 1 59  ? -5.576  -14.630 -3.909  1.00 33.17  ? 47  ASP A OD1 1 
ATOM   465  O  OD2 . ASP A 1 59  ? -3.610  -14.801 -4.717  1.00 36.29  ? 47  ASP A OD2 1 
ATOM   466  N  N   . ASN A 1 60  ? -2.745  -11.578 -5.621  1.00 31.41  ? 48  ASN A N   1 
ATOM   467  C  CA  . ASN A 1 60  ? -1.482  -11.179 -4.984  1.00 28.64  ? 48  ASN A CA  1 
ATOM   468  C  C   . ASN A 1 60  ? -0.567  -10.456 -5.973  1.00 28.81  ? 48  ASN A C   1 
ATOM   469  O  O   . ASN A 1 60  ? -0.812  -10.457 -7.182  1.00 28.95  ? 48  ASN A O   1 
ATOM   470  C  CB  . ASN A 1 60  ? -0.771  -12.383 -4.364  1.00 24.31  ? 48  ASN A CB  1 
ATOM   471  C  CG  . ASN A 1 60  ? -0.176  -13.327 -5.417  1.00 25.21  ? 48  ASN A CG  1 
ATOM   472  O  OD1 . ASN A 1 60  ? 0.877   -13.059 -5.978  1.00 23.55  ? 48  ASN A OD1 1 
ATOM   473  N  ND2 . ASN A 1 60  ? -0.851  -14.445 -5.675  1.00 13.90  ? 48  ASN A ND2 1 
ATOM   474  N  N   . LEU A 1 61  ? 0.494   -9.863  -5.446  1.00 28.30  ? 49  LEU A N   1 
ATOM   475  C  CA  . LEU A 1 61  ? 1.391   -9.043  -6.225  1.00 25.76  ? 49  LEU A CA  1 
ATOM   476  C  C   . LEU A 1 61  ? 2.829   -9.476  -6.030  1.00 26.00  ? 49  LEU A C   1 
ATOM   477  O  O   . LEU A 1 61  ? 3.728   -8.632  -6.044  1.00 29.08  ? 49  LEU A O   1 
ATOM   478  C  CB  . LEU A 1 61  ? 1.231   -7.576  -5.802  1.00 27.15  ? 49  LEU A CB  1 
ATOM   479  C  CG  . LEU A 1 61  ? -0.024  -6.839  -6.271  1.00 21.07  ? 49  LEU A CG  1 
ATOM   480  C  CD1 . LEU A 1 61  ? -0.109  -5.506  -5.569  1.00 14.74  ? 49  LEU A CD1 1 
ATOM   481  C  CD2 . LEU A 1 61  ? 0.018   -6.658  -7.763  1.00 20.59  ? 49  LEU A CD2 1 
ATOM   482  N  N   . GLU A 1 62  ? 3.061   -10.774 -5.842  1.00 25.38  ? 50  GLU A N   1 
ATOM   483  C  CA  . GLU A 1 62  ? 4.434   -11.302 -5.793  1.00 28.67  ? 50  GLU A CA  1 
ATOM   484  C  C   . GLU A 1 62  ? 5.181   -11.087 -7.111  1.00 31.68  ? 50  GLU A C   1 
ATOM   485  O  O   . GLU A 1 62  ? 4.627   -11.320 -8.191  1.00 30.27  ? 50  GLU A O   1 
ATOM   486  C  CB  . GLU A 1 62  ? 4.454   -12.783 -5.478  1.00 26.99  ? 50  GLU A CB  1 
ATOM   487  C  CG  . GLU A 1 62  ? 3.972   -13.111 -4.085  1.00 32.29  ? 50  GLU A CG  1 
ATOM   488  C  CD  . GLU A 1 62  ? 4.036   -14.592 -3.754  1.00 43.52  ? 50  GLU A CD  1 
ATOM   489  O  OE1 . GLU A 1 62  ? 4.623   -15.413 -4.555  1.00 20.45  ? 50  GLU A OE1 1 
ATOM   490  O  OE2 . GLU A 1 62  ? 3.488   -14.915 -2.667  1.00 50.08  ? 50  GLU A OE2 1 
ATOM   491  N  N   . GLY A 1 63  ? 6.437   -10.640 -7.026  1.00 32.39  ? 51  GLY A N   1 
ATOM   492  C  CA  . GLY A 1 63  ? 7.187   -10.311 -8.224  1.00 32.56  ? 51  GLY A CA  1 
ATOM   493  C  C   . GLY A 1 63  ? 6.948   -8.870  -8.631  1.00 32.92  ? 51  GLY A C   1 
ATOM   494  O  O   . GLY A 1 63  ? 7.516   -8.386  -9.602  1.00 33.53  ? 51  GLY A O   1 
ATOM   495  N  N   . SER A 1 64  ? 6.102   -8.175  -7.887  1.00 32.62  ? 52  SER A N   1 
ATOM   496  C  CA  . SER A 1 64  ? 5.759   -6.821  -8.256  1.00 33.46  ? 52  SER A CA  1 
ATOM   497  C  C   . SER A 1 64  ? 6.087   -5.867  -7.143  1.00 32.84  ? 52  SER A C   1 
ATOM   498  O  O   . SER A 1 64  ? 6.262   -6.281  -5.997  1.00 33.40  ? 52  SER A O   1 
ATOM   499  C  CB  . SER A 1 64  ? 4.283   -6.737  -8.602  1.00 33.75  ? 52  SER A CB  1 
ATOM   500  O  OG  . SER A 1 64  ? 4.097   -7.167  -9.933  1.00 41.74  ? 52  SER A OG  1 
ATOM   501  N  N   . LEU A 1 65  ? 6.191   -4.587  -7.480  1.00 31.03  ? 53  LEU A N   1 
ATOM   502  C  CA  . LEU A 1 65  ? 6.286   -3.557  -6.458  1.00 29.51  ? 53  LEU A CA  1 
ATOM   503  C  C   . LEU A 1 65  ? 5.107   -2.607  -6.573  1.00 30.14  ? 53  LEU A C   1 
ATOM   504  O  O   . LEU A 1 65  ? 4.543   -2.438  -7.666  1.00 30.19  ? 53  LEU A O   1 
ATOM   505  C  CB  . LEU A 1 65  ? 7.619   -2.809  -6.534  1.00 27.47  ? 53  LEU A CB  1 
ATOM   506  C  CG  . LEU A 1 65  ? 7.929   -2.049  -7.801  1.00 24.52  ? 53  LEU A CG  1 
ATOM   507  C  CD1 . LEU A 1 65  ? 7.541   -0.606  -7.633  1.00 37.11  ? 53  LEU A CD1 1 
ATOM   508  C  CD2 . LEU A 1 65  ? 9.390   -2.152  -8.046  1.00 31.34  ? 53  LEU A CD2 1 
ATOM   509  N  N   . VAL A 1 66  ? 4.736   -2.004  -5.442  1.00 29.26  ? 54  VAL A N   1 
ATOM   510  C  CA  . VAL A 1 66  ? 3.668   -1.010  -5.406  1.00 28.01  ? 54  VAL A CA  1 
ATOM   511  C  C   . VAL A 1 66  ? 4.212   0.340   -4.980  1.00 30.14  ? 54  VAL A C   1 
ATOM   512  O  O   . VAL A 1 66  ? 4.946   0.425   -4.008  1.00 32.67  ? 54  VAL A O   1 
ATOM   513  C  CB  . VAL A 1 66  ? 2.558   -1.421  -4.417  1.00 28.55  ? 54  VAL A CB  1 
ATOM   514  C  CG1 . VAL A 1 66  ? 1.550   -0.281  -4.214  1.00 19.45  ? 54  VAL A CG1 1 
ATOM   515  C  CG2 . VAL A 1 66  ? 1.886   -2.715  -4.876  1.00 19.17  ? 54  VAL A CG2 1 
ATOM   516  N  N   . ILE A 1 67  ? 3.852   1.389   -5.714  1.00 32.26  ? 55  ILE A N   1 
ATOM   517  C  CA  . ILE A 1 67  ? 4.098   2.767   -5.279  1.00 31.01  ? 55  ILE A CA  1 
ATOM   518  C  C   . ILE A 1 67  ? 2.787   3.446   -4.899  1.00 32.26  ? 55  ILE A C   1 
ATOM   519  O  O   . ILE A 1 67  ? 1.796   3.354   -5.610  1.00 33.58  ? 55  ILE A O   1 
ATOM   520  C  CB  . ILE A 1 67  ? 4.845   3.590   -6.363  1.00 30.64  ? 55  ILE A CB  1 
ATOM   521  C  CG1 . ILE A 1 67  ? 6.166   2.909   -6.737  1.00 25.15  ? 55  ILE A CG1 1 
ATOM   522  C  CG2 . ILE A 1 67  ? 5.083   5.041   -5.865  1.00 23.25  ? 55  ILE A CG2 1 
ATOM   523  C  CD1 . ILE A 1 67  ? 6.909   3.610   -7.842  1.00 30.81  ? 55  ILE A CD1 1 
ATOM   524  N  N   . ASP A 1 68  ? 2.789   4.135   -3.777  1.00 33.82  ? 56  ASP A N   1 
ATOM   525  C  CA  . ASP A 1 68  ? 1.588   4.776   -3.284  1.00 35.38  ? 56  ASP A CA  1 
ATOM   526  C  C   . ASP A 1 68  ? 1.925   6.163   -2.718  1.00 36.53  ? 56  ASP A C   1 
ATOM   527  O  O   . ASP A 1 68  ? 2.951   6.347   -2.070  1.00 37.54  ? 56  ASP A O   1 
ATOM   528  C  CB  . ASP A 1 68  ? 0.939   3.880   -2.226  1.00 35.98  ? 56  ASP A CB  1 
ATOM   529  C  CG  . ASP A 1 68  ? -0.505  4.237   -1.965  1.00 38.48  ? 56  ASP A CG  1 
ATOM   530  O  OD1 . ASP A 1 68  ? -0.978  5.259   -2.507  1.00 42.28  ? 56  ASP A OD1 1 
ATOM   531  O  OD2 . ASP A 1 68  ? -1.245  3.562   -1.231  1.00 29.70  ? 56  ASP A OD2 1 
ATOM   532  N  N   . LYS A 1 69  ? 1.057   7.133   -2.989  1.00 38.05  ? 57  LYS A N   1 
ATOM   533  C  CA  . LYS A 1 69  ? 1.249   8.538   -2.606  1.00 37.02  ? 57  LYS A CA  1 
ATOM   534  C  C   . LYS A 1 69  ? 1.150   8.693   -1.067  1.00 37.83  ? 57  LYS A C   1 
ATOM   535  O  O   . LYS A 1 69  ? 1.926   9.420   -0.436  1.00 39.86  ? 57  LYS A O   1 
ATOM   536  C  CB  . LYS A 1 69  ? 0.153   9.369   -3.280  1.00 35.08  ? 57  LYS A CB  1 
ATOM   537  C  CG  . LYS A 1 69  ? 0.558   10.647  -3.970  1.00 39.36  ? 57  LYS A CG  1 
ATOM   538  C  CD  . LYS A 1 69  ? -0.723  11.305  -4.515  1.00 46.95  ? 57  LYS A CD  1 
ATOM   539  C  CE  . LYS A 1 69  ? -0.448  12.398  -5.516  1.00 47.78  ? 57  LYS A CE  1 
ATOM   540  N  NZ  . LYS A 1 69  ? -0.434  13.688  -4.786  1.00 52.96  ? 57  LYS A NZ  1 
HETATM 541  N  N   . MSE A 1 70  ? 0.193   7.990   -0.469  1.00 35.31  ? 58  MSE A N   1 
HETATM 542  C  CA  . MSE A 1 70  ? -0.152  8.203   0.913   1.00 34.17  ? 58  MSE A CA  1 
HETATM 543  C  C   . MSE A 1 70  ? -0.528  6.864   1.533   1.00 33.47  ? 58  MSE A C   1 
HETATM 544  O  O   . MSE A 1 70  ? -1.591  6.316   1.234   1.00 34.66  ? 58  MSE A O   1 
HETATM 545  C  CB  . MSE A 1 70  ? -1.329  9.186   0.980   1.00 35.06  ? 58  MSE A CB  1 
HETATM 546  C  CG  . MSE A 1 70  ? -1.830  9.518   2.392   1.00 40.89  ? 58  MSE A CG  1 
HETATM 547  SE SE  . MSE A 1 70  ? -0.468  10.427  3.524   1.00 58.61  ? 58  MSE A SE  1 
HETATM 548  C  CE  . MSE A 1 70  ? -0.299  12.290  2.619   1.00 56.44  ? 58  MSE A CE  1 
ATOM   549  N  N   . VAL A 1 71  ? 0.342   6.318   2.378   1.00 30.45  ? 59  VAL A N   1 
ATOM   550  C  CA  . VAL A 1 71  ? 0.077   5.002   2.933   1.00 30.08  ? 59  VAL A CA  1 
ATOM   551  C  C   . VAL A 1 71  ? -0.288  5.088   4.412   1.00 31.88  ? 59  VAL A C   1 
ATOM   552  O  O   . VAL A 1 71  ? 0.569   5.352   5.277   1.00 32.99  ? 59  VAL A O   1 
ATOM   553  C  CB  . VAL A 1 71  ? 1.228   4.013   2.648   1.00 29.71  ? 59  VAL A CB  1 
ATOM   554  C  CG1 . VAL A 1 71  ? 0.989   2.679   3.331   1.00 29.52  ? 59  VAL A CG1 1 
ATOM   555  C  CG2 . VAL A 1 71  ? 1.323   3.762   1.177   1.00 30.55  ? 59  VAL A CG2 1 
ATOM   556  N  N   . GLY A 1 72  ? -1.575  4.890   4.691   1.00 31.78  ? 60  GLY A N   1 
ATOM   557  C  CA  . GLY A 1 72  ? -2.056  4.829   6.060   1.00 33.66  ? 60  GLY A CA  1 
ATOM   558  C  C   . GLY A 1 72  ? -2.262  3.382   6.462   1.00 34.27  ? 60  GLY A C   1 
ATOM   559  O  O   . GLY A 1 72  ? -2.010  2.474   5.667   1.00 36.00  ? 60  GLY A O   1 
ATOM   560  N  N   . LYS A 1 73  ? -2.732  3.160   7.683   1.00 32.59  ? 61  LYS A N   1 
ATOM   561  C  CA  . LYS A 1 73  ? -3.024  1.803   8.149   1.00 31.86  ? 61  LYS A CA  1 
ATOM   562  C  C   . LYS A 1 73  ? -4.009  1.046   7.241   1.00 32.30  ? 61  LYS A C   1 
ATOM   563  O  O   . LYS A 1 73  ? -3.837  -0.157  6.964   1.00 30.02  ? 61  LYS A O   1 
ATOM   564  C  CB  . LYS A 1 73  ? -3.571  1.848   9.561   1.00 29.70  ? 61  LYS A CB  1 
ATOM   565  C  CG  . LYS A 1 73  ? -3.115  0.739   10.416  1.00 26.75  ? 61  LYS A CG  1 
ATOM   566  C  CD  . LYS A 1 73  ? -3.765  0.856   11.770  1.00 28.58  ? 61  LYS A CD  1 
ATOM   567  C  CE  . LYS A 1 73  ? -3.647  -0.437  12.479  1.00 20.16  ? 61  LYS A CE  1 
ATOM   568  N  NZ  . LYS A 1 73  ? -3.449  -0.215  13.893  1.00 33.69  ? 61  LYS A NZ  1 
ATOM   569  N  N   . ALA A 1 74  ? -5.043  1.752   6.786   1.00 32.59  ? 62  ALA A N   1 
ATOM   570  C  CA  . ALA A 1 74  ? -6.020  1.133   5.913   1.00 33.65  ? 62  ALA A CA  1 
ATOM   571  C  C   . ALA A 1 74  ? -5.344  0.561   4.656   1.00 36.74  ? 62  ALA A C   1 
ATOM   572  O  O   . ALA A 1 74  ? -5.458  -0.640  4.429   1.00 41.25  ? 62  ALA A O   1 
ATOM   573  C  CB  . ALA A 1 74  ? -7.103  2.078   5.577   1.00 32.54  ? 62  ALA A CB  1 
ATOM   574  N  N   . ALA A 1 75  ? -4.595  1.380   3.894   1.00 34.70  ? 63  ALA A N   1 
ATOM   575  C  CA  . ALA A 1 75  ? -3.876  0.922   2.690   1.00 30.62  ? 63  ALA A CA  1 
ATOM   576  C  C   . ALA A 1 75  ? -2.811  -0.116  3.007   1.00 31.44  ? 63  ALA A C   1 
ATOM   577  O  O   . ALA A 1 75  ? -2.631  -1.085  2.258   1.00 32.46  ? 63  ALA A O   1 
ATOM   578  C  CB  . ALA A 1 75  ? -3.253  2.082   1.953   1.00 28.05  ? 63  ALA A CB  1 
ATOM   579  N  N   . ALA A 1 76  ? -2.092  0.080   4.111   1.00 31.17  ? 64  ALA A N   1 
ATOM   580  C  CA  . ALA A 1 76  ? -1.084  -0.897  4.526   1.00 30.02  ? 64  ALA A CA  1 
ATOM   581  C  C   . ALA A 1 76  ? -1.707  -2.299  4.639   1.00 31.39  ? 64  ALA A C   1 
ATOM   582  O  O   . ALA A 1 76  ? -1.131  -3.271  4.159   1.00 33.30  ? 64  ALA A O   1 
ATOM   583  C  CB  . ALA A 1 76  ? -0.439  -0.487  5.825   1.00 27.92  ? 64  ALA A CB  1 
ATOM   584  N  N   . SER A 1 77  ? -2.897  -2.387  5.230   1.00 30.78  ? 65  SER A N   1 
ATOM   585  C  CA  . SER A 1 77  ? -3.581  -3.658  5.399   1.00 30.50  ? 65  SER A CA  1 
ATOM   586  C  C   . SER A 1 77  ? -3.874  -4.317  4.059   1.00 31.57  ? 65  SER A C   1 
ATOM   587  O  O   . SER A 1 77  ? -3.586  -5.506  3.857   1.00 32.42  ? 65  SER A O   1 
ATOM   588  C  CB  . SER A 1 77  ? -4.871  -3.482  6.196   1.00 30.37  ? 65  SER A CB  1 
ATOM   589  O  OG  . SER A 1 77  ? -4.587  -3.086  7.525   1.00 30.78  ? 65  SER A OG  1 
ATOM   590  N  N   . PHE A 1 78  ? -4.450  -3.554  3.136   1.00 31.97  ? 66  PHE A N   1 
ATOM   591  C  CA  . PHE A 1 78  ? -4.733  -4.092  1.810   1.00 30.90  ? 66  PHE A CA  1 
ATOM   592  C  C   . PHE A 1 78  ? -3.435  -4.560  1.143   1.00 30.69  ? 66  PHE A C   1 
ATOM   593  O  O   . PHE A 1 78  ? -3.329  -5.712  0.691   1.00 30.47  ? 66  PHE A O   1 
ATOM   594  C  CB  . PHE A 1 78  ? -5.439  -3.055  0.955   1.00 29.68  ? 66  PHE A CB  1 
ATOM   595  C  CG  . PHE A 1 78  ? -6.903  -2.939  1.240   1.00 29.64  ? 66  PHE A CG  1 
ATOM   596  C  CD1 . PHE A 1 78  ? -7.805  -3.835  0.689   1.00 30.20  ? 66  PHE A CD1 1 
ATOM   597  C  CD2 . PHE A 1 78  ? -7.383  -1.938  2.051   1.00 24.68  ? 66  PHE A CD2 1 
ATOM   598  C  CE1 . PHE A 1 78  ? -9.151  -3.733  0.957   1.00 26.39  ? 66  PHE A CE1 1 
ATOM   599  C  CE2 . PHE A 1 78  ? -8.732  -1.829  2.312   1.00 26.63  ? 66  PHE A CE2 1 
ATOM   600  C  CZ  . PHE A 1 78  ? -9.612  -2.731  1.771   1.00 26.91  ? 66  PHE A CZ  1 
ATOM   601  N  N   . LEU A 1 79  ? -2.441  -3.678  1.128   1.00 29.15  ? 67  LEU A N   1 
ATOM   602  C  CA  . LEU A 1 79  ? -1.185  -3.982  0.490   1.00 28.88  ? 67  LEU A CA  1 
ATOM   603  C  C   . LEU A 1 79  ? -0.497  -5.202  1.164   1.00 29.19  ? 67  LEU A C   1 
ATOM   604  O  O   . LEU A 1 79  ? 0.030   -6.071  0.461   1.00 29.79  ? 67  LEU A O   1 
ATOM   605  C  CB  . LEU A 1 79  ? -0.308  -2.726  0.436   1.00 28.79  ? 67  LEU A CB  1 
ATOM   606  C  CG  . LEU A 1 79  ? -0.826  -1.565  -0.441  1.00 30.07  ? 67  LEU A CG  1 
ATOM   607  C  CD1 . LEU A 1 79  ? 0.039   -0.301  -0.305  1.00 18.96  ? 67  LEU A CD1 1 
ATOM   608  C  CD2 . LEU A 1 79  ? -0.967  -1.952  -1.918  1.00 12.69  ? 67  LEU A CD2 1 
ATOM   609  N  N   . LEU A 1 80  ? -0.544  -5.293  2.499   1.00 26.10  ? 68  LEU A N   1 
ATOM   610  C  CA  . LEU A 1 80  ? 0.077   -6.415  3.215   1.00 26.26  ? 68  LEU A CA  1 
ATOM   611  C  C   . LEU A 1 80  ? -0.526  -7.738  2.771   1.00 28.35  ? 68  LEU A C   1 
ATOM   612  O  O   . LEU A 1 80  ? 0.197   -8.721  2.530   1.00 30.23  ? 68  LEU A O   1 
ATOM   613  C  CB  . LEU A 1 80  ? -0.084  -6.291  4.727   1.00 23.32  ? 68  LEU A CB  1 
ATOM   614  C  CG  . LEU A 1 80  ? 0.927   -5.422  5.483   1.00 28.90  ? 68  LEU A CG  1 
ATOM   615  C  CD1 . LEU A 1 80  ? 0.709   -5.570  6.973   1.00 37.04  ? 68  LEU A CD1 1 
ATOM   616  C  CD2 . LEU A 1 80  ? 2.351   -5.763  5.144   1.00 22.22  ? 68  LEU A CD2 1 
ATOM   617  N  N   . LYS A 1 81  ? -1.849  -7.761  2.641   1.00 27.27  ? 69  LYS A N   1 
ATOM   618  C  CA  . LYS A 1 81  ? -2.522  -8.980  2.235   1.00 28.52  ? 69  LYS A CA  1 
ATOM   619  C  C   . LYS A 1 81  ? -2.104  -9.401  0.822   1.00 30.02  ? 69  LYS A C   1 
ATOM   620  O  O   . LYS A 1 81  ? -2.032  -10.602 0.519   1.00 29.76  ? 69  LYS A O   1 
ATOM   621  C  CB  . LYS A 1 81  ? -4.042  -8.849  2.358   1.00 27.41  ? 69  LYS A CB  1 
ATOM   622  C  CG  . LYS A 1 81  ? -4.833  -10.049 1.867   1.00 29.84  ? 69  LYS A CG  1 
ATOM   623  C  CD  . LYS A 1 81  ? -4.548  -11.303 2.711   1.00 42.05  ? 69  LYS A CD  1 
ATOM   624  C  CE  . LYS A 1 81  ? -5.795  -11.894 3.364   1.00 43.59  ? 69  LYS A CE  1 
ATOM   625  N  NZ  . LYS A 1 81  ? -6.472  -12.644 2.321   1.00 35.29  ? 69  LYS A NZ  1 
HETATM 626  N  N   . MSE A 1 82  ? -1.783  -8.427  -0.025  1.00 29.90  ? 70  MSE A N   1 
HETATM 627  C  CA  . MSE A 1 82  ? -1.508  -8.754  -1.418  1.00 31.01  ? 70  MSE A CA  1 
HETATM 628  C  C   . MSE A 1 82  ? -0.089  -9.250  -1.629  1.00 30.55  ? 70  MSE A C   1 
HETATM 629  O  O   . MSE A 1 82  ? 0.238   -9.756  -2.699  1.00 31.43  ? 70  MSE A O   1 
HETATM 630  C  CB  . MSE A 1 82  ? -1.807  -7.572  -2.309  1.00 31.05  ? 70  MSE A CB  1 
HETATM 631  C  CG  . MSE A 1 82  ? -3.277  -7.381  -2.530  1.00 42.67  ? 70  MSE A CG  1 
HETATM 632  SE SE  . MSE A 1 82  ? -3.619  -5.909  -3.748  1.00 65.60  ? 70  MSE A SE  1 
HETATM 633  C  CE  . MSE A 1 82  ? -3.397  -4.463  -2.466  1.00 58.74  ? 70  MSE A CE  1 
ATOM   634  N  N   . LYS A 1 83  ? 0.746   -9.098  -0.606  1.00 29.12  ? 71  LYS A N   1 
ATOM   635  C  CA  . LYS A 1 83  ? 2.104   -9.612  -0.639  1.00 29.31  ? 71  LYS A CA  1 
ATOM   636  C  C   . LYS A 1 83  ? 2.958   -9.088  -1.818  1.00 30.15  ? 71  LYS A C   1 
ATOM   637  O  O   . LYS A 1 83  ? 3.503   -9.858  -2.616  1.00 31.41  ? 71  LYS A O   1 
ATOM   638  C  CB  . LYS A 1 83  ? 2.059   -11.136 -0.581  1.00 26.89  ? 71  LYS A CB  1 
ATOM   639  C  CG  . LYS A 1 83  ? 1.432   -11.628 0.720   1.00 30.90  ? 71  LYS A CG  1 
ATOM   640  C  CD  . LYS A 1 83  ? 1.741   -13.095 1.038   1.00 32.69  ? 71  LYS A CD  1 
ATOM   641  C  CE  . LYS A 1 83  ? 3.236   -13.315 1.185   1.00 40.05  ? 71  LYS A CE  1 
ATOM   642  N  NZ  . LYS A 1 83  ? 3.570   -14.324 2.211   1.00 40.53  ? 71  LYS A NZ  1 
ATOM   643  N  N   . PRO A 1 84  ? 3.087   -7.770  -1.946  1.00 30.68  ? 72  PRO A N   1 
ATOM   644  C  CA  . PRO A 1 84  ? 4.023   -7.232  -2.940  1.00 29.94  ? 72  PRO A CA  1 
ATOM   645  C  C   . PRO A 1 84  ? 5.468   -7.408  -2.424  1.00 30.45  ? 72  PRO A C   1 
ATOM   646  O  O   . PRO A 1 84  ? 5.653   -7.547  -1.214  1.00 31.22  ? 72  PRO A O   1 
ATOM   647  C  CB  . PRO A 1 84  ? 3.626   -5.761  -3.015  1.00 28.54  ? 72  PRO A CB  1 
ATOM   648  C  CG  . PRO A 1 84  ? 3.048   -5.460  -1.682  1.00 24.53  ? 72  PRO A CG  1 
ATOM   649  C  CD  . PRO A 1 84  ? 2.386   -6.701  -1.205  1.00 27.69  ? 72  PRO A CD  1 
ATOM   650  N  N   . ASP A 1 85  ? 6.456   -7.420  -3.312  1.00 29.67  ? 73  ASP A N   1 
ATOM   651  C  CA  . ASP A 1 85  ? 7.848   -7.572  -2.923  1.00 30.23  ? 73  ASP A CA  1 
ATOM   652  C  C   . ASP A 1 85  ? 8.268   -6.319  -2.121  1.00 33.81  ? 73  ASP A C   1 
ATOM   653  O  O   . ASP A 1 85  ? 8.946   -6.427  -1.080  1.00 40.04  ? 73  ASP A O   1 
ATOM   654  C  CB  . ASP A 1 85  ? 8.767   -7.738  -4.155  1.00 30.76  ? 73  ASP A CB  1 
ATOM   655  C  CG  . ASP A 1 85  ? 8.477   -9.008  -5.003  1.00 37.09  ? 73  ASP A CG  1 
ATOM   656  O  OD1 . ASP A 1 85  ? 7.506   -9.769  -4.754  1.00 43.55  ? 73  ASP A OD1 1 
ATOM   657  O  OD2 . ASP A 1 85  ? 9.199   -9.316  -5.978  1.00 39.05  ? 73  ASP A OD2 1 
ATOM   658  N  N   . HIS A 1 86  ? 7.848   -5.138  -2.574  1.00 30.30  ? 74  HIS A N   1 
ATOM   659  C  CA  . HIS A 1 86  ? 8.220   -3.908  -1.913  1.00 30.27  ? 74  HIS A CA  1 
ATOM   660  C  C   . HIS A 1 86  ? 7.109   -2.876  -2.081  1.00 32.62  ? 74  HIS A C   1 
ATOM   661  O  O   . HIS A 1 86  ? 6.460   -2.843  -3.134  1.00 35.40  ? 74  HIS A O   1 
ATOM   662  C  CB  . HIS A 1 86  ? 9.521   -3.409  -2.515  1.00 29.54  ? 74  HIS A CB  1 
ATOM   663  C  CG  . HIS A 1 86  ? 10.069  -2.165  -1.885  1.00 30.34  ? 74  HIS A CG  1 
ATOM   664  N  ND1 . HIS A 1 86  ? 10.986  -2.193  -0.857  1.00 30.66  ? 74  HIS A ND1 1 
ATOM   665  C  CD2 . HIS A 1 86  ? 9.889   -0.857  -2.189  1.00 33.87  ? 74  HIS A CD2 1 
ATOM   666  C  CE1 . HIS A 1 86  ? 11.319  -0.957  -0.528  1.00 29.35  ? 74  HIS A CE1 1 
ATOM   667  N  NE2 . HIS A 1 86  ? 10.667  -0.127  -1.321  1.00 32.39  ? 74  HIS A NE2 1 
ATOM   668  N  N   . ILE A 1 87  ? 6.878   -2.054  -1.051  1.00 30.05  ? 75  ILE A N   1 
ATOM   669  C  CA  . ILE A 1 87  ? 5.981   -0.911  -1.167  1.00 27.71  ? 75  ILE A CA  1 
ATOM   670  C  C   . ILE A 1 87  ? 6.820   0.340   -0.949  1.00 29.80  ? 75  ILE A C   1 
ATOM   671  O  O   . ILE A 1 87  ? 7.535   0.444   0.053   1.00 30.11  ? 75  ILE A O   1 
ATOM   672  C  CB  . ILE A 1 87  ? 4.876   -0.977  -0.108  1.00 28.27  ? 75  ILE A CB  1 
ATOM   673  C  CG1 . ILE A 1 87  ? 4.097   -2.285  -0.219  1.00 30.67  ? 75  ILE A CG1 1 
ATOM   674  C  CG2 . ILE A 1 87  ? 3.938   0.218   -0.218  1.00 21.07  ? 75  ILE A CG2 1 
ATOM   675  C  CD1 . ILE A 1 87  ? 3.373   -2.672  1.046   1.00 19.85  ? 75  ILE A CD1 1 
ATOM   676  N  N   . HIS A 1 88  ? 6.761   1.273   -1.901  1.00 30.21  ? 76  HIS A N   1 
ATOM   677  C  CA  . HIS A 1 88  ? 7.377   2.584   -1.734  1.00 29.77  ? 76  HIS A CA  1 
ATOM   678  C  C   . HIS A 1 88  ? 6.276   3.594   -1.542  1.00 28.96  ? 76  HIS A C   1 
ATOM   679  O  O   . HIS A 1 88  ? 5.449   3.769   -2.417  1.00 28.99  ? 76  HIS A O   1 
ATOM   680  C  CB  . HIS A 1 88  ? 8.215   2.997   -2.944  1.00 30.37  ? 76  HIS A CB  1 
ATOM   681  C  CG  . HIS A 1 88  ? 8.847   4.351   -2.794  1.00 30.34  ? 76  HIS A CG  1 
ATOM   682  N  ND1 . HIS A 1 88  ? 9.852   4.607   -1.886  1.00 31.67  ? 76  HIS A ND1 1 
ATOM   683  C  CD2 . HIS A 1 88  ? 8.597   5.528   -3.414  1.00 35.52  ? 76  HIS A CD2 1 
ATOM   684  C  CE1 . HIS A 1 88  ? 10.210  5.877   -1.966  1.00 36.88  ? 76  HIS A CE1 1 
ATOM   685  N  NE2 . HIS A 1 88  ? 9.466   6.460   -2.889  1.00 42.96  ? 76  HIS A NE2 1 
ATOM   686  N  N   . ALA A 1 89  ? 6.280   4.246   -0.389  1.00 28.88  ? 77  ALA A N   1 
ATOM   687  C  CA  . ALA A 1 89  ? 5.280   5.236   -0.027  1.00 29.05  ? 77  ALA A CA  1 
ATOM   688  C  C   . ALA A 1 89  ? 5.909   6.621   -0.102  1.00 30.45  ? 77  ALA A C   1 
ATOM   689  O  O   . ALA A 1 89  ? 6.957   6.864   0.510   1.00 31.52  ? 77  ALA A O   1 
ATOM   690  C  CB  . ALA A 1 89  ? 4.777   4.964   1.391   1.00 28.90  ? 77  ALA A CB  1 
ATOM   691  N  N   . LYS A 1 90  ? 5.293   7.539   -0.841  1.00 31.07  ? 78  LYS A N   1 
ATOM   692  C  CA  . LYS A 1 90  ? 5.817   8.901   -0.875  1.00 33.29  ? 78  LYS A CA  1 
ATOM   693  C  C   . LYS A 1 90  ? 5.661   9.527   0.519   1.00 31.84  ? 78  LYS A C   1 
ATOM   694  O  O   . LYS A 1 90  ? 6.574   10.173  1.021   1.00 32.71  ? 78  LYS A O   1 
ATOM   695  C  CB  . LYS A 1 90  ? 5.168   9.731   -1.981  1.00 34.39  ? 78  LYS A CB  1 
ATOM   696  C  CG  . LYS A 1 90  ? 5.621   11.181  -2.004  1.00 44.94  ? 78  LYS A CG  1 
ATOM   697  C  CD  . LYS A 1 90  ? 5.108   11.903  -3.236  1.00 58.51  ? 78  LYS A CD  1 
ATOM   698  C  CE  . LYS A 1 90  ? 5.357   13.391  -3.114  1.00 62.15  ? 78  LYS A CE  1 
ATOM   699  N  NZ  . LYS A 1 90  ? 5.748   13.934  -4.430  1.00 66.87  ? 78  LYS A NZ  1 
ATOM   700  N  N   . VAL A 1 91  ? 4.506   9.301   1.140   1.00 30.53  ? 79  VAL A N   1 
ATOM   701  C  CA  . VAL A 1 91  ? 4.283   9.624   2.541   1.00 29.22  ? 79  VAL A CA  1 
ATOM   702  C  C   . VAL A 1 91  ? 3.663   8.398   3.208   1.00 29.50  ? 79  VAL A C   1 
ATOM   703  O  O   . VAL A 1 91  ? 2.713   7.821   2.669   1.00 31.13  ? 79  VAL A O   1 
ATOM   704  C  CB  . VAL A 1 91  ? 3.267   10.787  2.733   1.00 27.98  ? 79  VAL A CB  1 
ATOM   705  C  CG1 . VAL A 1 91  ? 3.127   11.129  4.202   1.00 25.66  ? 79  VAL A CG1 1 
ATOM   706  C  CG2 . VAL A 1 91  ? 3.668   11.987  1.995   1.00 26.89  ? 79  VAL A CG2 1 
ATOM   707  N  N   . ILE A 1 92  ? 4.186   8.026   4.375   1.00 28.35  ? 80  ILE A N   1 
ATOM   708  C  CA  . ILE A 1 92  ? 3.631   6.950   5.191   1.00 28.33  ? 80  ILE A CA  1 
ATOM   709  C  C   . ILE A 1 92  ? 3.278   7.455   6.587   1.00 29.09  ? 80  ILE A C   1 
ATOM   710  O  O   . ILE A 1 92  ? 4.004   8.266   7.164   1.00 31.40  ? 80  ILE A O   1 
ATOM   711  C  CB  . ILE A 1 92  ? 4.646   5.798   5.284   1.00 28.70  ? 80  ILE A CB  1 
ATOM   712  C  CG1 . ILE A 1 92  ? 4.008   4.544   5.853   1.00 28.39  ? 80  ILE A CG1 1 
ATOM   713  C  CG2 . ILE A 1 92  ? 5.868   6.182   6.129   1.00 28.98  ? 80  ILE A CG2 1 
ATOM   714  C  CD1 . ILE A 1 92  ? 4.803   3.280   5.536   1.00 32.96  ? 80  ILE A CD1 1 
ATOM   715  N  N   . SER A 1 93  ? 2.169   6.982   7.145   1.00 28.86  ? 81  SER A N   1 
ATOM   716  C  CA  . SER A 1 93  ? 1.821   7.359   8.509   1.00 27.11  ? 81  SER A CA  1 
ATOM   717  C  C   . SER A 1 93  ? 2.467   6.388   9.473   1.00 27.99  ? 81  SER A C   1 
ATOM   718  O  O   . SER A 1 93  ? 2.754   5.248   9.112   1.00 29.80  ? 81  SER A O   1 
ATOM   719  C  CB  . SER A 1 93  ? 0.315   7.374   8.707   1.00 26.10  ? 81  SER A CB  1 
ATOM   720  O  OG  . SER A 1 93  ? -0.172  6.064   8.899   1.00 30.56  ? 81  SER A OG  1 
ATOM   721  N  N   . LYS A 1 94  ? 2.690   6.847   10.700  1.00 28.41  ? 82  LYS A N   1 
ATOM   722  C  CA  . LYS A 1 94  ? 3.311   6.050   11.745  1.00 29.49  ? 82  LYS A CA  1 
ATOM   723  C  C   . LYS A 1 94  ? 2.599   4.713   12.006  1.00 30.44  ? 82  LYS A C   1 
ATOM   724  O  O   . LYS A 1 94  ? 3.279   3.715   12.167  1.00 32.15  ? 82  LYS A O   1 
ATOM   725  C  CB  . LYS A 1 94  ? 3.433   6.866   13.035  1.00 30.68  ? 82  LYS A CB  1 
ATOM   726  C  CG  . LYS A 1 94  ? 4.442   6.337   14.035  1.00 35.26  ? 82  LYS A CG  1 
ATOM   727  C  CD  . LYS A 1 94  ? 4.643   7.347   15.154  1.00 54.87  ? 82  LYS A CD  1 
ATOM   728  C  CE  . LYS A 1 94  ? 4.162   6.809   16.498  1.00 67.12  ? 82  LYS A CE  1 
ATOM   729  N  NZ  . LYS A 1 94  ? 3.778   7.926   17.389  1.00 68.21  ? 82  LYS A NZ  1 
ATOM   730  N  N   . PRO A 1 95  ? 1.261   4.680   12.085  1.00 29.61  ? 83  PRO A N   1 
ATOM   731  C  CA  . PRO A 1 95  ? 0.552   3.414   12.228  1.00 29.03  ? 83  PRO A CA  1 
ATOM   732  C  C   . PRO A 1 95  ? 0.897   2.448   11.113  1.00 31.05  ? 83  PRO A C   1 
ATOM   733  O  O   . PRO A 1 95  ? 1.161   1.283   11.407  1.00 32.89  ? 83  PRO A O   1 
ATOM   734  C  CB  . PRO A 1 95  ? -0.912  3.834   12.154  1.00 29.74  ? 83  PRO A CB  1 
ATOM   735  C  CG  . PRO A 1 95  ? -0.933  5.220   12.717  1.00 28.85  ? 83  PRO A CG  1 
ATOM   736  C  CD  . PRO A 1 95  ? 0.316   5.816   12.134  1.00 31.82  ? 83  PRO A CD  1 
ATOM   737  N  N   . ALA A 1 96  ? 0.932   2.923   9.872   1.00 32.10  ? 84  ALA A N   1 
ATOM   738  C  CA  . ALA A 1 96  ? 1.258   2.065   8.742   1.00 31.70  ? 84  ALA A CA  1 
ATOM   739  C  C   . ALA A 1 96  ? 2.678   1.527   8.874   1.00 31.46  ? 84  ALA A C   1 
ATOM   740  O  O   . ALA A 1 96  ? 2.894   0.319   8.782   1.00 36.10  ? 84  ALA A O   1 
ATOM   741  C  CB  . ALA A 1 96  ? 1.044   2.786   7.409   1.00 30.27  ? 84  ALA A CB  1 
ATOM   742  N  N   . LEU A 1 97  ? 3.631   2.398   9.148   1.00 28.47  ? 85  LEU A N   1 
ATOM   743  C  CA  . LEU A 1 97  ? 5.018   1.970   9.275   1.00 28.83  ? 85  LEU A CA  1 
ATOM   744  C  C   . LEU A 1 97  ? 5.151   0.883   10.346  1.00 28.87  ? 85  LEU A C   1 
ATOM   745  O  O   . LEU A 1 97  ? 5.844   -0.119  10.150  1.00 29.18  ? 85  LEU A O   1 
ATOM   746  C  CB  . LEU A 1 97  ? 5.918   3.184   9.579   1.00 28.48  ? 85  LEU A CB  1 
ATOM   747  C  CG  . LEU A 1 97  ? 7.430   3.057   9.813   1.00 31.96  ? 85  LEU A CG  1 
ATOM   748  C  CD1 . LEU A 1 97  ? 8.077   4.400   9.549   1.00 37.33  ? 85  LEU A CD1 1 
ATOM   749  C  CD2 . LEU A 1 97  ? 7.761   2.627   11.248  1.00 26.99  ? 85  LEU A CD2 1 
ATOM   750  N  N   . LYS A 1 98  ? 4.477   1.083   11.475  1.00 28.99  ? 86  LYS A N   1 
ATOM   751  C  CA  . LYS A 1 98  ? 4.576   0.179   12.621  1.00 30.43  ? 86  LYS A CA  1 
ATOM   752  C  C   . LYS A 1 98  ? 4.073   -1.193  12.210  1.00 32.68  ? 86  LYS A C   1 
ATOM   753  O  O   . LYS A 1 98  ? 4.659   -2.219  12.586  1.00 34.22  ? 86  LYS A O   1 
ATOM   754  C  CB  . LYS A 1 98  ? 3.701   0.692   13.758  1.00 28.96  ? 86  LYS A CB  1 
ATOM   755  C  CG  . LYS A 1 98  ? 4.428   1.131   14.967  1.00 35.02  ? 86  LYS A CG  1 
ATOM   756  C  CD  . LYS A 1 98  ? 4.447   2.637   15.084  1.00 41.04  ? 86  LYS A CD  1 
ATOM   757  C  CE  . LYS A 1 98  ? 4.024   3.084   16.473  1.00 50.92  ? 86  LYS A CE  1 
ATOM   758  N  NZ  . LYS A 1 98  ? 2.615   2.652   16.726  1.00 52.76  ? 86  LYS A NZ  1 
ATOM   759  N  N   . LEU A 1 99  ? 2.993   -1.186  11.418  1.00 33.36  ? 87  LEU A N   1 
ATOM   760  C  CA  . LEU A 1 99  ? 2.302   -2.393  10.986  1.00 33.18  ? 87  LEU A CA  1 
ATOM   761  C  C   . LEU A 1 99  ? 3.161   -3.200  10.042  1.00 34.36  ? 87  LEU A C   1 
ATOM   762  O  O   . LEU A 1 99  ? 3.314   -4.414  10.215  1.00 36.25  ? 87  LEU A O   1 
ATOM   763  C  CB  . LEU A 1 99  ? 0.971   -2.063  10.313  1.00 31.93  ? 87  LEU A CB  1 
ATOM   764  C  CG  . LEU A 1 99  ? 0.030   -3.232  10.011  1.00 28.63  ? 87  LEU A CG  1 
ATOM   765  C  CD1 . LEU A 1 99  ? -0.407  -3.969  11.268  1.00 19.38  ? 87  LEU A CD1 1 
ATOM   766  C  CD2 . LEU A 1 99  ? -1.179  -2.670  9.300   1.00 32.80  ? 87  LEU A CD2 1 
HETATM 767  N  N   . MSE A 1 100 ? 3.728   -2.520  9.054   1.00 32.27  ? 88  MSE A N   1 
HETATM 768  C  CA  . MSE A 1 100 ? 4.553   -3.189  8.067   1.00 32.54  ? 88  MSE A CA  1 
HETATM 769  C  C   . MSE A 1 100 ? 5.812   -3.768  8.661   1.00 31.11  ? 88  MSE A C   1 
HETATM 770  O  O   . MSE A 1 100 ? 6.243   -4.826  8.215   1.00 31.00  ? 88  MSE A O   1 
HETATM 771  C  CB  . MSE A 1 100 ? 4.873   -2.238  6.934   1.00 35.98  ? 88  MSE A CB  1 
HETATM 772  C  CG  . MSE A 1 100 ? 3.616   -1.618  6.436   1.00 46.90  ? 88  MSE A CG  1 
HETATM 773  SE SE  . MSE A 1 100 ? 3.487   -1.513  4.540   1.00 72.58  ? 88  MSE A SE  1 
HETATM 774  C  CE  . MSE A 1 100 ? 4.554   0.068   4.281   1.00 64.15  ? 88  MSE A CE  1 
ATOM   775  N  N   . ASN A 1 101 ? 6.384   -3.107  9.674   1.00 27.95  ? 89  ASN A N   1 
ATOM   776  C  CA  . ASN A 1 101 ? 7.462   -3.731  10.412  1.00 29.13  ? 89  ASN A CA  1 
ATOM   777  C  C   . ASN A 1 101 ? 7.031   -4.978  11.159  1.00 28.64  ? 89  ASN A C   1 
ATOM   778  O  O   . ASN A 1 101 ? 7.753   -5.953  11.169  1.00 28.93  ? 89  ASN A O   1 
ATOM   779  C  CB  . ASN A 1 101 ? 8.185   -2.760  11.345  1.00 32.22  ? 89  ASN A CB  1 
ATOM   780  C  CG  . ASN A 1 101 ? 8.967   -1.698  10.580  1.00 41.59  ? 89  ASN A CG  1 
ATOM   781  O  OD1 . ASN A 1 101 ? 9.607   -1.985  9.552   1.00 45.18  ? 89  ASN A OD1 1 
ATOM   782  N  ND2 . ASN A 1 101 ? 8.881   -0.449  11.048  1.00 52.25  ? 89  ASN A ND2 1 
ATOM   783  N  N   . GLU A 1 102 ? 5.847   -4.965  11.771  1.00 27.58  ? 90  GLU A N   1 
ATOM   784  C  CA  . GLU A 1 102 ? 5.387   -6.133  12.505  1.00 24.28  ? 90  GLU A CA  1 
ATOM   785  C  C   . GLU A 1 102 ? 5.312   -7.326  11.532  1.00 25.49  ? 90  GLU A C   1 
ATOM   786  O  O   . GLU A 1 102 ? 5.545   -8.497  11.917  1.00 23.93  ? 90  GLU A O   1 
ATOM   787  C  CB  . GLU A 1 102 ? 4.017   -5.846  13.148  1.00 23.16  ? 90  GLU A CB  1 
ATOM   788  C  CG  . GLU A 1 102 ? 3.387   -7.039  13.870  1.00 22.23  ? 90  GLU A CG  1 
ATOM   789  C  CD  . GLU A 1 102 ? 1.952   -6.827  14.308  1.00 22.23  ? 90  GLU A CD  1 
ATOM   790  O  OE1 . GLU A 1 102 ? 1.333   -5.830  13.922  1.00 27.45  ? 90  GLU A OE1 1 
ATOM   791  O  OE2 . GLU A 1 102 ? 1.421   -7.654  15.073  1.00 28.05  ? 90  GLU A OE2 1 
ATOM   792  N  N   . TYR A 1 103 ? 5.002   -7.017  10.268  1.00 23.56  ? 91  TYR A N   1 
ATOM   793  C  CA  . TYR A 1 103 ? 4.722   -8.051  9.310   1.00 24.84  ? 91  TYR A CA  1 
ATOM   794  C  C   . TYR A 1 103 ? 5.918   -8.372  8.447   1.00 26.67  ? 91  TYR A C   1 
ATOM   795  O  O   . TYR A 1 103 ? 5.808   -9.172  7.533   1.00 31.25  ? 91  TYR A O   1 
ATOM   796  C  CB  . TYR A 1 103 ? 3.470   -7.703  8.488   1.00 25.76  ? 91  TYR A CB  1 
ATOM   797  C  CG  . TYR A 1 103 ? 2.231   -8.058  9.266   1.00 28.17  ? 91  TYR A CG  1 
ATOM   798  C  CD1 . TYR A 1 103 ? 1.751   -7.208  10.265  1.00 28.31  ? 91  TYR A CD1 1 
ATOM   799  C  CD2 . TYR A 1 103 ? 1.580   -9.278  9.063   1.00 23.58  ? 91  TYR A CD2 1 
ATOM   800  C  CE1 . TYR A 1 103 ? 0.631   -7.552  11.018  1.00 29.93  ? 91  TYR A CE1 1 
ATOM   801  C  CE2 . TYR A 1 103 ? 0.454   -9.632  9.811   1.00 17.06  ? 91  TYR A CE2 1 
ATOM   802  C  CZ  . TYR A 1 103 ? -0.005  -8.769  10.783  1.00 22.00  ? 91  TYR A CZ  1 
ATOM   803  O  OH  . TYR A 1 103 ? -1.094  -9.101  11.526  1.00 25.98  ? 91  TYR A OH  1 
ATOM   804  N  N   . GLY A 1 104 ? 7.063   -7.757  8.733   1.00 25.12  ? 92  GLY A N   1 
ATOM   805  C  CA  . GLY A 1 104 ? 8.263   -7.966  7.950   1.00 23.45  ? 92  GLY A CA  1 
ATOM   806  C  C   . GLY A 1 104 ? 8.091   -7.704  6.464   1.00 25.83  ? 92  GLY A C   1 
ATOM   807  O  O   . GLY A 1 104 ? 8.688   -8.392  5.654   1.00 30.11  ? 92  GLY A O   1 
ATOM   808  N  N   . GLN A 1 105 ? 7.238   -6.753  6.089   1.00 26.26  ? 93  GLN A N   1 
ATOM   809  C  CA  . GLN A 1 105 ? 7.074   -6.355  4.692   1.00 25.30  ? 93  GLN A CA  1 
ATOM   810  C  C   . GLN A 1 105 ? 8.204   -5.392  4.327   1.00 28.37  ? 93  GLN A C   1 
ATOM   811  O  O   . GLN A 1 105 ? 8.608   -4.568  5.144   1.00 31.40  ? 93  GLN A O   1 
ATOM   812  C  CB  . GLN A 1 105 ? 5.740   -5.670  4.508   1.00 22.43  ? 93  GLN A CB  1 
ATOM   813  C  CG  . GLN A 1 105 ? 5.586   -4.932  3.222   1.00 23.93  ? 93  GLN A CG  1 
ATOM   814  C  CD  . GLN A 1 105 ? 5.327   -5.850  2.036   1.00 33.30  ? 93  GLN A CD  1 
ATOM   815  O  OE1 . GLN A 1 105 ? 4.494   -6.743  2.109   1.00 35.77  ? 93  GLN A OE1 1 
ATOM   816  N  NE2 . GLN A 1 105 ? 6.035   -5.622  0.939   1.00 38.20  ? 93  GLN A NE2 1 
ATOM   817  N  N   . SER A 1 106 ? 8.727   -5.501  3.110   1.00 31.02  ? 94  SER A N   1 
ATOM   818  C  CA  . SER A 1 106 ? 9.793   -4.608  2.661   1.00 28.47  ? 94  SER A CA  1 
ATOM   819  C  C   . SER A 1 106 ? 9.178   -3.333  2.124   1.00 29.23  ? 94  SER A C   1 
ATOM   820  O  O   . SER A 1 106 ? 8.275   -3.370  1.287   1.00 29.33  ? 94  SER A O   1 
ATOM   821  C  CB  . SER A 1 106 ? 10.622  -5.274  1.587   1.00 27.53  ? 94  SER A CB  1 
ATOM   822  O  OG  . SER A 1 106 ? 11.366  -4.310  0.897   1.00 23.39  ? 94  SER A OG  1 
ATOM   823  N  N   . PHE A 1 107 ? 9.638   -2.196  2.625   1.00 29.72  ? 95  PHE A N   1 
ATOM   824  C  CA  . PHE A 1 107 ? 9.019   -0.942  2.215   1.00 30.68  ? 95  PHE A CA  1 
ATOM   825  C  C   . PHE A 1 107 ? 10.002  0.222   2.381   1.00 29.54  ? 95  PHE A C   1 
ATOM   826  O  O   . PHE A 1 107 ? 10.977  0.095   3.090   1.00 30.17  ? 95  PHE A O   1 
ATOM   827  C  CB  . PHE A 1 107 ? 7.710   -0.704  2.991   1.00 29.19  ? 95  PHE A CB  1 
ATOM   828  C  CG  . PHE A 1 107 ? 7.928   -0.319  4.429   1.00 35.88  ? 95  PHE A CG  1 
ATOM   829  C  CD1 . PHE A 1 107 ? 8.094   -1.305  5.406   1.00 37.07  ? 95  PHE A CD1 1 
ATOM   830  C  CD2 . PHE A 1 107 ? 7.993   1.030   4.802   1.00 30.07  ? 95  PHE A CD2 1 
ATOM   831  C  CE1 . PHE A 1 107 ? 8.325   -0.959  6.743   1.00 43.96  ? 95  PHE A CE1 1 
ATOM   832  C  CE2 . PHE A 1 107 ? 8.224   1.385   6.127   1.00 41.60  ? 95  PHE A CE2 1 
ATOM   833  C  CZ  . PHE A 1 107 ? 8.389   0.385   7.113   1.00 39.86  ? 95  PHE A CZ  1 
ATOM   834  N  N   . SER A 1 108 ? 9.746   1.333   1.703   1.00 27.39  ? 96  SER A N   1 
ATOM   835  C  CA  . SER A 1 108 ? 10.583  2.511   1.824   1.00 26.98  ? 96  SER A CA  1 
ATOM   836  C  C   . SER A 1 108 ? 9.658   3.704   1.747   1.00 27.07  ? 96  SER A C   1 
ATOM   837  O  O   . SER A 1 108 ? 8.527   3.554   1.280   1.00 27.38  ? 96  SER A O   1 
ATOM   838  C  CB  . SER A 1 108 ? 11.645  2.553   0.715   1.00 24.97  ? 96  SER A CB  1 
ATOM   839  O  OG  . SER A 1 108 ? 11.040  2.469   -0.560  1.00 23.40  ? 96  SER A OG  1 
ATOM   840  N  N   . TYR A 1 109 ? 10.120  4.871   2.210   1.00 25.96  ? 97  TYR A N   1 
ATOM   841  C  CA  . TYR A 1 109 ? 9.271   6.059   2.243   1.00 27.47  ? 97  TYR A CA  1 
ATOM   842  C  C   . TYR A 1 109 ? 10.045  7.363   2.072   1.00 30.07  ? 97  TYR A C   1 
ATOM   843  O  O   . TYR A 1 109 ? 11.241  7.407   2.306   1.00 33.75  ? 97  TYR A O   1 
ATOM   844  C  CB  . TYR A 1 109 ? 8.411   6.100   3.516   1.00 27.01  ? 97  TYR A CB  1 
ATOM   845  C  CG  . TYR A 1 109 ? 9.175   6.089   4.838   1.00 27.41  ? 97  TYR A CG  1 
ATOM   846  C  CD1 . TYR A 1 109 ? 9.512   4.864   5.446   1.00 27.54  ? 97  TYR A CD1 1 
ATOM   847  C  CD2 . TYR A 1 109 ? 9.540   7.286   5.491   1.00 14.94  ? 97  TYR A CD2 1 
ATOM   848  C  CE1 . TYR A 1 109 ? 10.211  4.807   6.634   1.00 19.21  ? 97  TYR A CE1 1 
ATOM   849  C  CE2 . TYR A 1 109 ? 10.238  7.243   6.703   1.00 19.52  ? 97  TYR A CE2 1 
ATOM   850  C  CZ  . TYR A 1 109 ? 10.561  5.985   7.263   1.00 30.44  ? 97  TYR A CZ  1 
ATOM   851  O  OH  . TYR A 1 109 ? 11.224  5.857   8.457   1.00 36.97  ? 97  TYR A OH  1 
ATOM   852  N  N   . ASP A 1 110 ? 9.374   8.423   1.635   1.00 29.36  ? 98  ASP A N   1 
ATOM   853  C  CA  . ASP A 1 110 ? 10.050  9.707   1.485   1.00 28.18  ? 98  ASP A CA  1 
ATOM   854  C  C   . ASP A 1 110 ? 9.841   10.566  2.733   1.00 29.45  ? 98  ASP A C   1 
ATOM   855  O  O   . ASP A 1 110 ? 10.772  11.200  3.196   1.00 31.32  ? 98  ASP A O   1 
ATOM   856  C  CB  . ASP A 1 110 ? 9.628   10.414  0.194   1.00 24.07  ? 98  ASP A CB  1 
ATOM   857  C  CG  . ASP A 1 110 ? 9.922   9.569   -1.047  1.00 29.65  ? 98  ASP A CG  1 
ATOM   858  O  OD1 . ASP A 1 110 ? 11.011  8.939   -1.080  1.00 28.91  ? 98  ASP A OD1 1 
ATOM   859  O  OD2 . ASP A 1 110 ? 9.126   9.434   -2.029  1.00 32.15  ? 98  ASP A OD2 1 
ATOM   860  N  N   . GLU A 1 111 ? 8.630   10.556  3.288   1.00 29.14  ? 99  GLU A N   1 
ATOM   861  C  CA  . GLU A 1 111 ? 8.272   11.348  4.462   1.00 27.47  ? 99  GLU A CA  1 
ATOM   862  C  C   . GLU A 1 111 ? 7.459   10.445  5.377   1.00 27.14  ? 99  GLU A C   1 
ATOM   863  O  O   . GLU A 1 111 ? 6.719   9.589   4.894   1.00 26.31  ? 99  GLU A O   1 
ATOM   864  C  CB  . GLU A 1 111 ? 7.449   12.598  4.072   1.00 24.98  ? 99  GLU A CB  1 
ATOM   865  C  CG  . GLU A 1 111 ? 7.169   13.498  5.276   1.00 33.16  ? 99  GLU A CG  1 
ATOM   866  C  CD  . GLU A 1 111 ? 6.271   14.726  5.031   1.00 34.37  ? 99  GLU A CD  1 
ATOM   867  O  OE1 . GLU A 1 111 ? 5.978   15.026  3.860   1.00 16.95  ? 99  GLU A OE1 1 
ATOM   868  O  OE2 . GLU A 1 111 ? 5.874   15.416  6.033   1.00 28.90  ? 99  GLU A OE2 1 
ATOM   869  N  N   . LYS A 1 112 ? 7.602   10.628  6.690   1.00 27.97  ? 100 LYS A N   1 
ATOM   870  C  CA  . LYS A 1 112 ? 6.817   9.886   7.694   1.00 28.18  ? 100 LYS A CA  1 
ATOM   871  C  C   . LYS A 1 112 ? 5.955   10.923  8.393   1.00 27.25  ? 100 LYS A C   1 
ATOM   872  O  O   . LYS A 1 112 ? 6.398   12.037  8.573   1.00 29.07  ? 100 LYS A O   1 
ATOM   873  C  CB  . LYS A 1 112 ? 7.790   9.205   8.647   1.00 28.81  ? 100 LYS A CB  1 
ATOM   874  C  CG  . LYS A 1 112 ? 7.283   8.502   9.874   1.00 34.95  ? 100 LYS A CG  1 
ATOM   875  C  CD  . LYS A 1 112 ? 8.512   8.349   10.804  1.00 51.16  ? 100 LYS A CD  1 
ATOM   876  C  CE  . LYS A 1 112 ? 8.158   7.890   12.215  1.00 62.55  ? 100 LYS A CE  1 
ATOM   877  N  NZ  . LYS A 1 112 ? 9.246   7.017   12.777  1.00 67.94  ? 100 LYS A NZ  1 
ATOM   878  N  N   . ILE A 1 113 ? 4.707   10.604  8.721   1.00 26.94  ? 101 ILE A N   1 
ATOM   879  C  CA  . ILE A 1 113 ? 3.844   11.538  9.469   1.00 26.10  ? 101 ILE A CA  1 
ATOM   880  C  C   . ILE A 1 113 ? 3.079   10.799  10.583  1.00 27.69  ? 101 ILE A C   1 
ATOM   881  O  O   . ILE A 1 113 ? 2.877   9.606   10.465  1.00 30.18  ? 101 ILE A O   1 
ATOM   882  C  CB  . ILE A 1 113 ? 2.892   12.287  8.513   1.00 25.44  ? 101 ILE A CB  1 
ATOM   883  C  CG1 . ILE A 1 113 ? 1.971   11.313  7.759   1.00 24.27  ? 101 ILE A CG1 1 
ATOM   884  C  CG2 . ILE A 1 113 ? 3.681   13.154  7.559   1.00 18.37  ? 101 ILE A CG2 1 
ATOM   885  C  CD1 . ILE A 1 113 ? 0.776   12.001  7.104   1.00 25.24  ? 101 ILE A CD1 1 
ATOM   886  N  N   . PRO A 1 114 ? 2.668   11.463  11.664  1.00 29.24  ? 102 PRO A N   1 
ATOM   887  C  CA  . PRO A 1 114 ? 1.930   10.784  12.760  1.00 30.22  ? 102 PRO A CA  1 
ATOM   888  C  C   . PRO A 1 114 ? 0.683   9.982   12.351  1.00 30.11  ? 102 PRO A C   1 
ATOM   889  O  O   . PRO A 1 114 ? 0.493   8.872   12.870  1.00 31.16  ? 102 PRO A O   1 
ATOM   890  C  CB  . PRO A 1 114 ? 1.528   11.939  13.678  1.00 27.45  ? 102 PRO A CB  1 
ATOM   891  C  CG  . PRO A 1 114 ? 2.618   12.893  13.470  1.00 29.94  ? 102 PRO A CG  1 
ATOM   892  C  CD  . PRO A 1 114 ? 2.885   12.884  11.966  1.00 28.17  ? 102 PRO A CD  1 
ATOM   893  N  N   . PHE A 1 115 ? -0.136  10.552  11.462  1.00 29.91  ? 103 PHE A N   1 
ATOM   894  C  CA  . PHE A 1 115 ? -1.338  9.912   10.903  1.00 29.10  ? 103 PHE A CA  1 
ATOM   895  C  C   . PHE A 1 115 ? -1.828  10.657  9.641   1.00 29.61  ? 103 PHE A C   1 
ATOM   896  O  O   . PHE A 1 115 ? -1.633  11.864  9.510   1.00 30.27  ? 103 PHE A O   1 
ATOM   897  C  CB  . PHE A 1 115 ? -2.469  9.812   11.951  1.00 27.65  ? 103 PHE A CB  1 
ATOM   898  C  CG  . PHE A 1 115 ? -2.804  11.122  12.633  1.00 24.27  ? 103 PHE A CG  1 
ATOM   899  C  CD1 . PHE A 1 115 ? -3.570  12.108  11.980  1.00 18.66  ? 103 PHE A CD1 1 
ATOM   900  C  CD2 . PHE A 1 115 ? -2.370  11.367  13.927  1.00 18.79  ? 103 PHE A CD2 1 
ATOM   901  C  CE1 . PHE A 1 115 ? -3.874  13.312  12.616  1.00 23.95  ? 103 PHE A CE1 1 
ATOM   902  C  CE2 . PHE A 1 115 ? -2.660  12.583  14.571  1.00 21.89  ? 103 PHE A CE2 1 
ATOM   903  C  CZ  . PHE A 1 115 ? -3.416  13.562  13.917  1.00 20.64  ? 103 PHE A CZ  1 
ATOM   904  N  N   . VAL A 1 116 ? -2.466  9.921   8.736   1.00 30.24  ? 104 VAL A N   1 
ATOM   905  C  CA  . VAL A 1 116 ? -3.000  10.461  7.497   1.00 31.88  ? 104 VAL A CA  1 
ATOM   906  C  C   . VAL A 1 116 ? -4.063  11.490  7.822   1.00 34.33  ? 104 VAL A C   1 
ATOM   907  O  O   . VAL A 1 116 ? -4.803  11.332  8.784   1.00 35.65  ? 104 VAL A O   1 
ATOM   908  C  CB  . VAL A 1 116 ? -3.630  9.355   6.642   1.00 32.34  ? 104 VAL A CB  1 
ATOM   909  C  CG1 . VAL A 1 116 ? -4.294  9.938   5.385   1.00 33.90  ? 104 VAL A CG1 1 
ATOM   910  C  CG2 . VAL A 1 116 ? -2.589  8.272   6.286   1.00 29.65  ? 104 VAL A CG2 1 
ATOM   911  N  N   . LEU A 1 117 ? -4.135  12.551  7.026   1.00 36.00  ? 105 LEU A N   1 
ATOM   912  C  CA  . LEU A 1 117 ? -5.030  13.661  7.340   1.00 36.36  ? 105 LEU A CA  1 
ATOM   913  C  C   . LEU A 1 117 ? -6.261  13.742  6.437   1.00 37.00  ? 105 LEU A C   1 
ATOM   914  O  O   . LEU A 1 117 ? -6.251  13.279  5.295   1.00 34.79  ? 105 LEU A O   1 
ATOM   915  C  CB  . LEU A 1 117 ? -4.272  14.990  7.328   1.00 36.06  ? 105 LEU A CB  1 
ATOM   916  C  CG  . LEU A 1 117 ? -2.925  15.106  8.039   1.00 35.89  ? 105 LEU A CG  1 
ATOM   917  C  CD1 . LEU A 1 117 ? -2.273  16.419  7.680   1.00 33.09  ? 105 LEU A CD1 1 
ATOM   918  C  CD2 . LEU A 1 117 ? -3.106  15.017  9.543   1.00 41.01  ? 105 LEU A CD2 1 
ATOM   919  N  N   . GLY A 1 118 ? -7.320  14.332  6.981   1.00 40.39  ? 106 GLY A N   1 
ATOM   920  C  CA  . GLY A 1 118 ? -8.552  14.588  6.249   1.00 46.02  ? 106 GLY A CA  1 
ATOM   921  C  C   . GLY A 1 118 ? -8.430  15.571  5.089   1.00 48.50  ? 106 GLY A C   1 
ATOM   922  O  O   . GLY A 1 118 ? -7.340  16.085  4.777   1.00 48.32  ? 106 GLY A O   1 
ATOM   923  N  N   . LYS A 1 119 ? -9.561  15.824  4.434   1.00 50.31  ? 107 LYS A N   1 
ATOM   924  C  CA  . LYS A 1 119 ? -9.583  16.726  3.292   1.00 51.84  ? 107 LYS A CA  1 
ATOM   925  C  C   . LYS A 1 119 ? -8.921  18.071  3.688   1.00 52.68  ? 107 LYS A C   1 
ATOM   926  O  O   . LYS A 1 119 ? -8.057  18.580  2.949   1.00 51.92  ? 107 LYS A O   1 
ATOM   927  C  CB  . LYS A 1 119 ? -11.013 16.888  2.742   1.00 50.85  ? 107 LYS A CB  1 
ATOM   928  N  N   . ASP A 1 120 ? -9.278  18.597  4.873   1.00 52.17  ? 108 ASP A N   1 
ATOM   929  C  CA  . ASP A 1 120 ? -8.728  19.877  5.386   1.00 51.09  ? 108 ASP A CA  1 
ATOM   930  C  C   . ASP A 1 120 ? -7.194  19.956  5.602   1.00 49.22  ? 108 ASP A C   1 
ATOM   931  O  O   . ASP A 1 120 ? -6.573  20.978  5.286   1.00 48.58  ? 108 ASP A O   1 
ATOM   932  C  CB  . ASP A 1 120 ? -9.511  20.439  6.612   1.00 50.91  ? 108 ASP A CB  1 
ATOM   933  C  CG  . ASP A 1 120 ? -9.740  19.418  7.739   1.00 56.29  ? 108 ASP A CG  1 
ATOM   934  O  OD1 . ASP A 1 120 ? -9.121  18.321  7.753   1.00 62.39  ? 108 ASP A OD1 1 
ATOM   935  O  OD2 . ASP A 1 120 ? -10.537 19.659  8.678   1.00 51.82  ? 108 ASP A OD2 1 
ATOM   936  N  N   . GLY A 1 121 ? -6.591  18.878  6.106   1.00 46.41  ? 109 GLY A N   1 
ATOM   937  C  CA  . GLY A 1 121 ? -5.183  18.894  6.454   1.00 41.28  ? 109 GLY A CA  1 
ATOM   938  C  C   . GLY A 1 121 ? -5.021  19.341  7.896   1.00 38.65  ? 109 GLY A C   1 
ATOM   939  O  O   . GLY A 1 121 ? -3.905  19.472  8.385   1.00 37.37  ? 109 GLY A O   1 
ATOM   940  N  N   . LYS A 1 122 ? -6.140  19.564  8.580   1.00 36.46  ? 110 LYS A N   1 
ATOM   941  C  CA  . LYS A 1 122 ? -6.130  19.959  9.981   1.00 34.53  ? 110 LYS A CA  1 
ATOM   942  C  C   . LYS A 1 122 ? -6.594  18.844  10.972  1.00 34.34  ? 110 LYS A C   1 
ATOM   943  O  O   . LYS A 1 122 ? -6.708  19.084  12.171  1.00 34.49  ? 110 LYS A O   1 
ATOM   944  C  CB  . LYS A 1 122 ? -6.917  21.274  10.150  1.00 34.37  ? 110 LYS A CB  1 
ATOM   945  N  N   . SER A 1 123 ? -6.834  17.624  10.493  1.00 34.30  ? 111 SER A N   1 
ATOM   946  C  CA  . SER A 1 123 ? -7.357  16.553  11.354  1.00 36.10  ? 111 SER A CA  1 
ATOM   947  C  C   . SER A 1 123 ? -7.255  15.199  10.678  1.00 36.82  ? 111 SER A C   1 
ATOM   948  O  O   . SER A 1 123 ? -6.940  15.132  9.494   1.00 38.82  ? 111 SER A O   1 
ATOM   949  C  CB  . SER A 1 123 ? -8.826  16.807  11.704  1.00 37.02  ? 111 SER A CB  1 
ATOM   950  O  OG  . SER A 1 123 ? -9.619  16.703  10.539  1.00 35.56  ? 111 SER A OG  1 
HETATM 951  N  N   . MSE A 1 124 ? -7.549  14.126  11.417  1.00 35.42  ? 112 MSE A N   1 
HETATM 952  C  CA  . MSE A 1 124 ? -7.297  12.767  10.930  1.00 34.87  ? 112 MSE A CA  1 
HETATM 953  C  C   . MSE A 1 124 ? -8.305  12.295  9.862   1.00 35.61  ? 112 MSE A C   1 
HETATM 954  O  O   . MSE A 1 124 ? -9.495  12.563  9.977   1.00 37.59  ? 112 MSE A O   1 
HETATM 955  C  CB  . MSE A 1 124 ? -7.298  11.822  12.114  1.00 33.97  ? 112 MSE A CB  1 
HETATM 956  C  CG  . MSE A 1 124 ? -6.960  10.380  11.784  1.00 39.94  ? 112 MSE A CG  1 
HETATM 957  SE SE  . MSE A 1 124 ? -6.744  9.182   13.364  1.00 61.63  ? 112 MSE A SE  1 
HETATM 958  C  CE  . MSE A 1 124 ? -5.694  10.336  14.516  1.00 38.65  ? 112 MSE A CE  1 
ATOM   959  N  N   . CYS A 1 125 ? -7.830  11.607  8.821   1.00 35.12  ? 113 CYS A N   1 
ATOM   960  C  CA  . CYS A 1 125 ? -8.707  11.015  7.791   1.00 35.04  ? 113 CYS A CA  1 
ATOM   961  C  C   . CYS A 1 125 ? -9.706  10.109  8.480   1.00 37.94  ? 113 CYS A C   1 
ATOM   962  O  O   . CYS A 1 125 ? -9.288  9.294   9.301   1.00 40.37  ? 113 CYS A O   1 
ATOM   963  C  CB  . CYS A 1 125 ? -7.873  10.215  6.788   1.00 33.79  ? 113 CYS A CB  1 
ATOM   964  S  SG  . CYS A 1 125 ? -8.734  9.119   5.639   1.00 30.82  ? 113 CYS A SG  1 
ATOM   965  N  N   . PRO A 1 126 ? -11.009 10.244  8.195   1.00 40.49  ? 114 PRO A N   1 
ATOM   966  C  CA  . PRO A 1 126 ? -12.036 9.366   8.803   1.00 40.50  ? 114 PRO A CA  1 
ATOM   967  C  C   . PRO A 1 126 ? -11.756 7.845   8.667   1.00 39.38  ? 114 PRO A C   1 
ATOM   968  O  O   . PRO A 1 126 ? -12.101 7.108   9.603   1.00 39.30  ? 114 PRO A O   1 
ATOM   969  C  CB  . PRO A 1 126 ? -13.338 9.762   8.078   1.00 39.88  ? 114 PRO A CB  1 
ATOM   970  C  CG  . PRO A 1 126 ? -12.899 10.527  6.876   1.00 42.14  ? 114 PRO A CG  1 
ATOM   971  C  CD  . PRO A 1 126 ? -11.616 11.233  7.287   1.00 41.91  ? 114 PRO A CD  1 
ATOM   972  N  N   . PHE A 1 127 ? -11.140 7.398   7.564   1.00 36.83  ? 115 PHE A N   1 
ATOM   973  C  CA  . PHE A 1 127 ? -10.734 5.995   7.429   1.00 36.92  ? 115 PHE A CA  1 
ATOM   974  C  C   . PHE A 1 127 ? -9.575  5.622   8.352   1.00 37.66  ? 115 PHE A C   1 
ATOM   975  O  O   . PHE A 1 127 ? -9.547  4.530   8.907   1.00 39.59  ? 115 PHE A O   1 
ATOM   976  C  CB  . PHE A 1 127 ? -10.383 5.635   5.991   1.00 36.44  ? 115 PHE A CB  1 
ATOM   977  C  CG  . PHE A 1 127 ? -11.578 5.358   5.140   1.00 42.91  ? 115 PHE A CG  1 
ATOM   978  C  CD1 . PHE A 1 127 ? -12.293 4.176   5.285   1.00 42.51  ? 115 PHE A CD1 1 
ATOM   979  C  CD2 . PHE A 1 127 ? -12.014 6.300   4.201   1.00 54.23  ? 115 PHE A CD2 1 
ATOM   980  C  CE1 . PHE A 1 127 ? -13.414 3.925   4.495   1.00 47.49  ? 115 PHE A CE1 1 
ATOM   981  C  CE2 . PHE A 1 127 ? -13.139 6.064   3.410   1.00 51.59  ? 115 PHE A CE2 1 
ATOM   982  C  CZ  . PHE A 1 127 ? -13.836 4.874   3.555   1.00 51.71  ? 115 PHE A CZ  1 
ATOM   983  N  N   . GLU A 1 128 ? -8.617  6.523   8.526   1.00 37.30  ? 116 GLU A N   1 
ATOM   984  C  CA  . GLU A 1 128 ? -7.514  6.270   9.440   1.00 35.86  ? 116 GLU A CA  1 
ATOM   985  C  C   . GLU A 1 128 ? -8.026  6.186   10.897  1.00 34.38  ? 116 GLU A C   1 
ATOM   986  O  O   . GLU A 1 128 ? -7.580  5.302   11.655  1.00 32.86  ? 116 GLU A O   1 
ATOM   987  C  CB  . GLU A 1 128 ? -6.393  7.309   9.229   1.00 35.23  ? 116 GLU A CB  1 
ATOM   988  C  CG  . GLU A 1 128 ? -5.137  7.157   10.100  1.00 42.48  ? 116 GLU A CG  1 
ATOM   989  C  CD  . GLU A 1 128 ? -3.986  6.385   9.443   1.00 48.19  ? 116 GLU A CD  1 
ATOM   990  O  OE1 . GLU A 1 128 ? -4.229  5.249   8.977   1.00 53.46  ? 116 GLU A OE1 1 
ATOM   991  O  OE2 . GLU A 1 128 ? -2.830  6.898   9.419   1.00 39.03  ? 116 GLU A OE2 1 
ATOM   992  N  N   . LYS A 1 129 ? -8.952  7.080   11.275  1.00 32.80  ? 117 LYS A N   1 
ATOM   993  C  CA  . LYS A 1 129 ? -9.515  7.069   12.626  1.00 34.03  ? 117 LYS A CA  1 
ATOM   994  C  C   . LYS A 1 129 ? -10.280 5.778   12.839  1.00 36.90  ? 117 LYS A C   1 
ATOM   995  O  O   . LYS A 1 129 ? -10.144 5.138   13.894  1.00 40.78  ? 117 LYS A O   1 
ATOM   996  C  CB  . LYS A 1 129 ? -10.428 8.267   12.913  1.00 34.01  ? 117 LYS A CB  1 
ATOM   997  C  CG  . LYS A 1 129 ? -10.941 8.339   14.381  1.00 34.57  ? 117 LYS A CG  1 
ATOM   998  C  CD  . LYS A 1 129 ? -11.713 9.643   14.678  1.00 53.25  ? 117 LYS A CD  1 
ATOM   999  C  CE  . LYS A 1 129 ? -12.929 9.418   15.599  1.00 54.07  ? 117 LYS A CE  1 
ATOM   1000 N  NZ  . LYS A 1 129 ? -14.028 10.377  15.297  1.00 52.62  ? 117 LYS A NZ  1 
ATOM   1001 N  N   . LEU A 1 130 ? -11.073 5.387   11.841  1.00 34.96  ? 118 LEU A N   1 
ATOM   1002 C  CA  . LEU A 1 130 ? -11.815 4.136   11.897  1.00 33.38  ? 118 LEU A CA  1 
ATOM   1003 C  C   . LEU A 1 130 ? -10.918 2.941   12.277  1.00 34.22  ? 118 LEU A C   1 
ATOM   1004 O  O   . LEU A 1 130 ? -11.229 2.192   13.208  1.00 36.72  ? 118 LEU A O   1 
ATOM   1005 C  CB  . LEU A 1 130 ? -12.514 3.894   10.558  1.00 32.13  ? 118 LEU A CB  1 
ATOM   1006 C  CG  . LEU A 1 130 ? -13.355 2.625   10.416  1.00 34.84  ? 118 LEU A CG  1 
ATOM   1007 C  CD1 . LEU A 1 130 ? -14.419 2.493   11.548  1.00 31.95  ? 118 LEU A CD1 1 
ATOM   1008 C  CD2 . LEU A 1 130 ? -13.987 2.555   9.019   1.00 20.52  ? 118 LEU A CD2 1 
ATOM   1009 N  N   . VAL A 1 131 ? -9.794  2.783   11.582  1.00 32.03  ? 119 VAL A N   1 
ATOM   1010 C  CA  . VAL A 1 131 ? -8.977  1.584   11.739  1.00 29.97  ? 119 VAL A CA  1 
ATOM   1011 C  C   . VAL A 1 131 ? -7.830  1.759   12.723  1.00 33.61  ? 119 VAL A C   1 
ATOM   1012 O  O   . VAL A 1 131 ? -7.059  0.806   12.946  1.00 34.06  ? 119 VAL A O   1 
ATOM   1013 C  CB  . VAL A 1 131 ? -8.435  1.076   10.377  1.00 28.52  ? 119 VAL A CB  1 
ATOM   1014 C  CG1 . VAL A 1 131 ? -9.580  0.835   9.408   1.00 20.54  ? 119 VAL A CG1 1 
ATOM   1015 C  CG2 . VAL A 1 131 ? -7.417  2.057   9.786   1.00 19.88  ? 119 VAL A CG2 1 
ATOM   1016 N  N   . LEU A 1 132 ? -7.713  2.961   13.307  1.00 35.76  ? 120 LEU A N   1 
ATOM   1017 C  CA  . LEU A 1 132 ? -6.545  3.323   14.136  1.00 36.32  ? 120 LEU A CA  1 
ATOM   1018 C  C   . LEU A 1 132 ? -6.302  2.381   15.315  1.00 35.56  ? 120 LEU A C   1 
ATOM   1019 O  O   . LEU A 1 132 ? -5.182  1.935   15.496  1.00 35.17  ? 120 LEU A O   1 
ATOM   1020 C  CB  . LEU A 1 132 ? -6.605  4.780   14.622  1.00 36.66  ? 120 LEU A CB  1 
ATOM   1021 C  CG  . LEU A 1 132 ? -5.473  5.309   15.532  1.00 35.03  ? 120 LEU A CG  1 
ATOM   1022 C  CD1 . LEU A 1 132 ? -4.246  5.788   14.752  1.00 33.78  ? 120 LEU A CD1 1 
ATOM   1023 C  CD2 . LEU A 1 132 ? -5.976  6.428   16.444  1.00 33.19  ? 120 LEU A CD2 1 
ATOM   1024 N  N   . GLU A 1 133 ? -7.328  2.084   16.113  1.00 36.06  ? 121 GLU A N   1 
ATOM   1025 C  CA  . GLU A 1 133 ? -7.104  1.182   17.241  1.00 39.40  ? 121 GLU A CA  1 
ATOM   1026 C  C   . GLU A 1 133 ? -7.456  -0.336  16.928  1.00 38.76  ? 121 GLU A C   1 
ATOM   1027 O  O   . GLU A 1 133 ? -7.647  -1.158  17.822  1.00 40.43  ? 121 GLU A O   1 
ATOM   1028 C  CB  . GLU A 1 133 ? -7.573  1.781   18.622  1.00 39.92  ? 121 GLU A CB  1 
ATOM   1029 C  CG  . GLU A 1 133 ? -6.899  3.123   19.083  1.00 48.34  ? 121 GLU A CG  1 
ATOM   1030 C  CD  . GLU A 1 133 ? -5.511  3.066   19.829  1.00 66.03  ? 121 GLU A CD  1 
ATOM   1031 O  OE1 . GLU A 1 133 ? -5.176  2.083   20.536  1.00 69.02  ? 121 GLU A OE1 1 
ATOM   1032 O  OE2 . GLU A 1 133 ? -4.722  4.058   19.754  1.00 67.12  ? 121 GLU A OE2 1 
HETATM 1033 N  N   . MSE A 1 134 ? -7.487  -0.692  15.644  1.00 35.00  ? 122 MSE A N   1 
HETATM 1034 C  CA  . MSE A 1 134 ? -7.678  -2.063  15.211  1.00 32.34  ? 122 MSE A CA  1 
HETATM 1035 C  C   . MSE A 1 134 ? -6.346  -2.734  14.888  1.00 33.20  ? 122 MSE A C   1 
HETATM 1036 O  O   . MSE A 1 134 ? -5.466  -2.105  14.309  1.00 31.86  ? 122 MSE A O   1 
HETATM 1037 C  CB  . MSE A 1 134 ? -8.524  -2.079  13.971  1.00 30.77  ? 122 MSE A CB  1 
HETATM 1038 C  CG  . MSE A 1 134 ? -9.983  -1.871  14.228  1.00 42.04  ? 122 MSE A CG  1 
HETATM 1039 SE SE  . MSE A 1 134 ? -11.067 -1.856  12.571  1.00 61.74  ? 122 MSE A SE  1 
HETATM 1040 C  CE  . MSE A 1 134 ? -10.897 -3.783  12.121  1.00 53.63  ? 122 MSE A CE  1 
ATOM   1041 N  N   . ASP A 1 135 ? -6.205  -4.021  15.214  1.00 34.17  ? 123 ASP A N   1 
ATOM   1042 C  CA  . ASP A 1 135 ? -4.893  -4.676  15.082  1.00 33.17  ? 123 ASP A CA  1 
ATOM   1043 C  C   . ASP A 1 135 ? -4.708  -5.509  13.857  1.00 32.45  ? 123 ASP A C   1 
ATOM   1044 O  O   . ASP A 1 135 ? -3.580  -5.577  13.364  1.00 39.50  ? 123 ASP A O   1 
ATOM   1045 C  CB  . ASP A 1 135 ? -4.504  -5.528  16.316  1.00 33.02  ? 123 ASP A CB  1 
ATOM   1046 C  CG  . ASP A 1 135 ? -3.941  -4.689  17.472  1.00 37.61  ? 123 ASP A CG  1 
ATOM   1047 O  OD1 . ASP A 1 135 ? -3.686  -3.468  17.280  1.00 47.11  ? 123 ASP A OD1 1 
ATOM   1048 O  OD2 . ASP A 1 135 ? -3.730  -5.167  18.617  1.00 44.45  ? 123 ASP A OD2 1 
ATOM   1049 N  N   . ASP A 1 136 ? -5.767  -6.166  13.385  1.00 29.13  ? 124 ASP A N   1 
ATOM   1050 C  CA  . ASP A 1 136 ? -5.635  -7.198  12.355  1.00 28.10  ? 124 ASP A CA  1 
ATOM   1051 C  C   . ASP A 1 136 ? -5.914  -6.713  10.938  1.00 30.81  ? 124 ASP A C   1 
ATOM   1052 O  O   . ASP A 1 136 ? -7.012  -6.232  10.638  1.00 31.60  ? 124 ASP A O   1 
ATOM   1053 C  CB  . ASP A 1 136 ? -6.538  -8.361  12.646  1.00 26.36  ? 124 ASP A CB  1 
ATOM   1054 C  CG  . ASP A 1 136 ? -6.366  -9.477  11.661  1.00 31.51  ? 124 ASP A CG  1 
ATOM   1055 O  OD1 . ASP A 1 136 ? -5.337  -10.215 11.667  1.00 32.81  ? 124 ASP A OD1 1 
ATOM   1056 O  OD2 . ASP A 1 136 ? -7.237  -9.691  10.819  1.00 43.95  ? 124 ASP A OD2 1 
ATOM   1057 N  N   . PRO A 1 137 ? -4.931  -6.856  10.046  1.00 31.63  ? 125 PRO A N   1 
ATOM   1058 C  CA  . PRO A 1 137 ? -5.098  -6.385  8.658   1.00 31.56  ? 125 PRO A CA  1 
ATOM   1059 C  C   . PRO A 1 137 ? -6.353  -6.998  7.986   1.00 33.58  ? 125 PRO A C   1 
ATOM   1060 O  O   . PRO A 1 137 ? -7.062  -6.260  7.318   1.00 33.97  ? 125 PRO A O   1 
ATOM   1061 C  CB  . PRO A 1 137 ? -3.808  -6.839  7.963   1.00 30.03  ? 125 PRO A CB  1 
ATOM   1062 C  CG  . PRO A 1 137 ? -2.863  -7.109  9.034   1.00 26.62  ? 125 PRO A CG  1 
ATOM   1063 C  CD  . PRO A 1 137 ? -3.617  -7.481  10.278  1.00 29.02  ? 125 PRO A CD  1 
ATOM   1064 N  N   . GLU A 1 138 ? -6.627  -8.296  8.180   1.00 33.18  ? 126 GLU A N   1 
ATOM   1065 C  CA  . GLU A 1 138 ? -7.818  -8.903  7.599   1.00 32.09  ? 126 GLU A CA  1 
ATOM   1066 C  C   . GLU A 1 138 ? -9.101  -8.273  8.160   1.00 29.71  ? 126 GLU A C   1 
ATOM   1067 O  O   . GLU A 1 138 ? -9.997  -7.983  7.399   1.00 30.55  ? 126 GLU A O   1 
ATOM   1068 C  CB  . GLU A 1 138 ? -7.799  -10.459 7.706   1.00 35.00  ? 126 GLU A CB  1 
ATOM   1069 C  CG  . GLU A 1 138 ? -8.284  -11.213 6.449   1.00 36.55  ? 126 GLU A CG  1 
ATOM   1070 N  N   . GLU A 1 139 ? -9.188  -8.030  9.468   1.00 29.00  ? 127 GLU A N   1 
ATOM   1071 C  CA  . GLU A 1 139 ? -10.360 -7.360  10.040  1.00 29.66  ? 127 GLU A CA  1 
ATOM   1072 C  C   . GLU A 1 139 ? -10.487 -5.952  9.435   1.00 30.64  ? 127 GLU A C   1 
ATOM   1073 O  O   . GLU A 1 139 ? -11.586 -5.505  9.125   1.00 33.65  ? 127 GLU A O   1 
ATOM   1074 C  CB  . GLU A 1 139 ? -10.323 -7.314  11.589  1.00 31.09  ? 127 GLU A CB  1 
ATOM   1075 C  CG  . GLU A 1 139 ? -11.136 -8.392  12.321  1.00 35.51  ? 127 GLU A CG  1 
ATOM   1076 N  N   . ILE A 1 140 ? -9.364  -5.271  9.240   1.00 29.09  ? 128 ILE A N   1 
ATOM   1077 C  CA  . ILE A 1 140 ? -9.356  -3.933  8.660   1.00 26.65  ? 128 ILE A CA  1 
ATOM   1078 C  C   . ILE A 1 140 ? -9.886  -3.864  7.218   1.00 27.76  ? 128 ILE A C   1 
ATOM   1079 O  O   . ILE A 1 140 ? -10.783 -3.075  6.929   1.00 29.19  ? 128 ILE A O   1 
ATOM   1080 C  CB  . ILE A 1 140 ? -7.946  -3.316  8.806   1.00 27.85  ? 128 ILE A CB  1 
ATOM   1081 C  CG1 . ILE A 1 140 ? -7.648  -3.052  10.302  1.00 27.45  ? 128 ILE A CG1 1 
ATOM   1082 C  CG2 . ILE A 1 140 ? -7.811  -2.050  7.984   1.00 18.64  ? 128 ILE A CG2 1 
ATOM   1083 C  CD1 . ILE A 1 140 ? -6.298  -2.505  10.607  1.00 18.17  ? 128 ILE A CD1 1 
ATOM   1084 N  N   . ILE A 1 141 ? -9.326  -4.677  6.326   1.00 27.65  ? 129 ILE A N   1 
ATOM   1085 C  CA  . ILE A 1 141 ? -9.835  -4.898  4.973   1.00 26.85  ? 129 ILE A CA  1 
ATOM   1086 C  C   . ILE A 1 141 ? -11.377 -5.147  4.985   1.00 30.61  ? 129 ILE A C   1 
ATOM   1087 O  O   . ILE A 1 141 ? -12.139 -4.506  4.265   1.00 33.21  ? 129 ILE A O   1 
ATOM   1088 C  CB  . ILE A 1 141 ? -9.073  -6.120  4.334   1.00 24.74  ? 129 ILE A CB  1 
ATOM   1089 C  CG1 . ILE A 1 141 ? -7.648  -5.741  3.933   1.00 26.55  ? 129 ILE A CG1 1 
ATOM   1090 C  CG2 . ILE A 1 141 ? -9.780  -6.657  3.099   1.00 22.00  ? 129 ILE A CG2 1 
ATOM   1091 C  CD1 . ILE A 1 141 ? -6.653  -6.894  3.903   1.00 15.93  ? 129 ILE A CD1 1 
ATOM   1092 N  N   . ARG A 1 142 ? -11.834 -6.084  5.799   1.00 31.11  ? 130 ARG A N   1 
ATOM   1093 C  CA  . ARG A 1 142 ? -13.255 -6.359  5.891   1.00 32.17  ? 130 ARG A CA  1 
ATOM   1094 C  C   . ARG A 1 142 ? -14.048 -5.062  6.239   1.00 31.65  ? 130 ARG A C   1 
ATOM   1095 O  O   . ARG A 1 142 ? -14.970 -4.699  5.520   1.00 34.02  ? 130 ARG A O   1 
ATOM   1096 C  CB  . ARG A 1 142 ? -13.515 -7.561  6.835   1.00 30.84  ? 130 ARG A CB  1 
ATOM   1097 C  CG  . ARG A 1 142 ? -14.926 -7.610  7.532   1.00 51.84  ? 130 ARG A CG  1 
ATOM   1098 C  CD  . ARG A 1 142 ? -15.343 -8.995  8.138   1.00 65.31  ? 130 ARG A CD  1 
ATOM   1099 N  NE  . ARG A 1 142 ? -14.692 -10.098 7.424   1.00 75.42  ? 130 ARG A NE  1 
ATOM   1100 C  CZ  . ARG A 1 142 ? -13.539 -10.670 7.776   1.00 79.66  ? 130 ARG A CZ  1 
ATOM   1101 N  NH1 . ARG A 1 142 ? -12.893 -10.275 8.870   1.00 83.43  ? 130 ARG A NH1 1 
ATOM   1102 N  NH2 . ARG A 1 142 ? -13.034 -11.654 7.035   1.00 77.58  ? 130 ARG A NH2 1 
ATOM   1103 N  N   . ILE A 1 143 ? -13.684 -4.344  7.297   1.00 31.25  ? 131 ILE A N   1 
ATOM   1104 C  CA  . ILE A 1 143 ? -14.452 -3.158  7.664   1.00 30.55  ? 131 ILE A CA  1 
ATOM   1105 C  C   . ILE A 1 143 ? -14.364 -2.063  6.602   1.00 31.95  ? 131 ILE A C   1 
ATOM   1106 O  O   . ILE A 1 143 ? -15.366 -1.395  6.334   1.00 33.79  ? 131 ILE A O   1 
ATOM   1107 C  CB  . ILE A 1 143 ? -14.106 -2.611  9.090   1.00 30.89  ? 131 ILE A CB  1 
ATOM   1108 C  CG1 . ILE A 1 143 ? -15.314 -1.865  9.676   1.00 31.75  ? 131 ILE A CG1 1 
ATOM   1109 C  CG2 . ILE A 1 143 ? -12.910 -1.676  9.050   1.00 24.43  ? 131 ILE A CG2 1 
ATOM   1110 C  CD1 . ILE A 1 143 ? -15.187 -1.439  11.158  1.00 35.06  ? 131 ILE A CD1 1 
ATOM   1111 N  N   . VAL A 1 144 ? -13.200 -1.877  5.982   1.00 30.79  ? 132 VAL A N   1 
ATOM   1112 C  CA  . VAL A 1 144 ? -13.103 -0.841  4.952   1.00 31.18  ? 132 VAL A CA  1 
ATOM   1113 C  C   . VAL A 1 144 ? -14.008 -1.172  3.764   1.00 33.35  ? 132 VAL A C   1 
ATOM   1114 O  O   . VAL A 1 144 ? -14.702 -0.292  3.240   1.00 33.93  ? 132 VAL A O   1 
ATOM   1115 C  CB  . VAL A 1 144 ? -11.667 -0.576  4.484   1.00 30.41  ? 132 VAL A CB  1 
ATOM   1116 C  CG1 . VAL A 1 144 ? -11.653 0.310   3.237   1.00 22.88  ? 132 VAL A CG1 1 
ATOM   1117 C  CG2 . VAL A 1 144 ? -10.880 0.082   5.599   1.00 30.74  ? 132 VAL A CG2 1 
ATOM   1118 N  N   . LEU A 1 145 ? -14.031 -2.438  3.362   1.00 33.10  ? 133 LEU A N   1 
ATOM   1119 C  CA  . LEU A 1 145 ? -14.875 -2.847  2.246   1.00 33.52  ? 133 LEU A CA  1 
ATOM   1120 C  C   . LEU A 1 145 ? -16.353 -2.600  2.512   1.00 34.87  ? 133 LEU A C   1 
ATOM   1121 O  O   . LEU A 1 145 ? -17.122 -2.323  1.586   1.00 36.24  ? 133 LEU A O   1 
ATOM   1122 C  CB  . LEU A 1 145 ? -14.626 -4.304  1.877   1.00 31.65  ? 133 LEU A CB  1 
ATOM   1123 C  CG  . LEU A 1 145 ? -13.268 -4.556  1.228   1.00 28.80  ? 133 LEU A CG  1 
ATOM   1124 C  CD1 . LEU A 1 145 ? -13.053 -6.036  1.008   1.00 19.34  ? 133 LEU A CD1 1 
ATOM   1125 C  CD2 . LEU A 1 145 ? -13.136 -3.789  -0.075  1.00 24.58  ? 133 LEU A CD2 1 
ATOM   1126 N  N   . SER A 1 146 ? -16.745 -2.668  3.777   1.00 35.27  ? 134 SER A N   1 
ATOM   1127 C  CA  . SER A 1 146 ? -18.134 -2.461  4.125   1.00 38.25  ? 134 SER A CA  1 
ATOM   1128 C  C   . SER A 1 146 ? -18.490 -0.965  4.136   1.00 41.21  ? 134 SER A C   1 
ATOM   1129 O  O   . SER A 1 146 ? -19.541 -0.570  4.645   1.00 43.61  ? 134 SER A O   1 
ATOM   1130 C  CB  . SER A 1 146 ? -18.463 -3.146  5.454   1.00 38.28  ? 134 SER A CB  1 
ATOM   1131 O  OG  . SER A 1 146 ? -18.103 -2.319  6.546   1.00 38.01  ? 134 SER A OG  1 
ATOM   1132 N  N   . LYS A 1 147 ? -17.608 -0.132  3.582   1.00 42.22  ? 135 LYS A N   1 
ATOM   1133 C  CA  . LYS A 1 147 ? -17.932 1.268   3.317   1.00 41.19  ? 135 LYS A CA  1 
ATOM   1134 C  C   . LYS A 1 147 ? -18.013 1.475   1.805   1.00 43.83  ? 135 LYS A C   1 
ATOM   1135 O  O   . LYS A 1 147 ? -18.696 2.373   1.342   1.00 45.83  ? 135 LYS A O   1 
ATOM   1136 C  CB  . LYS A 1 147 ? -16.927 2.242   3.963   1.00 40.47  ? 135 LYS A CB  1 
ATOM   1137 C  CG  . LYS A 1 147 ? -16.639 2.064   5.475   1.00 34.36  ? 135 LYS A CG  1 
ATOM   1138 C  CD  . LYS A 1 147 ? -17.888 1.842   6.326   1.00 39.50  ? 135 LYS A CD  1 
ATOM   1139 C  CE  . LYS A 1 147 ? -18.015 2.857   7.471   1.00 47.96  ? 135 LYS A CE  1 
ATOM   1140 N  NZ  . LYS A 1 147 ? -18.458 2.224   8.766   1.00 50.32  ? 135 LYS A NZ  1 
ATOM   1141 N  N   . PHE A 1 148 ? -17.330 0.632   1.036   1.00 47.23  ? 136 PHE A N   1 
ATOM   1142 C  CA  . PHE A 1 148 ? -17.459 0.616   -0.428  1.00 49.66  ? 136 PHE A CA  1 
ATOM   1143 C  C   . PHE A 1 148 ? -18.346 -0.552  -0.854  1.00 50.32  ? 136 PHE A C   1 
ATOM   1144 O  O   . PHE A 1 148 ? -19.491 -0.359  -1.259  1.00 52.68  ? 136 PHE A O   1 
ATOM   1145 C  CB  . PHE A 1 148 ? -16.092 0.484   -1.124  1.00 50.52  ? 136 PHE A CB  1 
ATOM   1146 C  CG  . PHE A 1 148 ? -15.139 1.640   -0.871  1.00 50.55  ? 136 PHE A CG  1 
ATOM   1147 C  CD1 . PHE A 1 148 ? -14.334 1.671   0.274   1.00 50.40  ? 136 PHE A CD1 1 
ATOM   1148 C  CD2 . PHE A 1 148 ? -15.014 2.675   -1.801  1.00 53.27  ? 136 PHE A CD2 1 
ATOM   1149 C  CE1 . PHE A 1 148 ? -13.437 2.733   0.505   1.00 46.67  ? 136 PHE A CE1 1 
ATOM   1150 C  CE2 . PHE A 1 148 ? -14.118 3.740   -1.584  1.00 54.44  ? 136 PHE A CE2 1 
ATOM   1151 C  CZ  . PHE A 1 148 ? -13.330 3.763   -0.421  1.00 48.55  ? 136 PHE A CZ  1 
HETATM 1152 ZN ZN  . ZN  B 2 .   ? -0.534  -6.169  14.989  0.50 51.81  ? 140 ZN  A ZN  1 
HETATM 1153 ZN ZN  . ZN  C 2 .   ? -4.480  -23.937 4.155   1.00 56.58  ? 141 ZN  A ZN  1 
HETATM 1154 ZN ZN  . ZN  D 2 .   ? 6.139   -15.944 -5.319  1.00 62.14  ? 142 ZN  A ZN  1 
HETATM 1155 ZN ZN  . ZN  E 2 .   ? 9.560   8.421   -3.515  1.00 72.21  ? 143 ZN  A ZN  1 
HETATM 1156 ZN ZN  . ZN  F 2 .   ? -4.584  -11.443 10.457  1.00 59.44  ? 144 ZN  A ZN  1 
HETATM 1157 ZN ZN  . ZN  G 2 .   ? 3.075   -19.231 3.381   0.50 105.87 ? 145 ZN  A ZN  1 
HETATM 1158 O  O1  . UNL H 3 .   ? -3.976  9.776   -0.773  1.00 34.68  ? 201 UNL A O1  1 
HETATM 1159 O  O2  . UNL H 3 .   ? -4.430  12.700  -0.112  1.00 28.18  ? 201 UNL A O2  1 
HETATM 1160 O  O3  . UNL H 3 .   ? -2.913  8.206   -2.311  1.00 48.46  ? 201 UNL A O3  1 
HETATM 1161 O  O4  . UNL H 3 .   ? -2.273  6.338   -1.529  1.00 38.74  ? 201 UNL A O4  1 
HETATM 1162 O  O5  . UNL H 3 .   ? -3.324  5.108   -3.307  1.00 52.90  ? 201 UNL A O5  1 
HETATM 1163 O  O6  . UNL H 3 .   ? -4.871  6.860   -3.016  1.00 44.41  ? 201 UNL A O6  1 
HETATM 1164 O  O7  . UNL H 3 .   ? -5.560  10.162  0.506   1.00 28.53  ? 201 UNL A O7  1 
HETATM 1165 O  O8  . UNL H 3 .   ? -7.321  12.864  -0.770  1.00 34.55  ? 201 UNL A O8  1 
HETATM 1166 O  O9  . UNL H 3 .   ? -5.729  13.218  -2.047  1.00 39.12  ? 201 UNL A O9  1 
HETATM 1167 O  O10 . UNL H 3 .   ? -4.445  12.194  -4.016  1.00 61.56  ? 201 UNL A O10 1 
HETATM 1168 O  O11 . UNL H 3 .   ? -5.749  10.774  -1.531  1.00 40.96  ? 201 UNL A O11 1 
HETATM 1169 O  O12 . UNL H 3 .   ? -2.681  12.040  0.230   1.00 61.66  ? 201 UNL A O12 1 
HETATM 1170 O  O13 . UNL H 3 .   ? -4.082  16.545  2.658   1.00 39.01  ? 201 UNL A O13 1 
HETATM 1171 O  O14 . UNL H 3 .   ? -3.602  13.623  2.229   1.00 46.35  ? 201 UNL A O14 1 
HETATM 1172 O  O15 . UNL H 3 .   ? -1.840  15.653  3.164   1.00 41.21  ? 201 UNL A O15 1 
HETATM 1173 O  O16 . UNL H 3 .   ? 1.833   15.346  1.737   1.00 54.53  ? 201 UNL A O16 1 
HETATM 1174 O  O17 . UNL H 3 .   ? 1.519   15.933  4.195   1.00 39.32  ? 201 UNL A O17 1 
HETATM 1175 O  O18 . UNL H 3 .   ? 3.815   15.724  3.217   1.00 47.79  ? 201 UNL A O18 1 
HETATM 1176 O  O19 . UNL H 3 .   ? -2.634  12.687  -1.849  1.00 57.66  ? 201 UNL A O19 1 
HETATM 1177 O  O20 . UNL H 3 .   ? 3.794   16.761  5.272   1.00 47.41  ? 201 UNL A O20 1 
HETATM 1178 O  O21 . UNL H 3 .   ? -0.130  15.554  2.265   1.00 46.02  ? 201 UNL A O21 1 
HETATM 1179 O  O22 . UNL H 3 .   ? -9.754  8.274   2.363   1.00 48.09  ? 201 UNL A O22 1 
HETATM 1180 O  O23 . UNL H 3 .   ? -9.727  10.682  3.909   1.00 48.26  ? 201 UNL A O23 1 
HETATM 1181 O  O24 . UNL H 3 .   ? -6.766  7.185   5.064   1.00 34.07  ? 201 UNL A O24 1 
HETATM 1182 O  O25 . UNL H 3 .   ? -6.955  8.555   2.502   1.00 57.78  ? 201 UNL A O25 1 
HETATM 1183 O  O26 . UNL H 3 .   ? -4.710  4.466   4.412   1.00 42.07  ? 201 UNL A O26 1 
HETATM 1184 O  O27 . UNL H 3 .   ? -5.668  4.673   7.144   1.00 48.96  ? 201 UNL A O27 1 
HETATM 1185 O  O28 . UNL H 3 .   ? 5.337   16.893  5.151   1.00 40.77  ? 201 UNL A O28 1 
HETATM 1186 O  O29 . UNL H 3 .   ? -8.136  9.127   3.733   1.00 25.17  ? 201 UNL A O29 1 
HETATM 1187 O  O   . HOH I 4 .   ? 3.866   -33.926 7.523   1.00 32.67  ? 202 HOH A O   1 
HETATM 1188 O  O   . HOH I 4 .   ? 7.643   8.942   -4.491  1.00 32.46  ? 203 HOH A O   1 
HETATM 1189 O  O   . HOH I 4 .   ? 13.484  -15.630 4.650   1.00 33.35  ? 204 HOH A O   1 
HETATM 1190 O  O   . HOH I 4 .   ? 11.989  8.780   -4.697  1.00 45.04  ? 205 HOH A O   1 
HETATM 1191 O  O   . HOH I 4 .   ? 3.016   -8.679  2.535   1.00 52.27  ? 206 HOH A O   1 
HETATM 1192 O  O   . HOH I 4 .   ? -6.202  -13.414 10.596  1.00 54.13  ? 207 HOH A O   1 
HETATM 1193 O  O   . HOH I 4 .   ? 4.731   17.724  7.153   1.00 50.93  ? 208 HOH A O   1 
HETATM 1194 O  O   . HOH I 4 .   ? 6.129   -10.605 -2.252  1.00 63.45  ? 209 HOH A O   1 
HETATM 1195 O  O   . HOH I 4 .   ? 5.253   18.254  3.698   1.00 52.21  ? 210 HOH A O   1 
# 
